data_2VNL
# 
_entry.id   2VNL 
# 
_audit_conform.dict_name       mmcif_pdbx.dic 
_audit_conform.dict_version    5.382 
_audit_conform.dict_location   http://mmcif.pdb.org/dictionaries/ascii/mmcif_pdbx.dic 
# 
loop_
_database_2.database_id 
_database_2.database_code 
_database_2.pdbx_database_accession 
_database_2.pdbx_DOI 
PDB   2VNL         pdb_00002vnl 10.2210/pdb2vnl/pdb 
PDBE  EBI-34811    ?            ?                   
WWPDB D_1290034811 ?            ?                   
# 
loop_
_pdbx_database_related.db_name 
_pdbx_database_related.db_id 
_pdbx_database_related.content_type 
_pdbx_database_related.details 
PDB 2VFO unspecified 'LOW TEMPERATURE STRUCTURE OF P22 TAILSPIKE PROTEIN FRAGMENT (109-666), MUTANT V125L'                    
PDB 2VKY unspecified 'HEADBINDING DOMAIN OF PHAGE P22 TAILSPIKE C -TERMINALLY FUSED TO ISOLEUCINE ZIPPER PIIGCN4 (CHIMERA I)' 
PDB 2VFN unspecified 'LOW TEMPERATURE STRUCTURE OF P22 TAILSPIKE PROTEIN FRAGMENT (109-666), MUTANT V125A'                    
PDB 2VFQ unspecified 'LOW TEMPERATURE STRUCTURE OF P22 TAILSPIKE PROTEIN FRAGMENT (109-666), MUTANT V450A'                    
PDB 1QRC unspecified 'TAILSPIKE PROTEIN, MUTANT W391A'                                                                        
PDB 1CLW unspecified 'TAILSPIKE PROTEIN FROM PHAGE P22, V331A MUTANT'                                                         
PDB 1QRB unspecified 'PLASTICITY AND STERIC STRAIN IN A PARALLEL BETA-HELIX:RATIONAL MUTATIONS IN P22 TAILSPIKE PROTEIN'      
PDB 1TSP unspecified .                                                                                                        
PDB 1QA2 unspecified 'TAILSPIKE PROTEIN, MUTANT A334V'                                                                        
PDB 2VFP unspecified 'LOW TEMPERATURE STRUCTURE OF P22 TAILSPIKE PROTEIN FRAGMENT (109-666), MUTANT V349L'                    
PDB 2VFM unspecified 'LOW TEMPERATURE STRUCTURE OF P22 TAILSPIKE PROTEIN FRAGMENT (109-666)'                                  
PDB 1LKT unspecified 'CRYSTAL STRUCTURE OF THE HEAD-BINDING DOMAIN OF PHAGE P22TAILSPIKE PROTEIN'                             
PDB 1QA3 unspecified 'TAILSPIKE PROTEIN, MUTANT A334I'                                                                        
PDB 1TYV unspecified 'STRUCTURE OF TAILSPIKE-PROTEIN'                                                                         
PDB 1QA1 unspecified 'TAILSPIKE PROTEIN, MUTANT V331G'                                                                        
PDB 1QQ1 unspecified 'TAILSPIKE PROTEIN, MUTANT E359G'                                                                        
PDB 2XC1 unspecified 'FULL-LENGTH TAILSPIKE PROTEIN MUTANT Y108W OF BACTERIOPHAGE P22'                                        
# 
_pdbx_database_status.status_code                     REL 
_pdbx_database_status.entry_id                        2VNL 
_pdbx_database_status.deposit_site                    PDBE 
_pdbx_database_status.process_site                    PDBE 
_pdbx_database_status.SG_entry                        . 
_pdbx_database_status.recvd_initial_deposition_date   2008-02-05 
_pdbx_database_status.pdb_format_compatible           Y 
_pdbx_database_status.status_code_sf                  REL 
_pdbx_database_status.status_code_mr                  ? 
_pdbx_database_status.status_code_cs                  ? 
_pdbx_database_status.methods_development_category    ? 
_pdbx_database_status.status_code_nmr_data            ? 
# 
loop_
_audit_author.name 
_audit_author.pdbx_ordinal 
'Mueller, J.J.' 1 
'Seul, A.'      2 
'Mueller, G.'   3 
'Seckler, R.'   4 
'Heinemann, U.' 5 
# 
_citation.id                        primary 
_citation.title                     
'Bacteriophage P22 Tailspike: Structure of the Complete Protein and Function of the Interdomain Linker' 
_citation.journal_abbrev            'Acta Crystallogr.,Sect.D' 
_citation.journal_volume            70 
_citation.page_first                1336 
_citation.page_last                 ? 
_citation.year                      2014 
_citation.journal_id_ASTM           ABCRE6 
_citation.country                   DK 
_citation.journal_id_ISSN           0907-4449 
_citation.journal_id_CSD            0766 
_citation.book_publisher            ? 
_citation.pdbx_database_id_PubMed   24816102 
_citation.pdbx_database_id_DOI      10.1107/S1399004714002685 
# 
loop_
_citation_author.citation_id 
_citation_author.name 
_citation_author.ordinal 
_citation_author.identifier_ORCID 
primary 'Seul, A.'      1 ? 
primary 'Mueller, J.J.' 2 ? 
primary 'Andres, D.'    3 ? 
primary 'Stettner, E.'  4 ? 
primary 'Heinemann, U.' 5 ? 
primary 'Seckler, R.'   6 ? 
# 
_cell.entry_id           2VNL 
_cell.length_a           58.012 
_cell.length_b           58.012 
_cell.length_c           156.110 
_cell.angle_alpha        90.00 
_cell.angle_beta         90.00 
_cell.angle_gamma        120.00 
_cell.Z_PDB              9 
_cell.pdbx_unique_axis   ? 
# 
_symmetry.entry_id                         2VNL 
_symmetry.space_group_name_H-M             'H 3' 
_symmetry.pdbx_full_space_group_name_H-M   ? 
_symmetry.cell_setting                     ? 
_symmetry.Int_Tables_number                146 
# 
loop_
_entity.id 
_entity.type 
_entity.src_method 
_entity.pdbx_description 
_entity.formula_weight 
_entity.pdbx_number_of_molecules 
_entity.pdbx_ec 
_entity.pdbx_mutation 
_entity.pdbx_fragment 
_entity.details 
1 polymer     man 'BIFUNCTIONAL TAIL PROTEIN, PIIGCN4' 16884.090 1   ? YES 'HEAD-BINDING DOMAIN, RESIDUES 2-122' 
'AMINO ACIDS 2-122 OF PHAGE P22 TAILSPIKE HAVE BEEN LINKED TO THE ISOLEUCINE ZIPPER PIIGCN4 (LACKING THE N-TERMINAL MET) 123-152' 
2 non-polymer syn GLYCEROL                             92.094    3   ? ?   ?                                     ? 
3 water       nat water                                18.015    131 ? ?   ?                                     ? 
# 
_entity_name_com.entity_id   1 
_entity_name_com.name        'LATE PROTEIN GP9, TAILSPIKE PROTEIN' 
# 
_entity_poly.entity_id                      1 
_entity_poly.type                           'polypeptide(L)' 
_entity_poly.nstd_linkage                   no 
_entity_poly.nstd_monomer                   no 
_entity_poly.pdbx_seq_one_letter_code       
;TDITANVVVSNPRPIFTESRSFKAVANGKIYIGQIDTDPVNPANQIPVYIENEDGSHVQITQPLIINAAGKIVYNGQLVK
IVTVQGHSMAIYDANGSQVDYIANVLKWDPDQYSIEADKKFKQIEDKIEEILSKIYHIENEIARIKKLIGE
;
_entity_poly.pdbx_seq_one_letter_code_can   
;TDITANVVVSNPRPIFTESRSFKAVANGKIYIGQIDTDPVNPANQIPVYIENEDGSHVQITQPLIINAAGKIVYNGQLVK
IVTVQGHSMAIYDANGSQVDYIANVLKWDPDQYSIEADKKFKQIEDKIEEILSKIYHIENEIARIKKLIGE
;
_entity_poly.pdbx_strand_id                 A 
_entity_poly.pdbx_target_identifier         ? 
# 
loop_
_entity_poly_seq.entity_id 
_entity_poly_seq.num 
_entity_poly_seq.mon_id 
_entity_poly_seq.hetero 
1 1   THR n 
1 2   ASP n 
1 3   ILE n 
1 4   THR n 
1 5   ALA n 
1 6   ASN n 
1 7   VAL n 
1 8   VAL n 
1 9   VAL n 
1 10  SER n 
1 11  ASN n 
1 12  PRO n 
1 13  ARG n 
1 14  PRO n 
1 15  ILE n 
1 16  PHE n 
1 17  THR n 
1 18  GLU n 
1 19  SER n 
1 20  ARG n 
1 21  SER n 
1 22  PHE n 
1 23  LYS n 
1 24  ALA n 
1 25  VAL n 
1 26  ALA n 
1 27  ASN n 
1 28  GLY n 
1 29  LYS n 
1 30  ILE n 
1 31  TYR n 
1 32  ILE n 
1 33  GLY n 
1 34  GLN n 
1 35  ILE n 
1 36  ASP n 
1 37  THR n 
1 38  ASP n 
1 39  PRO n 
1 40  VAL n 
1 41  ASN n 
1 42  PRO n 
1 43  ALA n 
1 44  ASN n 
1 45  GLN n 
1 46  ILE n 
1 47  PRO n 
1 48  VAL n 
1 49  TYR n 
1 50  ILE n 
1 51  GLU n 
1 52  ASN n 
1 53  GLU n 
1 54  ASP n 
1 55  GLY n 
1 56  SER n 
1 57  HIS n 
1 58  VAL n 
1 59  GLN n 
1 60  ILE n 
1 61  THR n 
1 62  GLN n 
1 63  PRO n 
1 64  LEU n 
1 65  ILE n 
1 66  ILE n 
1 67  ASN n 
1 68  ALA n 
1 69  ALA n 
1 70  GLY n 
1 71  LYS n 
1 72  ILE n 
1 73  VAL n 
1 74  TYR n 
1 75  ASN n 
1 76  GLY n 
1 77  GLN n 
1 78  LEU n 
1 79  VAL n 
1 80  LYS n 
1 81  ILE n 
1 82  VAL n 
1 83  THR n 
1 84  VAL n 
1 85  GLN n 
1 86  GLY n 
1 87  HIS n 
1 88  SER n 
1 89  MET n 
1 90  ALA n 
1 91  ILE n 
1 92  TYR n 
1 93  ASP n 
1 94  ALA n 
1 95  ASN n 
1 96  GLY n 
1 97  SER n 
1 98  GLN n 
1 99  VAL n 
1 100 ASP n 
1 101 TYR n 
1 102 ILE n 
1 103 ALA n 
1 104 ASN n 
1 105 VAL n 
1 106 LEU n 
1 107 LYS n 
1 108 TRP n 
1 109 ASP n 
1 110 PRO n 
1 111 ASP n 
1 112 GLN n 
1 113 TYR n 
1 114 SER n 
1 115 ILE n 
1 116 GLU n 
1 117 ALA n 
1 118 ASP n 
1 119 LYS n 
1 120 LYS n 
1 121 PHE n 
1 122 LYS n 
1 123 GLN n 
1 124 ILE n 
1 125 GLU n 
1 126 ASP n 
1 127 LYS n 
1 128 ILE n 
1 129 GLU n 
1 130 GLU n 
1 131 ILE n 
1 132 LEU n 
1 133 SER n 
1 134 LYS n 
1 135 ILE n 
1 136 TYR n 
1 137 HIS n 
1 138 ILE n 
1 139 GLU n 
1 140 ASN n 
1 141 GLU n 
1 142 ILE n 
1 143 ALA n 
1 144 ARG n 
1 145 ILE n 
1 146 LYS n 
1 147 LYS n 
1 148 LEU n 
1 149 ILE n 
1 150 GLY n 
1 151 GLU n 
# 
loop_
_entity_src_gen.entity_id 
_entity_src_gen.pdbx_src_id 
_entity_src_gen.pdbx_alt_source_flag 
_entity_src_gen.pdbx_seq_type 
_entity_src_gen.pdbx_beg_seq_num 
_entity_src_gen.pdbx_end_seq_num 
_entity_src_gen.gene_src_common_name 
_entity_src_gen.gene_src_genus 
_entity_src_gen.pdbx_gene_src_gene 
_entity_src_gen.gene_src_species 
_entity_src_gen.gene_src_strain 
_entity_src_gen.gene_src_tissue 
_entity_src_gen.gene_src_tissue_fraction 
_entity_src_gen.gene_src_details 
_entity_src_gen.pdbx_gene_src_fragment 
_entity_src_gen.pdbx_gene_src_scientific_name 
_entity_src_gen.pdbx_gene_src_ncbi_taxonomy_id 
_entity_src_gen.pdbx_gene_src_variant 
_entity_src_gen.pdbx_gene_src_cell_line 
_entity_src_gen.pdbx_gene_src_atcc 
_entity_src_gen.pdbx_gene_src_organ 
_entity_src_gen.pdbx_gene_src_organelle 
_entity_src_gen.pdbx_gene_src_cell 
_entity_src_gen.pdbx_gene_src_cellular_location 
_entity_src_gen.host_org_common_name 
_entity_src_gen.pdbx_host_org_scientific_name 
_entity_src_gen.pdbx_host_org_ncbi_taxonomy_id 
_entity_src_gen.host_org_genus 
_entity_src_gen.pdbx_host_org_gene 
_entity_src_gen.pdbx_host_org_organ 
_entity_src_gen.host_org_species 
_entity_src_gen.pdbx_host_org_tissue 
_entity_src_gen.pdbx_host_org_tissue_fraction 
_entity_src_gen.pdbx_host_org_strain 
_entity_src_gen.pdbx_host_org_variant 
_entity_src_gen.pdbx_host_org_cell_line 
_entity_src_gen.pdbx_host_org_atcc 
_entity_src_gen.pdbx_host_org_culture_collection 
_entity_src_gen.pdbx_host_org_cell 
_entity_src_gen.pdbx_host_org_organelle 
_entity_src_gen.pdbx_host_org_cellular_location 
_entity_src_gen.pdbx_host_org_vector_type 
_entity_src_gen.pdbx_host_org_vector 
_entity_src_gen.host_org_details 
_entity_src_gen.expression_system_id 
_entity_src_gen.plasmid_name 
_entity_src_gen.plasmid_details 
_entity_src_gen.pdbx_description 
1 1 sample ? 1   121 'SALMONELLA PHAGE P22' ? ? ? ? ? ? ? ? 'ENTEROBACTERIA PHAGE P22' 10754 ? ? ? ? ? ? ? ? 'ESCHERICHIA COLI' 
469008 ? ? ? ? ? ? 'BL21(DE3)' ? ? ? ? ? ? ? ? ? ? ? PET17B ? ? 
1 2 sample ? 122 150 
;BAKER'S YEAST
;
? ? ? ? ? ? ? ? 'SACCHAROMYCES CEREVISIAE' 4932  ? ? ? ? ? ? ? ? 'ESCHERICHIA COLI' 469008 ? ? ? ? ? ? 'BL21(DE3)' ? ? ? ? ? ? ? ? 
? ? ? PET17B ? ? 
# 
loop_
_struct_ref.id 
_struct_ref.db_name 
_struct_ref.db_code 
_struct_ref.entity_id 
_struct_ref.pdbx_seq_one_letter_code 
_struct_ref.pdbx_align_begin 
_struct_ref.pdbx_db_accession 
_struct_ref.pdbx_db_isoform 
1 UNP TSPE_BPP22 1 ? ? P12528 ? 
2 PDB 2VNL       1 ? ? 2VNL   ? 
# 
loop_
_struct_ref_seq.align_id 
_struct_ref_seq.ref_id 
_struct_ref_seq.pdbx_PDB_id_code 
_struct_ref_seq.pdbx_strand_id 
_struct_ref_seq.seq_align_beg 
_struct_ref_seq.pdbx_seq_align_beg_ins_code 
_struct_ref_seq.seq_align_end 
_struct_ref_seq.pdbx_seq_align_end_ins_code 
_struct_ref_seq.pdbx_db_accession 
_struct_ref_seq.db_align_beg 
_struct_ref_seq.pdbx_db_align_beg_ins_code 
_struct_ref_seq.db_align_end 
_struct_ref_seq.pdbx_db_align_end_ins_code 
_struct_ref_seq.pdbx_auth_seq_align_beg 
_struct_ref_seq.pdbx_auth_seq_align_end 
1 1 2VNL A 1   ? 121 ? P12528 2   ? 122 ? 2   122 
2 2 2VNL A 122 ? 150 ? 2VNL   123 ? 151 ? 123 151 
# 
_struct_ref_seq_dif.align_id                     1 
_struct_ref_seq_dif.pdbx_pdb_id_code             2VNL 
_struct_ref_seq_dif.mon_id                       TRP 
_struct_ref_seq_dif.pdbx_pdb_strand_id           A 
_struct_ref_seq_dif.seq_num                      108 
_struct_ref_seq_dif.pdbx_pdb_ins_code            ? 
_struct_ref_seq_dif.pdbx_seq_db_name             UNP 
_struct_ref_seq_dif.pdbx_seq_db_accession_code   P12528 
_struct_ref_seq_dif.db_mon_id                    TYR 
_struct_ref_seq_dif.pdbx_seq_db_seq_num          109 
_struct_ref_seq_dif.details                      'engineered mutation' 
_struct_ref_seq_dif.pdbx_auth_seq_num            109 
_struct_ref_seq_dif.pdbx_ordinal                 1 
# 
loop_
_chem_comp.id 
_chem_comp.type 
_chem_comp.mon_nstd_flag 
_chem_comp.name 
_chem_comp.pdbx_synonyms 
_chem_comp.formula 
_chem_comp.formula_weight 
ALA 'L-peptide linking' y ALANINE         ?                               'C3 H7 N O2'     89.093  
ARG 'L-peptide linking' y ARGININE        ?                               'C6 H15 N4 O2 1' 175.209 
ASN 'L-peptide linking' y ASPARAGINE      ?                               'C4 H8 N2 O3'    132.118 
ASP 'L-peptide linking' y 'ASPARTIC ACID' ?                               'C4 H7 N O4'     133.103 
GLN 'L-peptide linking' y GLUTAMINE       ?                               'C5 H10 N2 O3'   146.144 
GLU 'L-peptide linking' y 'GLUTAMIC ACID' ?                               'C5 H9 N O4'     147.129 
GLY 'peptide linking'   y GLYCINE         ?                               'C2 H5 N O2'     75.067  
GOL non-polymer         . GLYCEROL        'GLYCERIN; PROPANE-1,2,3-TRIOL' 'C3 H8 O3'       92.094  
HIS 'L-peptide linking' y HISTIDINE       ?                               'C6 H10 N3 O2 1' 156.162 
HOH non-polymer         . WATER           ?                               'H2 O'           18.015  
ILE 'L-peptide linking' y ISOLEUCINE      ?                               'C6 H13 N O2'    131.173 
LEU 'L-peptide linking' y LEUCINE         ?                               'C6 H13 N O2'    131.173 
LYS 'L-peptide linking' y LYSINE          ?                               'C6 H15 N2 O2 1' 147.195 
MET 'L-peptide linking' y METHIONINE      ?                               'C5 H11 N O2 S'  149.211 
PHE 'L-peptide linking' y PHENYLALANINE   ?                               'C9 H11 N O2'    165.189 
PRO 'L-peptide linking' y PROLINE         ?                               'C5 H9 N O2'     115.130 
SER 'L-peptide linking' y SERINE          ?                               'C3 H7 N O3'     105.093 
THR 'L-peptide linking' y THREONINE       ?                               'C4 H9 N O3'     119.119 
TRP 'L-peptide linking' y TRYPTOPHAN      ?                               'C11 H12 N2 O2'  204.225 
TYR 'L-peptide linking' y TYROSINE        ?                               'C9 H11 N O3'    181.189 
VAL 'L-peptide linking' y VALINE          ?                               'C5 H11 N O2'    117.146 
# 
_exptl.entry_id          2VNL 
_exptl.method            'X-RAY DIFFRACTION' 
_exptl.crystals_number   1 
# 
_exptl_crystal.id                    1 
_exptl_crystal.density_meas          ? 
_exptl_crystal.density_Matthews      2.70 
_exptl_crystal.density_percent_sol   54.10 
_exptl_crystal.description           NONE 
# 
_exptl_crystal_grow.crystal_id      1 
_exptl_crystal_grow.method          'VAPOR DIFFUSION, HANGING DROP' 
_exptl_crystal_grow.temp            ? 
_exptl_crystal_grow.temp_details    ? 
_exptl_crystal_grow.pH              6.5 
_exptl_crystal_grow.pdbx_pH_range   ? 
_exptl_crystal_grow.pdbx_details    
;VAPOR DIFFUSION, HANGING DROP. PROTEIN: CONC. 9.3 MG/ML,BUFFER 50MM HEPES, PH6.5; RESERVOIR:20% ISOPROPANOL, 0.1M NA-ACETATE, PH4.6, 0.2M CACL2; DROPLET 2 MICROL:2 MICROL.CRYO:30% GLYCEROL.
;
# 
_diffrn.id                     1 
_diffrn.ambient_temp           100 
_diffrn.ambient_temp_details   ? 
_diffrn.crystal_id             1 
# 
_diffrn_detector.diffrn_id              1 
_diffrn_detector.detector               CCD 
_diffrn_detector.type                   MARRESEARCH 
_diffrn_detector.pdbx_collection_date   2006-10-27 
_diffrn_detector.details                MIRRORS 
# 
_diffrn_radiation.diffrn_id                        1 
_diffrn_radiation.wavelength_id                    1 
_diffrn_radiation.pdbx_monochromatic_or_laue_m_l   M 
_diffrn_radiation.monochromator                    SI-111 
_diffrn_radiation.pdbx_diffrn_protocol             'SINGLE WAVELENGTH' 
_diffrn_radiation.pdbx_scattering_type             x-ray 
# 
_diffrn_radiation_wavelength.id           1 
_diffrn_radiation_wavelength.wavelength   0.95373 
_diffrn_radiation_wavelength.wt           1.0 
# 
_diffrn_source.diffrn_id                   1 
_diffrn_source.source                      SYNCHROTRON 
_diffrn_source.type                        'BESSY BEAMLINE 14.1' 
_diffrn_source.pdbx_synchrotron_site       BESSY 
_diffrn_source.pdbx_synchrotron_beamline   14.1 
_diffrn_source.pdbx_wavelength             0.95373 
_diffrn_source.pdbx_wavelength_list        ? 
# 
_reflns.pdbx_diffrn_id               1 
_reflns.pdbx_ordinal                 1 
_reflns.entry_id                     2VNL 
_reflns.observed_criterion_sigma_I   . 
_reflns.observed_criterion_sigma_F   ? 
_reflns.d_resolution_low             50.00 
_reflns.d_resolution_high            1.80 
_reflns.number_obs                   17904 
_reflns.number_all                   ? 
_reflns.percent_possible_obs         98.5 
_reflns.pdbx_Rmerge_I_obs            0.05 
_reflns.pdbx_Rsym_value              ? 
_reflns.pdbx_netI_over_sigmaI        22.50 
_reflns.B_iso_Wilson_estimate        ? 
_reflns.pdbx_redundancy              7.3 
# 
_reflns_shell.pdbx_diffrn_id         1 
_reflns_shell.pdbx_ordinal           1 
_reflns_shell.d_res_high             1.80 
_reflns_shell.d_res_low              1.93 
_reflns_shell.percent_possible_all   95.5 
_reflns_shell.Rmerge_I_obs           0.38 
_reflns_shell.pdbx_Rsym_value        ? 
_reflns_shell.meanI_over_sigI_obs    5.00 
_reflns_shell.pdbx_redundancy        7.3 
# 
_refine.pdbx_refine_id                           'X-RAY DIFFRACTION' 
_refine.entry_id                                 2VNL 
_refine.pdbx_diffrn_id                           1 
_refine.pdbx_TLS_residual_ADP_flag               ? 
_refine.ls_number_reflns_obs                     17174 
_refine.ls_number_reflns_all                     ? 
_refine.pdbx_ls_sigma_I                          ? 
_refine.pdbx_ls_sigma_F                          ? 
_refine.pdbx_data_cutoff_high_absF               ? 
_refine.pdbx_data_cutoff_low_absF                ? 
_refine.pdbx_data_cutoff_high_rms_absF           ? 
_refine.ls_d_res_low                             19.37 
_refine.ls_d_res_high                            1.80 
_refine.ls_percent_reflns_obs                    99.7 
_refine.ls_R_factor_obs                          0.192 
_refine.ls_R_factor_all                          ? 
_refine.ls_R_factor_R_work                       0.190 
_refine.ls_R_factor_R_free                       0.229 
_refine.ls_R_factor_R_free_error                 ? 
_refine.ls_R_factor_R_free_error_details         ? 
_refine.ls_percent_reflns_R_free                 5.200 
_refine.ls_number_reflns_R_free                  934 
_refine.ls_number_parameters                     ? 
_refine.ls_number_restraints                     ? 
_refine.occupancy_min                            ? 
_refine.occupancy_max                            ? 
_refine.correlation_coeff_Fo_to_Fc               0.957 
_refine.correlation_coeff_Fo_to_Fc_free          0.938 
_refine.B_iso_mean                               31.35 
_refine.aniso_B[1][1]                            -0.02000 
_refine.aniso_B[2][2]                            -0.02000 
_refine.aniso_B[3][3]                            0.03000 
_refine.aniso_B[1][2]                            -0.01000 
_refine.aniso_B[1][3]                            0.00000 
_refine.aniso_B[2][3]                            0.00000 
_refine.solvent_model_details                    'BABINET MODEL WITH MASK' 
_refine.solvent_model_param_ksol                 ? 
_refine.solvent_model_param_bsol                 ? 
_refine.pdbx_solvent_vdw_probe_radii             1.20 
_refine.pdbx_solvent_ion_probe_radii             0.80 
_refine.pdbx_solvent_shrinkage_radii             0.80 
_refine.pdbx_ls_cross_valid_method               THROUGHOUT 
_refine.details                                  
;HYDROGENS HAVE BEEN ADDED IN THE RIDING POSITIONS. THE HEAD-BINDING DOMAIN IS FUSED TO THE ISOLEUCINE ZIPPER PIIGCN4. THE BIOLOGICALLY ACTIVE HEAD- BINDING DOMAIN IS A CRYSTALLOGRAPHIC TRIMER.
;
_refine.pdbx_starting_model                      'PDB ENTRIES 1LKT, 1EBO' 
_refine.pdbx_method_to_determine_struct          'MOLECULAR REPLACEMENT' 
_refine.pdbx_isotropic_thermal_model             ? 
_refine.pdbx_stereochemistry_target_values       'MAXIMUM LIKELIHOOD' 
_refine.pdbx_stereochem_target_val_spec_case     ? 
_refine.pdbx_R_Free_selection_details            RANDOM 
_refine.pdbx_overall_ESU_R                       0.117 
_refine.pdbx_overall_ESU_R_Free                  0.117 
_refine.overall_SU_ML                            0.077 
_refine.pdbx_overall_phase_error                 ? 
_refine.overall_SU_B                             2.404 
_refine.overall_SU_R_Cruickshank_DPI             ? 
_refine.pdbx_overall_SU_R_free_Cruickshank_DPI   ? 
_refine.pdbx_overall_SU_R_Blow_DPI               ? 
_refine.pdbx_overall_SU_R_free_Blow_DPI          ? 
# 
_refine_hist.pdbx_refine_id                   'X-RAY DIFFRACTION' 
_refine_hist.cycle_id                         LAST 
_refine_hist.pdbx_number_atoms_protein        1158 
_refine_hist.pdbx_number_atoms_nucleic_acid   0 
_refine_hist.pdbx_number_atoms_ligand         18 
_refine_hist.number_atoms_solvent             131 
_refine_hist.number_atoms_total               1307 
_refine_hist.d_res_high                       1.80 
_refine_hist.d_res_low                        19.37 
# 
loop_
_refine_ls_restr.type 
_refine_ls_restr.dev_ideal 
_refine_ls_restr.dev_ideal_target 
_refine_ls_restr.weight 
_refine_ls_restr.number 
_refine_ls_restr.pdbx_refine_id 
_refine_ls_restr.pdbx_restraint_function 
r_bond_refined_d             0.013  0.022  ? 1225 'X-RAY DIFFRACTION' ? 
r_bond_other_d               0.001  0.020  ? 821  'X-RAY DIFFRACTION' ? 
r_angle_refined_deg          1.287  1.955  ? 1659 'X-RAY DIFFRACTION' ? 
r_angle_other_deg            0.854  3.000  ? 2035 'X-RAY DIFFRACTION' ? 
r_dihedral_angle_1_deg       5.715  5.000  ? 146  'X-RAY DIFFRACTION' ? 
r_dihedral_angle_2_deg       31.041 26.167 ? 60   'X-RAY DIFFRACTION' ? 
r_dihedral_angle_3_deg       12.989 15.000 ? 221  'X-RAY DIFFRACTION' ? 
r_dihedral_angle_4_deg       7.497  15.000 ? 4    'X-RAY DIFFRACTION' ? 
r_chiral_restr               0.083  0.200  ? 190  'X-RAY DIFFRACTION' ? 
r_gen_planes_refined         0.005  0.020  ? 1324 'X-RAY DIFFRACTION' ? 
r_gen_planes_other           0.001  0.020  ? 211  'X-RAY DIFFRACTION' ? 
r_nbd_refined                0.202  0.200  ? 249  'X-RAY DIFFRACTION' ? 
r_nbd_other                  0.174  0.200  ? 823  'X-RAY DIFFRACTION' ? 
r_nbtor_refined              0.173  0.200  ? 610  'X-RAY DIFFRACTION' ? 
r_nbtor_other                0.085  0.200  ? 599  'X-RAY DIFFRACTION' ? 
r_xyhbond_nbd_refined        0.149  0.200  ? 69   'X-RAY DIFFRACTION' ? 
r_xyhbond_nbd_other          ?      ?      ? ?    'X-RAY DIFFRACTION' ? 
r_metal_ion_refined          ?      ?      ? ?    'X-RAY DIFFRACTION' ? 
r_metal_ion_other            ?      ?      ? ?    'X-RAY DIFFRACTION' ? 
r_symmetry_vdw_refined       0.197  0.200  ? 33   'X-RAY DIFFRACTION' ? 
r_symmetry_vdw_other         0.242  0.200  ? 70   'X-RAY DIFFRACTION' ? 
r_symmetry_hbond_refined     0.192  0.200  ? 24   'X-RAY DIFFRACTION' ? 
r_symmetry_hbond_other       ?      ?      ? ?    'X-RAY DIFFRACTION' ? 
r_symmetry_metal_ion_refined ?      ?      ? ?    'X-RAY DIFFRACTION' ? 
r_symmetry_metal_ion_other   ?      ?      ? ?    'X-RAY DIFFRACTION' ? 
r_mcbond_it                  1.722  2.000  ? 975  'X-RAY DIFFRACTION' ? 
r_mcbond_other               ?      ?      ? ?    'X-RAY DIFFRACTION' ? 
r_mcangle_it                 1.990  3.000  ? 1217 'X-RAY DIFFRACTION' ? 
r_mcangle_other              ?      ?      ? ?    'X-RAY DIFFRACTION' ? 
r_scbond_it                  1.929  3.000  ? 561  'X-RAY DIFFRACTION' ? 
r_scbond_other               ?      ?      ? ?    'X-RAY DIFFRACTION' ? 
r_scangle_it                 2.597  4.500  ? 442  'X-RAY DIFFRACTION' ? 
r_scangle_other              ?      ?      ? ?    'X-RAY DIFFRACTION' ? 
r_long_range_B_refined       ?      ?      ? ?    'X-RAY DIFFRACTION' ? 
r_long_range_B_other         ?      ?      ? ?    'X-RAY DIFFRACTION' ? 
r_rigid_bond_restr           ?      ?      ? ?    'X-RAY DIFFRACTION' ? 
r_sphericity_free            ?      ?      ? ?    'X-RAY DIFFRACTION' ? 
r_sphericity_bonded          ?      ?      ? ?    'X-RAY DIFFRACTION' ? 
# 
_refine_ls_shell.pdbx_refine_id                   'X-RAY DIFFRACTION' 
_refine_ls_shell.pdbx_total_number_of_bins_used   15 
_refine_ls_shell.d_res_high                       1.80 
_refine_ls_shell.d_res_low                        1.86 
_refine_ls_shell.number_reflns_R_work             1666 
_refine_ls_shell.R_factor_R_work                  0.2310 
_refine_ls_shell.percent_reflns_obs               ? 
_refine_ls_shell.R_factor_R_free                  0.2560 
_refine_ls_shell.R_factor_R_free_error            ? 
_refine_ls_shell.percent_reflns_R_free            ? 
_refine_ls_shell.number_reflns_R_free             94 
_refine_ls_shell.number_reflns_all                ? 
_refine_ls_shell.R_factor_all                     ? 
# 
_struct.entry_id                  2VNL 
_struct.title                     
'MUTANT Y108Wdel OF THE HEADBINDING DOMAIN OF PHAGE P22 TAILSPIKE C- TERMINally fused to ISOLEUCINE ZIPPER pIIGCN4 (chimera II)' 
_struct.pdbx_model_details        ? 
_struct.pdbx_CASP_flag            ? 
_struct.pdbx_model_type_details   ? 
# 
_struct_keywords.entry_id        2VNL 
_struct_keywords.pdbx_keywords   'VIRAL PROTEIN' 
_struct_keywords.text            
;CHIMERA, HYDROLASE, LATE PROTEIN, VIRAL PROTEIN, PHAGE P22 TAILSPIKE PROTEIN, MUTANT Y108WDEL, HEAD-BINDING DOMAIN, ISOLEUCINE ZIPPER PIIGCN4
;
# 
loop_
_struct_asym.id 
_struct_asym.pdbx_blank_PDB_chainid_flag 
_struct_asym.pdbx_modified 
_struct_asym.entity_id 
_struct_asym.details 
A N N 1 ? 
B N N 2 ? 
C N N 2 ? 
D N N 2 ? 
E N N 3 ? 
# 
_struct_biol.id   1 
# 
loop_
_struct_conf.conf_type_id 
_struct_conf.id 
_struct_conf.pdbx_PDB_helix_id 
_struct_conf.beg_label_comp_id 
_struct_conf.beg_label_asym_id 
_struct_conf.beg_label_seq_id 
_struct_conf.pdbx_beg_PDB_ins_code 
_struct_conf.end_label_comp_id 
_struct_conf.end_label_asym_id 
_struct_conf.end_label_seq_id 
_struct_conf.pdbx_end_PDB_ins_code 
_struct_conf.beg_auth_comp_id 
_struct_conf.beg_auth_asym_id 
_struct_conf.beg_auth_seq_id 
_struct_conf.end_auth_comp_id 
_struct_conf.end_auth_asym_id 
_struct_conf.end_auth_seq_id 
_struct_conf.pdbx_PDB_helix_class 
_struct_conf.details 
_struct_conf.pdbx_PDB_helix_length 
HELX_P HELX_P1 1 ASN A 41  ? ASN A 44  ? ASN A 42  ASN A 45  5 ? 4  
HELX_P HELX_P2 2 ASN A 104 ? ASP A 109 ? ASN A 105 ASP A 110 5 ? 6  
HELX_P HELX_P3 3 TYR A 113 ? GLY A 150 ? TYR A 114 GLY A 151 1 ? 38 
# 
_struct_conf_type.id          HELX_P 
_struct_conf_type.criteria    ? 
_struct_conf_type.reference   ? 
# 
_struct_mon_prot_cis.pdbx_id                1 
_struct_mon_prot_cis.label_comp_id          GLN 
_struct_mon_prot_cis.label_seq_id           62 
_struct_mon_prot_cis.label_asym_id          A 
_struct_mon_prot_cis.label_alt_id           . 
_struct_mon_prot_cis.pdbx_PDB_ins_code      ? 
_struct_mon_prot_cis.auth_comp_id           GLN 
_struct_mon_prot_cis.auth_seq_id            63 
_struct_mon_prot_cis.auth_asym_id           A 
_struct_mon_prot_cis.pdbx_label_comp_id_2   PRO 
_struct_mon_prot_cis.pdbx_label_seq_id_2    63 
_struct_mon_prot_cis.pdbx_label_asym_id_2   A 
_struct_mon_prot_cis.pdbx_PDB_ins_code_2    ? 
_struct_mon_prot_cis.pdbx_auth_comp_id_2    PRO 
_struct_mon_prot_cis.pdbx_auth_seq_id_2     64 
_struct_mon_prot_cis.pdbx_auth_asym_id_2    A 
_struct_mon_prot_cis.pdbx_PDB_model_num     1 
_struct_mon_prot_cis.pdbx_omega_angle       0.42 
# 
loop_
_struct_sheet.id 
_struct_sheet.type 
_struct_sheet.number_strands 
_struct_sheet.details 
AA ? 6 ? 
AB ? 3 ? 
# 
loop_
_struct_sheet_order.sheet_id 
_struct_sheet_order.range_id_1 
_struct_sheet_order.range_id_2 
_struct_sheet_order.offset 
_struct_sheet_order.sense 
AA 1 2 ? anti-parallel 
AA 2 3 ? anti-parallel 
AA 3 4 ? anti-parallel 
AA 4 5 ? anti-parallel 
AA 5 6 ? anti-parallel 
AB 1 2 ? anti-parallel 
AB 2 3 ? anti-parallel 
# 
loop_
_struct_sheet_range.sheet_id 
_struct_sheet_range.id 
_struct_sheet_range.beg_label_comp_id 
_struct_sheet_range.beg_label_asym_id 
_struct_sheet_range.beg_label_seq_id 
_struct_sheet_range.pdbx_beg_PDB_ins_code 
_struct_sheet_range.end_label_comp_id 
_struct_sheet_range.end_label_asym_id 
_struct_sheet_range.end_label_seq_id 
_struct_sheet_range.pdbx_end_PDB_ins_code 
_struct_sheet_range.beg_auth_comp_id 
_struct_sheet_range.beg_auth_asym_id 
_struct_sheet_range.beg_auth_seq_id 
_struct_sheet_range.end_auth_comp_id 
_struct_sheet_range.end_auth_asym_id 
_struct_sheet_range.end_auth_seq_id 
AA 1 GLN A 77 ? LEU A 78  ? GLN A 78 LEU A 79  
AA 2 ILE A 72 ? TYR A 74  ? ILE A 73 TYR A 75  
AA 3 LEU A 64 ? ILE A 66  ? LEU A 65 ILE A 67  
AA 4 LYS A 29 ? GLY A 33  ? LYS A 30 GLY A 34  
AA 5 SER A 88 ? TYR A 92  ? SER A 89 TYR A 93  
AA 6 GLN A 98 ? ILE A 102 ? GLN A 99 ILE A 103 
AB 1 HIS A 57 ? ILE A 60  ? HIS A 58 ILE A 61  
AB 2 VAL A 48 ? GLU A 51  ? VAL A 49 GLU A 52  
AB 3 ILE A 81 ? VAL A 82  ? ILE A 82 VAL A 83  
# 
loop_
_pdbx_struct_sheet_hbond.sheet_id 
_pdbx_struct_sheet_hbond.range_id_1 
_pdbx_struct_sheet_hbond.range_id_2 
_pdbx_struct_sheet_hbond.range_1_label_atom_id 
_pdbx_struct_sheet_hbond.range_1_label_comp_id 
_pdbx_struct_sheet_hbond.range_1_label_asym_id 
_pdbx_struct_sheet_hbond.range_1_label_seq_id 
_pdbx_struct_sheet_hbond.range_1_PDB_ins_code 
_pdbx_struct_sheet_hbond.range_1_auth_atom_id 
_pdbx_struct_sheet_hbond.range_1_auth_comp_id 
_pdbx_struct_sheet_hbond.range_1_auth_asym_id 
_pdbx_struct_sheet_hbond.range_1_auth_seq_id 
_pdbx_struct_sheet_hbond.range_2_label_atom_id 
_pdbx_struct_sheet_hbond.range_2_label_comp_id 
_pdbx_struct_sheet_hbond.range_2_label_asym_id 
_pdbx_struct_sheet_hbond.range_2_label_seq_id 
_pdbx_struct_sheet_hbond.range_2_PDB_ins_code 
_pdbx_struct_sheet_hbond.range_2_auth_atom_id 
_pdbx_struct_sheet_hbond.range_2_auth_comp_id 
_pdbx_struct_sheet_hbond.range_2_auth_asym_id 
_pdbx_struct_sheet_hbond.range_2_auth_seq_id 
AA 1 2 N GLN A 77 ? N GLN A 78 O TYR A 74 ? O TYR A 75  
AA 2 3 N VAL A 73 ? N VAL A 74 O ILE A 65 ? O ILE A 66  
AA 3 4 N LEU A 64 ? N LEU A 65 O ILE A 30 ? O ILE A 31  
AA 4 5 N GLY A 33 ? N GLY A 34 O SER A 88 ? O SER A 89  
AA 5 6 O ILE A 91 ? O ILE A 92 N VAL A 99 ? N VAL A 100 
AB 1 2 N ILE A 60 ? N ILE A 61 O VAL A 48 ? O VAL A 49  
AB 2 3 N TYR A 49 ? N TYR A 50 O VAL A 82 ? O VAL A 83  
# 
loop_
_struct_site.id 
_struct_site.pdbx_evidence_code 
_struct_site.pdbx_auth_asym_id 
_struct_site.pdbx_auth_comp_id 
_struct_site.pdbx_auth_seq_id 
_struct_site.pdbx_auth_ins_code 
_struct_site.pdbx_num_residues 
_struct_site.details 
AC1 Software A GOL 283 ? 4 'BINDING SITE FOR RESIDUE GOL A 283' 
AC2 Software A GOL 284 ? 7 'BINDING SITE FOR RESIDUE GOL A 284' 
AC3 Software A GOL 285 ? 4 'BINDING SITE FOR RESIDUE GOL A 285' 
# 
loop_
_struct_site_gen.id 
_struct_site_gen.site_id 
_struct_site_gen.pdbx_num_res 
_struct_site_gen.label_comp_id 
_struct_site_gen.label_asym_id 
_struct_site_gen.label_seq_id 
_struct_site_gen.pdbx_auth_ins_code 
_struct_site_gen.auth_comp_id 
_struct_site_gen.auth_asym_id 
_struct_site_gen.auth_seq_id 
_struct_site_gen.label_atom_id 
_struct_site_gen.label_alt_id 
_struct_site_gen.symmetry 
_struct_site_gen.details 
1  AC1 4 VAL A 73  ? VAL A 74   . ? 1_555 ? 
2  AC1 4 TYR A 74  ? TYR A 75   . ? 1_555 ? 
3  AC1 4 ASN A 75  ? ASN A 76   . ? 1_555 ? 
4  AC1 4 GLY A 76  ? GLY A 77   . ? 1_555 ? 
5  AC2 7 ASP A 38  ? ASP A 39   . ? 1_555 ? 
6  AC2 7 VAL A 40  ? VAL A 41   . ? 1_555 ? 
7  AC2 7 ALA A 90  ? ALA A 91   . ? 1_555 ? 
8  AC2 7 TYR A 92  ? TYR A 93   . ? 1_555 ? 
9  AC2 7 GLN A 98  ? GLN A 99   . ? 1_555 ? 
10 AC2 7 TYR A 101 ? TYR A 102  . ? 1_555 ? 
11 AC2 7 LYS A 134 ? LYS A 135  . ? 8_654 ? 
12 AC3 4 TYR A 31  ? TYR A 32   . ? 1_555 ? 
13 AC3 4 VAL A 40  ? VAL A 41   . ? 1_555 ? 
14 AC3 4 HOH E .   ? HOH A 2117 . ? 8_654 ? 
15 AC3 4 HOH E .   ? HOH A 2131 . ? 1_555 ? 
# 
_atom_sites.entry_id                    2VNL 
_atom_sites.fract_transf_matrix[1][1]   0.00531078 
_atom_sites.fract_transf_matrix[1][2]   -0.01061920 
_atom_sites.fract_transf_matrix[1][3]   0.01597558 
_atom_sites.fract_transf_matrix[2][1]   -0.01388060 
_atom_sites.fract_transf_matrix[2][2]   -0.00922222 
_atom_sites.fract_transf_matrix[2][3]   0.01088342 
_atom_sites.fract_transf_matrix[3][1]   0.00059293 
_atom_sites.fract_transf_matrix[3][2]   -0.00521939 
_atom_sites.fract_transf_matrix[3][3]   -0.00366651 
_atom_sites.fract_transf_vector[1]      0.837528 
_atom_sites.fract_transf_vector[2]      0.494589 
_atom_sites.fract_transf_vector[3]      0.406183 
# 
loop_
_atom_type.symbol 
C 
N 
O 
S 
# 
loop_
_atom_site.group_PDB 
_atom_site.id 
_atom_site.type_symbol 
_atom_site.label_atom_id 
_atom_site.label_alt_id 
_atom_site.label_comp_id 
_atom_site.label_asym_id 
_atom_site.label_entity_id 
_atom_site.label_seq_id 
_atom_site.pdbx_PDB_ins_code 
_atom_site.Cartn_x 
_atom_site.Cartn_y 
_atom_site.Cartn_z 
_atom_site.occupancy 
_atom_site.B_iso_or_equiv 
_atom_site.pdbx_formal_charge 
_atom_site.auth_seq_id 
_atom_site.auth_comp_id 
_atom_site.auth_asym_id 
_atom_site.auth_atom_id 
_atom_site.pdbx_PDB_model_num 
ATOM   1    N N   . THR A 1 4   ? 11.366  11.456  -21.983 1.00 59.34 ? 5    THR A N   1 
ATOM   2    C CA  . THR A 1 4   ? 12.392  10.742  -21.170 1.00 57.58 ? 5    THR A CA  1 
ATOM   3    C C   . THR A 1 4   ? 11.710  10.003  -20.020 1.00 57.73 ? 5    THR A C   1 
ATOM   4    O O   . THR A 1 4   ? 10.474  9.956   -19.933 1.00 58.18 ? 5    THR A O   1 
ATOM   5    C CB  . THR A 1 4   ? 13.423  11.724  -20.591 1.00 58.18 ? 5    THR A CB  1 
ATOM   6    O OG1 . THR A 1 4   ? 12.828  12.464  -19.519 1.00 57.02 ? 5    THR A OG1 1 
ATOM   7    C CG2 . THR A 1 4   ? 13.914  12.698  -21.663 1.00 58.27 ? 5    THR A CG2 1 
ATOM   8    N N   . ALA A 1 5   ? 12.519  9.419   -19.141 1.00 56.47 ? 6    ALA A N   1 
ATOM   9    C CA  . ALA A 1 5   ? 12.006  8.765   -17.937 1.00 55.64 ? 6    ALA A CA  1 
ATOM   10   C C   . ALA A 1 5   ? 11.945  9.731   -16.739 1.00 54.84 ? 6    ALA A C   1 
ATOM   11   O O   . ALA A 1 5   ? 11.557  9.328   -15.634 1.00 54.72 ? 6    ALA A O   1 
ATOM   12   C CB  . ALA A 1 5   ? 12.862  7.538   -17.598 1.00 56.25 ? 6    ALA A CB  1 
ATOM   13   N N   . ASN A 1 6   ? 12.329  10.991  -16.963 1.00 52.69 ? 7    ASN A N   1 
ATOM   14   C CA  . ASN A 1 6   ? 12.258  12.026  -15.936 1.00 50.65 ? 7    ASN A CA  1 
ATOM   15   C C   . ASN A 1 6   ? 10.870  12.098  -15.297 1.00 49.07 ? 7    ASN A C   1 
ATOM   16   O O   . ASN A 1 6   ? 9.851   11.967  -15.987 1.00 47.44 ? 7    ASN A O   1 
ATOM   17   C CB  . ASN A 1 6   ? 12.579  13.417  -16.521 1.00 51.91 ? 7    ASN A CB  1 
ATOM   18   C CG  . ASN A 1 6   ? 14.079  13.676  -16.731 1.00 53.60 ? 7    ASN A CG  1 
ATOM   19   O OD1 . ASN A 1 6   ? 14.476  14.189  -17.783 1.00 56.11 ? 7    ASN A OD1 1 
ATOM   20   N ND2 . ASN A 1 6   ? 14.898  13.386  -15.726 1.00 52.85 ? 7    ASN A ND2 1 
ATOM   21   N N   . VAL A 1 7   ? 10.839  12.361  -13.990 1.00 45.87 ? 8    VAL A N   1 
ATOM   22   C CA  . VAL A 1 7   ? 9.594   12.459  -13.243 1.00 43.79 ? 8    VAL A CA  1 
ATOM   23   C C   . VAL A 1 7   ? 9.636   13.674  -12.301 1.00 41.98 ? 8    VAL A C   1 
ATOM   24   O O   . VAL A 1 7   ? 10.723  14.135  -11.954 1.00 39.46 ? 8    VAL A O   1 
ATOM   25   C CB  . VAL A 1 7   ? 9.431   11.200  -12.398 1.00 44.36 ? 8    VAL A CB  1 
ATOM   26   C CG1 . VAL A 1 7   ? 9.429   9.952   -13.322 1.00 42.13 ? 8    VAL A CG1 1 
ATOM   27   C CG2 . VAL A 1 7   ? 10.567  11.129  -11.399 1.00 42.92 ? 8    VAL A CG2 1 
ATOM   28   N N   . VAL A 1 8   ? 8.461   14.147  -11.870 1.00 41.89 ? 9    VAL A N   1 
ATOM   29   C CA  . VAL A 1 8   ? 8.390   15.311  -10.957 1.00 39.55 ? 9    VAL A CA  1 
ATOM   30   C C   . VAL A 1 8   ? 9.167   15.196  -9.634  1.00 37.77 ? 9    VAL A C   1 
ATOM   31   O O   . VAL A 1 8   ? 9.117   14.177  -8.944  1.00 37.68 ? 9    VAL A O   1 
ATOM   32   C CB  . VAL A 1 8   ? 6.950   15.717  -10.613 1.00 40.10 ? 9    VAL A CB  1 
ATOM   33   C CG1 . VAL A 1 8   ? 6.262   16.353  -11.817 1.00 42.19 ? 9    VAL A CG1 1 
ATOM   34   C CG2 . VAL A 1 8   ? 6.169   14.525  -10.107 1.00 43.21 ? 9    VAL A CG2 1 
ATOM   35   N N   . VAL A 1 9   ? 9.829   16.296  -9.267  1.00 34.76 ? 10   VAL A N   1 
ATOM   36   C CA  . VAL A 1 9   ? 10.315  16.545  -7.918  1.00 34.34 ? 10   VAL A CA  1 
ATOM   37   C C   . VAL A 1 9   ? 9.103   16.718  -7.002  1.00 34.36 ? 10   VAL A C   1 
ATOM   38   O O   . VAL A 1 9   ? 8.188   17.473  -7.326  1.00 34.13 ? 10   VAL A O   1 
ATOM   39   C CB  . VAL A 1 9   ? 11.215  17.807  -7.879  1.00 33.87 ? 10   VAL A CB  1 
ATOM   40   C CG1 . VAL A 1 9   ? 11.432  18.338  -6.458  1.00 35.37 ? 10   VAL A CG1 1 
ATOM   41   C CG2 . VAL A 1 9   ? 12.571  17.521  -8.573  1.00 30.99 ? 10   VAL A CG2 1 
ATOM   42   N N   . SER A 1 10  ? 9.062   15.969  -5.902  1.00 32.87 ? 11   SER A N   1 
ATOM   43   C CA  . SER A 1 10  ? 7.924   16.030  -4.979  1.00 32.32 ? 11   SER A CA  1 
ATOM   44   C C   . SER A 1 10  ? 8.374   16.084  -3.525  1.00 31.30 ? 11   SER A C   1 
ATOM   45   O O   . SER A 1 10  ? 9.563   16.061  -3.229  1.00 27.98 ? 11   SER A O   1 
ATOM   46   C CB  A SER A 1 10  ? 7.020   14.827  -5.202  0.60 33.17 ? 11   SER A CB  1 
ATOM   47   C CB  B SER A 1 10  ? 6.996   14.834  -5.176  0.40 33.24 ? 11   SER A CB  1 
ATOM   48   O OG  A SER A 1 10  ? 7.604   13.629  -4.723  0.60 32.63 ? 11   SER A OG  1 
ATOM   49   O OG  B SER A 1 10  ? 5.737   15.045  -4.537  0.40 34.52 ? 11   SER A OG  1 
ATOM   50   N N   . ASN A 1 11  ? 7.406   16.094  -2.612  1.00 29.70 ? 12   ASN A N   1 
ATOM   51   C CA  . ASN A 1 11  ? 7.729   16.167  -1.199  1.00 29.04 ? 12   ASN A CA  1 
ATOM   52   C C   . ASN A 1 11  ? 7.112   14.991  -0.486  1.00 29.02 ? 12   ASN A C   1 
ATOM   53   O O   . ASN A 1 11  ? 5.941   15.063  -0.068  1.00 28.89 ? 12   ASN A O   1 
ATOM   54   C CB  . ASN A 1 11  ? 7.243   17.485  -0.572  1.00 29.22 ? 12   ASN A CB  1 
ATOM   55   C CG  . ASN A 1 11  ? 7.944   17.800  0.730   1.00 30.77 ? 12   ASN A CG  1 
ATOM   56   O OD1 . ASN A 1 11  ? 9.010   17.251  1.010   1.00 32.11 ? 12   ASN A OD1 1 
ATOM   57   N ND2 . ASN A 1 11  ? 7.390   18.764  1.503   1.00 27.02 ? 12   ASN A ND2 1 
ATOM   58   N N   . PRO A 1 12  ? 7.869   13.887  -0.372  1.00 28.85 ? 13   PRO A N   1 
ATOM   59   C CA  . PRO A 1 12  ? 7.256   12.626  0.078   1.00 30.02 ? 13   PRO A CA  1 
ATOM   60   C C   . PRO A 1 12  ? 6.838   12.497  1.538   1.00 29.65 ? 13   PRO A C   1 
ATOM   61   O O   . PRO A 1 12  ? 5.927   11.708  1.842   1.00 29.91 ? 13   PRO A O   1 
ATOM   62   C CB  . PRO A 1 12  ? 8.315   11.582  -0.272  1.00 31.18 ? 13   PRO A CB  1 
ATOM   63   C CG  . PRO A 1 12  ? 9.542   12.261  -0.241  1.00 32.11 ? 13   PRO A CG  1 
ATOM   64   C CD  . PRO A 1 12  ? 9.294   13.699  -0.686  1.00 28.53 ? 13   PRO A CD  1 
ATOM   65   N N   . ARG A 1 13  ? 7.451   13.254  2.441   1.00 27.64 ? 14   ARG A N   1 
ATOM   66   C CA  . ARG A 1 13  ? 7.123   13.124  3.871   1.00 28.31 ? 14   ARG A CA  1 
ATOM   67   C C   . ARG A 1 13  ? 5.757   13.772  4.119   1.00 28.01 ? 14   ARG A C   1 
ATOM   68   O O   . ARG A 1 13  ? 5.566   14.955  3.762   1.00 28.28 ? 14   ARG A O   1 
ATOM   69   C CB  . ARG A 1 13  ? 8.205   13.743  4.744   1.00 28.42 ? 14   ARG A CB  1 
ATOM   70   C CG  . ARG A 1 13  ? 7.975   13.626  6.273   1.00 28.71 ? 14   ARG A CG  1 
ATOM   71   C CD  . ARG A 1 13  ? 9.027   14.322  7.066   1.00 28.55 ? 14   ARG A CD  1 
ATOM   72   N NE  . ARG A 1 13  ? 10.369  13.874  6.775   1.00 28.23 ? 14   ARG A NE  1 
ATOM   73   C CZ  . ARG A 1 13  ? 10.949  12.781  7.274   1.00 26.21 ? 14   ARG A CZ  1 
ATOM   74   N NH1 . ARG A 1 13  ? 10.365  12.018  8.205   1.00 28.18 ? 14   ARG A NH1 1 
ATOM   75   N NH2 . ARG A 1 13  ? 12.171  12.494  6.886   1.00 26.71 ? 14   ARG A NH2 1 
ATOM   76   N N   . PRO A 1 14  ? 4.793   13.002  4.676   1.00 26.89 ? 15   PRO A N   1 
ATOM   77   C CA  . PRO A 1 14  ? 3.440   13.531  4.806   1.00 27.65 ? 15   PRO A CA  1 
ATOM   78   C C   . PRO A 1 14  ? 3.325   14.600  5.892   1.00 26.97 ? 15   PRO A C   1 
ATOM   79   O O   . PRO A 1 14  ? 4.065   14.564  6.875   1.00 27.51 ? 15   PRO A O   1 
ATOM   80   C CB  . PRO A 1 14  ? 2.609   12.295  5.211   1.00 26.57 ? 15   PRO A CB  1 
ATOM   81   C CG  . PRO A 1 14  ? 3.570   11.401  5.930   1.00 27.91 ? 15   PRO A CG  1 
ATOM   82   C CD  . PRO A 1 14  ? 4.888   11.612  5.176   1.00 28.35 ? 15   PRO A CD  1 
ATOM   83   N N   . ILE A 1 15  ? 2.370   15.512  5.730   1.00 27.45 ? 16   ILE A N   1 
ATOM   84   C CA  . ILE A 1 15  ? 1.960   16.404  6.810   1.00 27.40 ? 16   ILE A CA  1 
ATOM   85   C C   . ILE A 1 15  ? 0.461   16.198  7.084   1.00 27.23 ? 16   ILE A C   1 
ATOM   86   O O   . ILE A 1 15  ? -0.330  15.795  6.188   1.00 27.77 ? 16   ILE A O   1 
ATOM   87   C CB  . ILE A 1 15  ? 2.295   17.892  6.523   1.00 25.29 ? 16   ILE A CB  1 
ATOM   88   C CG1 . ILE A 1 15  ? 1.534   18.421  5.304   1.00 27.57 ? 16   ILE A CG1 1 
ATOM   89   C CG2 . ILE A 1 15  ? 3.800   18.076  6.315   1.00 28.11 ? 16   ILE A CG2 1 
ATOM   90   C CD1 . ILE A 1 15  ? 1.614   19.960  5.154   1.00 29.48 ? 16   ILE A CD1 1 
ATOM   91   N N   . PHE A 1 16  ? 0.076   16.439  8.334   1.00 26.34 ? 17   PHE A N   1 
ATOM   92   C CA  . PHE A 1 16  ? -1.252  16.130  8.803   1.00 25.21 ? 17   PHE A CA  1 
ATOM   93   C C   . PHE A 1 16  ? -1.867  17.423  9.313   1.00 25.93 ? 17   PHE A C   1 
ATOM   94   O O   . PHE A 1 16  ? -1.345  17.994  10.259  1.00 25.51 ? 17   PHE A O   1 
ATOM   95   C CB  . PHE A 1 16  ? -1.182  15.051  9.879   1.00 24.96 ? 17   PHE A CB  1 
ATOM   96   C CG  . PHE A 1 16  ? -0.729  13.705  9.328   1.00 24.90 ? 17   PHE A CG  1 
ATOM   97   C CD1 . PHE A 1 16  ? -1.646  12.810  8.819   1.00 27.14 ? 17   PHE A CD1 1 
ATOM   98   C CD2 . PHE A 1 16  ? 0.615   13.401  9.274   1.00 24.07 ? 17   PHE A CD2 1 
ATOM   99   C CE1 . PHE A 1 16  ? -1.211  11.610  8.252   1.00 26.61 ? 17   PHE A CE1 1 
ATOM   100  C CE2 . PHE A 1 16  ? 1.050   12.173  8.707   1.00 25.79 ? 17   PHE A CE2 1 
ATOM   101  C CZ  . PHE A 1 16  ? 0.145   11.312  8.207   1.00 27.26 ? 17   PHE A CZ  1 
ATOM   102  N N   . THR A 1 17  ? -2.930  17.881  8.649   1.00 24.85 ? 18   THR A N   1 
ATOM   103  C CA  . THR A 1 17  ? -3.577  19.149  8.998   1.00 26.00 ? 18   THR A CA  1 
ATOM   104  C C   . THR A 1 17  ? -5.054  18.944  9.365   1.00 25.90 ? 18   THR A C   1 
ATOM   105  O O   . THR A 1 17  ? -5.649  17.937  9.047   1.00 26.12 ? 18   THR A O   1 
ATOM   106  C CB  . THR A 1 17  ? -3.462  20.191  7.890   1.00 25.52 ? 18   THR A CB  1 
ATOM   107  O OG1 . THR A 1 17  ? -4.273  19.818  6.764   1.00 26.77 ? 18   THR A OG1 1 
ATOM   108  C CG2 . THR A 1 17  ? -1.963  20.440  7.493   1.00 26.90 ? 18   THR A CG2 1 
ATOM   109  N N   . GLU A 1 18  ? -5.619  19.919  10.066  1.00 27.54 ? 19   GLU A N   1 
ATOM   110  C CA  . GLU A 1 18  ? -6.972  19.817  10.611  1.00 27.91 ? 19   GLU A CA  1 
ATOM   111  C C   . GLU A 1 18  ? -8.015  19.933  9.508   1.00 27.10 ? 19   GLU A C   1 
ATOM   112  O O   . GLU A 1 18  ? -7.712  20.354  8.404   1.00 28.09 ? 19   GLU A O   1 
ATOM   113  C CB  . GLU A 1 18  ? -7.209  20.922  11.668  1.00 29.10 ? 19   GLU A CB  1 
ATOM   114  C CG  A GLU A 1 18  ? -6.291  20.678  12.893  0.60 30.60 ? 19   GLU A CG  1 
ATOM   115  C CG  B GLU A 1 18  ? -6.373  20.820  12.919  0.40 30.20 ? 19   GLU A CG  1 
ATOM   116  C CD  A GLU A 1 18  ? -6.760  21.300  14.179  0.60 31.97 ? 19   GLU A CD  1 
ATOM   117  C CD  B GLU A 1 18  ? -6.916  19.827  13.908  0.40 31.30 ? 19   GLU A CD  1 
ATOM   118  O OE1 A GLU A 1 18  ? -7.357  22.393  14.126  0.60 35.27 ? 19   GLU A OE1 1 
ATOM   119  O OE1 B GLU A 1 18  ? -8.129  19.842  14.199  0.40 32.06 ? 19   GLU A OE1 1 
ATOM   120  O OE2 A GLU A 1 18  ? -6.491  20.693  15.247  0.60 33.07 ? 19   GLU A OE2 1 
ATOM   121  O OE2 B GLU A 1 18  ? -6.104  19.046  14.434  0.40 34.36 ? 19   GLU A OE2 1 
ATOM   122  N N   . SER A 1 19  ? -9.260  19.600  9.840   1.00 28.69 ? 20   SER A N   1 
ATOM   123  C CA  . SER A 1 19  ? -10.325 19.516  8.837   1.00 30.49 ? 20   SER A CA  1 
ATOM   124  C C   . SER A 1 19  ? -11.309 20.686  8.830   1.00 31.56 ? 20   SER A C   1 
ATOM   125  O O   . SER A 1 19  ? -12.037 20.865  7.859   1.00 31.21 ? 20   SER A O   1 
ATOM   126  C CB  . SER A 1 19  ? -11.077 18.213  8.983   1.00 30.38 ? 20   SER A CB  1 
ATOM   127  O OG  . SER A 1 19  ? -10.252 17.143  8.558   1.00 31.84 ? 20   SER A OG  1 
ATOM   128  N N   . ARG A 1 20  ? -11.315 21.478  9.892   1.00 32.68 ? 21   ARG A N   1 
ATOM   129  C CA  . ARG A 1 20  ? -12.198 22.639  9.963   1.00 35.42 ? 21   ARG A CA  1 
ATOM   130  C C   . ARG A 1 20  ? -11.475 23.995  9.899   1.00 35.30 ? 21   ARG A C   1 
ATOM   131  O O   . ARG A 1 20  ? -12.120 25.027  9.624   1.00 35.71 ? 21   ARG A O   1 
ATOM   132  C CB  . ARG A 1 20  ? -13.076 22.544  11.221  1.00 38.16 ? 21   ARG A CB  1 
ATOM   133  C CG  A ARG A 1 20  ? -14.015 21.299  11.263  0.70 41.65 ? 21   ARG A CG  1 
ATOM   134  C CG  B ARG A 1 20  ? -13.979 21.318  11.286  0.30 38.12 ? 21   ARG A CG  1 
ATOM   135  C CD  A ARG A 1 20  ? -14.840 21.066  9.967   0.70 43.67 ? 21   ARG A CD  1 
ATOM   136  C CD  B ARG A 1 20  ? -14.767 21.293  12.588  0.30 37.74 ? 21   ARG A CD  1 
ATOM   137  N NE  A ARG A 1 20  ? -15.752 19.919  10.089  0.70 43.30 ? 21   ARG A NE  1 
ATOM   138  N NE  B ARG A 1 20  ? -15.673 20.145  12.672  0.30 38.52 ? 21   ARG A NE  1 
ATOM   139  C CZ  A ARG A 1 20  ? -16.521 19.433  9.111   0.70 45.21 ? 21   ARG A CZ  1 
ATOM   140  C CZ  B ARG A 1 20  ? -15.441 19.021  13.357  0.30 38.67 ? 21   ARG A CZ  1 
ATOM   141  N NH1 A ARG A 1 20  ? -16.514 19.975  7.897   0.70 47.22 ? 21   ARG A NH1 1 
ATOM   142  N NH1 B ARG A 1 20  ? -14.328 18.859  14.068  0.30 38.94 ? 21   ARG A NH1 1 
ATOM   143  N NH2 A ARG A 1 20  ? -17.311 18.394  9.344   0.70 46.32 ? 21   ARG A NH2 1 
ATOM   144  N NH2 B ARG A 1 20  ? -16.351 18.056  13.350  0.30 39.07 ? 21   ARG A NH2 1 
ATOM   145  N N   . SER A 1 21  ? -10.154 23.985  10.094  1.00 33.67 ? 22   SER A N   1 
ATOM   146  C CA  . SER A 1 21  ? -9.307  25.151  9.926   1.00 33.30 ? 22   SER A CA  1 
ATOM   147  C C   . SER A 1 21  ? -7.956  24.746  9.385   1.00 31.92 ? 22   SER A C   1 
ATOM   148  O O   . SER A 1 21  ? -7.588  23.565  9.432   1.00 32.04 ? 22   SER A O   1 
ATOM   149  C CB  . SER A 1 21  ? -9.122  25.905  11.261  1.00 34.44 ? 22   SER A CB  1 
ATOM   150  O OG  . SER A 1 21  ? -8.533  25.069  12.248  1.00 35.86 ? 22   SER A OG  1 
ATOM   151  N N   . PHE A 1 22  ? -7.229  25.729  8.876   1.00 31.23 ? 23   PHE A N   1 
ATOM   152  C CA  . PHE A 1 22  ? -5.913  25.484  8.259   1.00 31.00 ? 23   PHE A CA  1 
ATOM   153  C C   . PHE A 1 22  ? -4.824  25.587  9.337   1.00 31.93 ? 23   PHE A C   1 
ATOM   154  O O   . PHE A 1 22  ? -4.294  26.690  9.624   1.00 30.46 ? 23   PHE A O   1 
ATOM   155  C CB  . PHE A 1 22  ? -5.689  26.458  7.093   1.00 31.09 ? 23   PHE A CB  1 
ATOM   156  C CG  . PHE A 1 22  ? -4.389  26.276  6.368   1.00 31.49 ? 23   PHE A CG  1 
ATOM   157  C CD1 . PHE A 1 22  ? -4.155  25.128  5.604   1.00 30.39 ? 23   PHE A CD1 1 
ATOM   158  C CD2 . PHE A 1 22  ? -3.416  27.258  6.393   1.00 31.79 ? 23   PHE A CD2 1 
ATOM   159  C CE1 . PHE A 1 22  ? -2.951  24.964  4.935   1.00 30.92 ? 23   PHE A CE1 1 
ATOM   160  C CE2 . PHE A 1 22  ? -2.214  27.099  5.723   1.00 31.71 ? 23   PHE A CE2 1 
ATOM   161  C CZ  . PHE A 1 22  ? -1.991  25.956  4.961   1.00 31.71 ? 23   PHE A CZ  1 
ATOM   162  N N   . LYS A 1 23  ? -4.552  24.442  9.969   1.00 29.93 ? 24   LYS A N   1 
ATOM   163  C CA  . LYS A 1 23  ? -3.637  24.325  11.086  1.00 32.96 ? 24   LYS A CA  1 
ATOM   164  C C   . LYS A 1 23  ? -3.074  22.912  11.063  1.00 31.80 ? 24   LYS A C   1 
ATOM   165  O O   . LYS A 1 23  ? -3.735  22.001  10.588  1.00 31.08 ? 24   LYS A O   1 
ATOM   166  C CB  . LYS A 1 23  ? -4.380  24.506  12.416  1.00 35.26 ? 24   LYS A CB  1 
ATOM   167  C CG  . LYS A 1 23  ? -4.896  25.916  12.691  1.00 39.72 ? 24   LYS A CG  1 
ATOM   168  C CD  . LYS A 1 23  ? -5.652  25.963  14.009  1.00 40.40 ? 24   LYS A CD  1 
ATOM   169  C CE  . LYS A 1 23  ? -5.940  27.410  14.442  1.00 43.46 ? 24   LYS A CE  1 
ATOM   170  N NZ  . LYS A 1 23  ? -6.736  27.441  15.724  1.00 46.38 ? 24   LYS A NZ  1 
ATOM   171  N N   . ALA A 1 24  ? -1.884  22.720  11.623  1.00 30.82 ? 25   ALA A N   1 
ATOM   172  C CA  . ALA A 1 24  ? -1.363  21.356  11.828  1.00 30.78 ? 25   ALA A CA  1 
ATOM   173  C C   . ALA A 1 24  ? -2.199  20.644  12.887  1.00 30.54 ? 25   ALA A C   1 
ATOM   174  O O   . ALA A 1 24  ? -2.829  21.301  13.734  1.00 31.10 ? 25   ALA A O   1 
ATOM   175  C CB  . ALA A 1 24  ? 0.131   21.374  12.231  1.00 29.97 ? 25   ALA A CB  1 
ATOM   176  N N   . VAL A 1 25  ? -2.229  19.312  12.845  1.00 27.59 ? 26   VAL A N   1 
ATOM   177  C CA  . VAL A 1 25  ? -2.803  18.496  13.925  1.00 28.12 ? 26   VAL A CA  1 
ATOM   178  C C   . VAL A 1 25  ? -1.728  18.383  15.026  1.00 27.40 ? 26   VAL A C   1 
ATOM   179  O O   . VAL A 1 25  ? -1.183  17.319  15.328  1.00 26.77 ? 26   VAL A O   1 
ATOM   180  C CB  . VAL A 1 25  ? -3.307  17.120  13.394  1.00 27.59 ? 26   VAL A CB  1 
ATOM   181  C CG1 . VAL A 1 25  ? -4.120  16.401  14.472  1.00 29.84 ? 26   VAL A CG1 1 
ATOM   182  C CG2 . VAL A 1 25  ? -4.181  17.310  12.133  1.00 25.99 ? 26   VAL A CG2 1 
ATOM   183  N N   . ALA A 1 26  ? -1.433  19.517  15.644  1.00 28.40 ? 27   ALA A N   1 
ATOM   184  C CA  . ALA A 1 26  ? -0.316  19.597  16.586  1.00 29.48 ? 27   ALA A CA  1 
ATOM   185  C C   . ALA A 1 26  ? -0.599  18.737  17.818  1.00 30.18 ? 27   ALA A C   1 
ATOM   186  O O   . ALA A 1 26  ? -1.683  18.870  18.424  1.00 30.89 ? 27   ALA A O   1 
ATOM   187  C CB  . ALA A 1 26  ? -0.072  21.053  16.995  1.00 29.75 ? 27   ALA A CB  1 
ATOM   188  N N   . ASN A 1 27  ? 0.357   17.873  18.162  1.00 33.05 ? 28   ASN A N   1 
ATOM   189  C CA  . ASN A 1 27  ? 0.220   16.881  19.246  1.00 34.30 ? 28   ASN A CA  1 
ATOM   190  C C   . ASN A 1 27  ? -0.993  15.969  19.049  1.00 34.72 ? 28   ASN A C   1 
ATOM   191  O O   . ASN A 1 27  ? -1.619  15.528  20.023  1.00 34.28 ? 28   ASN A O   1 
ATOM   192  C CB  . ASN A 1 27  ? 0.125   17.561  20.623  1.00 35.56 ? 28   ASN A CB  1 
ATOM   193  C CG  . ASN A 1 27  ? 0.435   16.602  21.786  1.00 38.40 ? 28   ASN A CG  1 
ATOM   194  O OD1 . ASN A 1 27  ? 1.030   15.527  21.609  1.00 44.16 ? 28   ASN A OD1 1 
ATOM   195  N ND2 . ASN A 1 27  ? 0.039   17.007  23.000  1.00 41.07 ? 28   ASN A ND2 1 
ATOM   196  N N   . GLY A 1 28  ? -1.326  15.720  17.784  1.00 33.33 ? 29   GLY A N   1 
ATOM   197  C CA  . GLY A 1 28  ? -2.328  14.747  17.387  1.00 32.44 ? 29   GLY A CA  1 
ATOM   198  C C   . GLY A 1 28  ? -1.839  13.304  17.427  1.00 30.82 ? 29   GLY A C   1 
ATOM   199  O O   . GLY A 1 28  ? -0.654  13.025  17.726  1.00 30.12 ? 29   GLY A O   1 
ATOM   200  N N   . LYS A 1 29  ? -2.772  12.399  17.140  1.00 29.88 ? 30   LYS A N   1 
ATOM   201  C CA  . LYS A 1 29  ? -2.548  10.945  17.206  1.00 32.08 ? 30   LYS A CA  1 
ATOM   202  C C   . LYS A 1 29  ? -3.080  10.265  15.949  1.00 29.94 ? 30   LYS A C   1 
ATOM   203  O O   . LYS A 1 29  ? -4.178  10.586  15.471  1.00 30.79 ? 30   LYS A O   1 
ATOM   204  C CB  . LYS A 1 29  ? -3.247  10.374  18.453  1.00 33.69 ? 30   LYS A CB  1 
ATOM   205  C CG  . LYS A 1 29  ? -2.617  10.849  19.749  1.00 34.83 ? 30   LYS A CG  1 
ATOM   206  C CD  . LYS A 1 29  ? -3.336  10.307  20.974  1.00 37.48 ? 30   LYS A CD  1 
ATOM   207  C CE  . LYS A 1 29  ? -2.844  10.989  22.247  1.00 39.76 ? 30   LYS A CE  1 
ATOM   208  N NZ  . LYS A 1 29  ? -1.357  11.115  22.329  1.00 44.87 ? 30   LYS A NZ  1 
ATOM   209  N N   . ILE A 1 30  ? -2.315  9.304   15.443  1.00 28.84 ? 31   ILE A N   1 
ATOM   210  C CA  . ILE A 1 30  ? -2.699  8.515   14.294  1.00 28.62 ? 31   ILE A CA  1 
ATOM   211  C C   . ILE A 1 30  ? -2.756  7.030   14.688  1.00 27.41 ? 31   ILE A C   1 
ATOM   212  O O   . ILE A 1 30  ? -1.806  6.504   15.279  1.00 27.91 ? 31   ILE A O   1 
ATOM   213  C CB  . ILE A 1 30  ? -1.711  8.672   13.124  1.00 27.62 ? 31   ILE A CB  1 
ATOM   214  C CG1 . ILE A 1 30  ? -1.483  10.139  12.763  1.00 27.51 ? 31   ILE A CG1 1 
ATOM   215  C CG2 . ILE A 1 30  ? -2.224  7.903   11.889  1.00 28.16 ? 31   ILE A CG2 1 
ATOM   216  C CD1 . ILE A 1 30  ? -0.322  10.317  11.699  1.00 28.79 ? 31   ILE A CD1 1 
ATOM   217  N N   . TYR A 1 31  ? -3.884  6.394   14.372  1.00 27.95 ? 32   TYR A N   1 
ATOM   218  C CA  . TYR A 1 31  ? -4.060  4.940   14.548  1.00 28.51 ? 32   TYR A CA  1 
ATOM   219  C C   . TYR A 1 31  ? -4.109  4.271   13.197  1.00 28.64 ? 32   TYR A C   1 
ATOM   220  O O   . TYR A 1 31  ? -4.699  4.802   12.246  1.00 28.96 ? 32   TYR A O   1 
ATOM   221  C CB  . TYR A 1 31  ? -5.357  4.665   15.333  1.00 30.44 ? 32   TYR A CB  1 
ATOM   222  C CG  . TYR A 1 31  ? -5.392  5.340   16.680  1.00 30.94 ? 32   TYR A CG  1 
ATOM   223  C CD1 . TYR A 1 31  ? -5.811  6.644   16.813  1.00 32.72 ? 32   TYR A CD1 1 
ATOM   224  C CD2 . TYR A 1 31  ? -4.962  4.665   17.813  1.00 33.31 ? 32   TYR A CD2 1 
ATOM   225  C CE1 . TYR A 1 31  ? -5.844  7.257   18.041  1.00 31.11 ? 32   TYR A CE1 1 
ATOM   226  C CE2 . TYR A 1 31  ? -4.968  5.261   19.044  1.00 33.18 ? 32   TYR A CE2 1 
ATOM   227  C CZ  . TYR A 1 31  ? -5.412  6.551   19.163  1.00 32.40 ? 32   TYR A CZ  1 
ATOM   228  O OH  . TYR A 1 31  ? -5.406  7.126   20.402  1.00 34.68 ? 32   TYR A OH  1 
ATOM   229  N N   . ILE A 1 32  ? -3.546  3.066   13.127  1.00 29.78 ? 33   ILE A N   1 
ATOM   230  C CA  . ILE A 1 32  ? -3.381  2.312   11.888  1.00 29.66 ? 33   ILE A CA  1 
ATOM   231  C C   . ILE A 1 32  ? -3.880  0.871   12.079  1.00 30.21 ? 33   ILE A C   1 
ATOM   232  O O   . ILE A 1 32  ? -3.397  0.160   12.967  1.00 31.75 ? 33   ILE A O   1 
ATOM   233  C CB  . ILE A 1 32  ? -1.885  2.240   11.465  1.00 29.21 ? 33   ILE A CB  1 
ATOM   234  C CG1 . ILE A 1 32  ? -1.292  3.651   11.263  1.00 31.58 ? 33   ILE A CG1 1 
ATOM   235  C CG2 . ILE A 1 32  ? -1.725  1.372   10.205  1.00 30.51 ? 33   ILE A CG2 1 
ATOM   236  C CD1 . ILE A 1 32  ? -1.938  4.457   10.114  1.00 31.97 ? 33   ILE A CD1 1 
ATOM   237  N N   . GLY A 1 33  ? -4.831  0.457   11.246  1.00 30.82 ? 34   GLY A N   1 
ATOM   238  C CA  . GLY A 1 33  ? -5.545  -0.815  11.441  1.00 31.08 ? 34   GLY A CA  1 
ATOM   239  C C   . GLY A 1 33  ? -5.764  -1.620  10.167  1.00 31.03 ? 34   GLY A C   1 
ATOM   240  O O   . GLY A 1 33  ? -5.387  -1.211  9.065   1.00 31.10 ? 34   GLY A O   1 
ATOM   241  N N   . GLN A 1 34  ? -6.461  -2.741  10.318  1.00 31.89 ? 35   GLN A N   1 
ATOM   242  C CA  . GLN A 1 34  ? -6.853  -3.579  9.190   1.00 33.15 ? 35   GLN A CA  1 
ATOM   243  C C   . GLN A 1 34  ? -7.799  -2.756  8.328   1.00 33.17 ? 35   GLN A C   1 
ATOM   244  O O   . GLN A 1 34  ? -8.503  -1.861  8.832   1.00 30.58 ? 35   GLN A O   1 
ATOM   245  C CB  . GLN A 1 34  ? -7.590  -4.834  9.666   1.00 34.60 ? 35   GLN A CB  1 
ATOM   246  C CG  . GLN A 1 34  ? -6.781  -5.723  10.596  1.00 39.05 ? 35   GLN A CG  1 
ATOM   247  C CD  . GLN A 1 34  ? -5.733  -6.558  9.865   1.00 43.68 ? 35   GLN A CD  1 
ATOM   248  O OE1 . GLN A 1 34  ? -5.506  -6.389  8.658   1.00 48.04 ? 35   GLN A OE1 1 
ATOM   249  N NE2 . GLN A 1 34  ? -5.070  -7.454  10.605  1.00 46.99 ? 35   GLN A NE2 1 
ATOM   250  N N   . ILE A 1 35  ? -7.808  -3.062  7.042   1.00 32.07 ? 36   ILE A N   1 
ATOM   251  C CA  . ILE A 1 35  ? -8.649  -2.390  6.070   1.00 33.60 ? 36   ILE A CA  1 
ATOM   252  C C   . ILE A 1 35  ? -10.100 -2.460  6.522   1.00 34.06 ? 36   ILE A C   1 
ATOM   253  O O   . ILE A 1 35  ? -10.563 -3.511  6.976   1.00 31.73 ? 36   ILE A O   1 
ATOM   254  C CB  . ILE A 1 35  ? -8.474  -3.038  4.686   1.00 35.36 ? 36   ILE A CB  1 
ATOM   255  C CG1 . ILE A 1 35  ? -7.211  -2.503  4.040   1.00 35.96 ? 36   ILE A CG1 1 
ATOM   256  C CG2 . ILE A 1 35  ? -9.679  -2.779  3.775   1.00 35.36 ? 36   ILE A CG2 1 
ATOM   257  C CD1 . ILE A 1 35  ? -6.795  -3.313  2.828   1.00 37.84 ? 36   ILE A CD1 1 
ATOM   258  N N   . ASP A 1 36  ? -10.784 -1.311  6.461   1.00 33.59 ? 37   ASP A N   1 
ATOM   259  C CA  . ASP A 1 36  ? -12.216 -1.213  6.750   1.00 33.70 ? 37   ASP A CA  1 
ATOM   260  C C   . ASP A 1 36  ? -12.578 -1.472  8.207   1.00 33.40 ? 37   ASP A C   1 
ATOM   261  O O   . ASP A 1 36  ? -13.710 -1.845  8.488   1.00 36.03 ? 37   ASP A O   1 
ATOM   262  C CB  . ASP A 1 36  ? -13.017 -2.163  5.847   1.00 35.34 ? 37   ASP A CB  1 
ATOM   263  C CG  . ASP A 1 36  ? -12.858 -1.850  4.386   1.00 39.79 ? 37   ASP A CG  1 
ATOM   264  O OD1 . ASP A 1 36  ? -13.021 -0.680  3.999   1.00 41.41 ? 37   ASP A OD1 1 
ATOM   265  O OD2 . ASP A 1 36  ? -12.560 -2.784  3.610   1.00 45.46 ? 37   ASP A OD2 1 
ATOM   266  N N   . THR A 1 37  ? -11.634 -1.278  9.132   1.00 31.74 ? 38   THR A N   1 
ATOM   267  C CA  . THR A 1 37  ? -11.912 -1.382  10.545  1.00 30.73 ? 38   THR A CA  1 
ATOM   268  C C   . THR A 1 37  ? -11.626 -0.046  11.248  1.00 30.40 ? 38   THR A C   1 
ATOM   269  O O   . THR A 1 37  ? -11.016 0.876   10.665  1.00 29.59 ? 38   THR A O   1 
ATOM   270  C CB  . THR A 1 37  ? -11.102 -2.501  11.226  1.00 29.92 ? 38   THR A CB  1 
ATOM   271  O OG1 . THR A 1 37  ? -9.734  -2.116  11.329  1.00 30.16 ? 38   THR A OG1 1 
ATOM   272  C CG2 . THR A 1 37  ? -11.191 -3.838  10.409  1.00 29.22 ? 38   THR A CG2 1 
ATOM   273  N N   . ASP A 1 38  ? -12.085 0.018   12.493  1.00 28.65 ? 39   ASP A N   1 
ATOM   274  C CA  . ASP A 1 38  ? -11.827 1.127   13.443  1.00 28.23 ? 39   ASP A CA  1 
ATOM   275  C C   . ASP A 1 38  ? -10.479 0.914   14.138  1.00 27.53 ? 39   ASP A C   1 
ATOM   276  O O   . ASP A 1 38  ? -10.379 0.117   15.074  1.00 26.56 ? 39   ASP A O   1 
ATOM   277  C CB  . ASP A 1 38  ? -12.943 1.087   14.491  1.00 28.89 ? 39   ASP A CB  1 
ATOM   278  C CG  . ASP A 1 38  ? -12.805 2.170   15.582  1.00 28.64 ? 39   ASP A CG  1 
ATOM   279  O OD1 . ASP A 1 38  ? -11.827 2.918   15.543  1.00 28.80 ? 39   ASP A OD1 1 
ATOM   280  O OD2 . ASP A 1 38  ? -13.696 2.261   16.449  1.00 28.22 ? 39   ASP A OD2 1 
ATOM   281  N N   . PRO A 1 39  ? -9.427  1.623   13.698  1.00 27.42 ? 40   PRO A N   1 
ATOM   282  C CA  . PRO A 1 39  ? -8.093  1.411   14.258  1.00 29.13 ? 40   PRO A CA  1 
ATOM   283  C C   . PRO A 1 39  ? -7.868  1.925   15.693  1.00 28.68 ? 40   PRO A C   1 
ATOM   284  O O   . PRO A 1 39  ? -6.798  1.659   16.283  1.00 28.97 ? 40   PRO A O   1 
ATOM   285  C CB  . PRO A 1 39  ? -7.189  2.150   13.255  1.00 28.40 ? 40   PRO A CB  1 
ATOM   286  C CG  . PRO A 1 39  ? -8.015  3.208   12.694  1.00 29.31 ? 40   PRO A CG  1 
ATOM   287  C CD  . PRO A 1 39  ? -9.423  2.692   12.669  1.00 27.82 ? 40   PRO A CD  1 
ATOM   288  N N   . VAL A 1 40  ? -8.858  2.605   16.270  1.00 30.39 ? 41   VAL A N   1 
ATOM   289  C CA  . VAL A 1 40  ? -8.734  3.054   17.658  1.00 30.75 ? 41   VAL A CA  1 
ATOM   290  C C   . VAL A 1 40  ? -8.820  1.825   18.580  1.00 32.21 ? 41   VAL A C   1 
ATOM   291  O O   . VAL A 1 40  ? -8.169  1.786   19.613  1.00 32.94 ? 41   VAL A O   1 
ATOM   292  C CB  . VAL A 1 40  ? -9.743  4.167   18.052  1.00 31.43 ? 41   VAL A CB  1 
ATOM   293  C CG1 . VAL A 1 40  ? -9.597  4.506   19.525  1.00 32.46 ? 41   VAL A CG1 1 
ATOM   294  C CG2 . VAL A 1 40  ? -9.527  5.442   17.220  1.00 32.60 ? 41   VAL A CG2 1 
ATOM   295  N N   . ASN A 1 41  ? -9.595  0.819   18.165  1.00 31.84 ? 42   ASN A N   1 
ATOM   296  C CA  . ASN A 1 41  ? -9.704  -0.470  18.876  1.00 31.57 ? 42   ASN A CA  1 
ATOM   297  C C   . ASN A 1 41  ? -8.392  -1.241  18.772  1.00 30.88 ? 42   ASN A C   1 
ATOM   298  O O   . ASN A 1 41  ? -7.989  -1.615  17.674  1.00 31.63 ? 42   ASN A O   1 
ATOM   299  C CB  . ASN A 1 41  ? -10.842 -1.272  18.218  1.00 31.21 ? 42   ASN A CB  1 
ATOM   300  C CG  . ASN A 1 41  ? -11.157 -2.568  18.934  1.00 32.43 ? 42   ASN A CG  1 
ATOM   301  O OD1 . ASN A 1 41  ? -10.462 -2.961  19.866  1.00 31.17 ? 42   ASN A OD1 1 
ATOM   302  N ND2 . ASN A 1 41  ? -12.220 -3.252  18.478  1.00 30.56 ? 42   ASN A ND2 1 
ATOM   303  N N   . PRO A 1 42  ? -7.693  -1.494  19.911  1.00 31.93 ? 43   PRO A N   1 
ATOM   304  C CA  . PRO A 1 42  ? -6.419  -2.218  19.753  1.00 32.83 ? 43   PRO A CA  1 
ATOM   305  C C   . PRO A 1 42  ? -6.511  -3.540  18.997  1.00 32.90 ? 43   PRO A C   1 
ATOM   306  O O   . PRO A 1 42  ? -5.582  -3.918  18.300  1.00 33.45 ? 43   PRO A O   1 
ATOM   307  C CB  . PRO A 1 42  ? -5.963  -2.449  21.202  1.00 32.81 ? 43   PRO A CB  1 
ATOM   308  C CG  . PRO A 1 42  ? -6.592  -1.317  21.951  1.00 35.02 ? 43   PRO A CG  1 
ATOM   309  C CD  . PRO A 1 42  ? -7.943  -1.130  21.318  1.00 32.85 ? 43   PRO A CD  1 
ATOM   310  N N   . ALA A 1 43  ? -7.651  -4.217  19.091  1.00 32.74 ? 44   ALA A N   1 
ATOM   311  C CA  . ALA A 1 43  ? -7.823  -5.490  18.363  1.00 32.13 ? 44   ALA A CA  1 
ATOM   312  C C   . ALA A 1 43  ? -7.736  -5.356  16.849  1.00 32.32 ? 44   ALA A C   1 
ATOM   313  O O   . ALA A 1 43  ? -7.481  -6.335  16.127  1.00 31.01 ? 44   ALA A O   1 
ATOM   314  C CB  . ALA A 1 43  ? -9.157  -6.171  18.779  1.00 32.95 ? 44   ALA A CB  1 
ATOM   315  N N   . ASN A 1 44  ? -7.968  -4.148  16.336  1.00 31.06 ? 45   ASN A N   1 
ATOM   316  C CA  . ASN A 1 44  ? -7.916  -3.908  14.917  1.00 31.14 ? 45   ASN A CA  1 
ATOM   317  C C   . ASN A 1 44  ? -6.562  -3.370  14.430  1.00 30.45 ? 45   ASN A C   1 
ATOM   318  O O   . ASN A 1 44  ? -6.340  -3.290  13.237  1.00 31.63 ? 45   ASN A O   1 
ATOM   319  C CB  . ASN A 1 44  ? -9.015  -2.921  14.531  1.00 30.91 ? 45   ASN A CB  1 
ATOM   320  C CG  . ASN A 1 44  ? -10.410 -3.520  14.627  1.00 33.82 ? 45   ASN A CG  1 
ATOM   321  O OD1 . ASN A 1 44  ? -10.616 -4.722  14.377  1.00 33.09 ? 45   ASN A OD1 1 
ATOM   322  N ND2 . ASN A 1 44  ? -11.390 -2.677  15.012  1.00 31.95 ? 45   ASN A ND2 1 
ATOM   323  N N   . GLN A 1 45  ? -5.683  -3.009  15.362  1.00 31.37 ? 46   GLN A N   1 
ATOM   324  C CA  . GLN A 1 45  ? -4.386  -2.402  15.009  1.00 32.65 ? 46   GLN A CA  1 
ATOM   325  C C   . GLN A 1 45  ? -3.453  -3.416  14.406  1.00 34.19 ? 46   GLN A C   1 
ATOM   326  O O   . GLN A 1 45  ? -3.526  -4.597  14.738  1.00 34.44 ? 46   GLN A O   1 
ATOM   327  C CB  . GLN A 1 45  ? -3.766  -1.724  16.217  1.00 33.87 ? 46   GLN A CB  1 
ATOM   328  C CG  . GLN A 1 45  ? -4.593  -0.562  16.668  1.00 32.67 ? 46   GLN A CG  1 
ATOM   329  C CD  . GLN A 1 45  ? -4.115  0.083   17.913  1.00 33.80 ? 46   GLN A CD  1 
ATOM   330  O OE1 . GLN A 1 45  ? -3.090  -0.306  18.474  1.00 35.74 ? 46   GLN A OE1 1 
ATOM   331  N NE2 . GLN A 1 45  ? -4.865  1.055   18.389  1.00 30.19 ? 46   GLN A NE2 1 
ATOM   332  N N   . ILE A 1 46  ? -2.609  -2.947  13.487  1.00 34.19 ? 47   ILE A N   1 
ATOM   333  C CA  . ILE A 1 46  ? -1.576  -3.756  12.854  1.00 34.74 ? 47   ILE A CA  1 
ATOM   334  C C   . ILE A 1 46  ? -0.183  -3.204  13.195  1.00 35.32 ? 47   ILE A C   1 
ATOM   335  O O   . ILE A 1 46  ? -0.061  -2.064  13.645  1.00 34.74 ? 47   ILE A O   1 
ATOM   336  C CB  . ILE A 1 46  ? -1.796  -3.869  11.344  1.00 34.84 ? 47   ILE A CB  1 
ATOM   337  C CG1 . ILE A 1 46  ? -1.531  -2.538  10.606  1.00 33.66 ? 47   ILE A CG1 1 
ATOM   338  C CG2 . ILE A 1 46  ? -3.231  -4.392  11.057  1.00 34.52 ? 47   ILE A CG2 1 
ATOM   339  C CD1 . ILE A 1 46  ? -1.771  -2.611  9.139   1.00 35.25 ? 47   ILE A CD1 1 
ATOM   340  N N   . PRO A 1 47  ? 0.866   -4.030  13.058  1.00 34.49 ? 48   PRO A N   1 
ATOM   341  C CA  . PRO A 1 47  ? 2.236   -3.549  13.302  1.00 34.38 ? 48   PRO A CA  1 
ATOM   342  C C   . PRO A 1 47  ? 2.632   -2.319  12.492  1.00 33.52 ? 48   PRO A C   1 
ATOM   343  O O   . PRO A 1 47  ? 2.381   -2.257  11.295  1.00 33.67 ? 48   PRO A O   1 
ATOM   344  C CB  . PRO A 1 47  ? 3.095   -4.753  12.904  1.00 34.47 ? 48   PRO A CB  1 
ATOM   345  C CG  . PRO A 1 47  ? 2.214   -5.883  13.249  1.00 34.53 ? 48   PRO A CG  1 
ATOM   346  C CD  . PRO A 1 47  ? 0.879   -5.471  12.740  1.00 34.53 ? 48   PRO A CD  1 
ATOM   347  N N   . VAL A 1 48  ? 3.208   -1.349  13.191  1.00 33.42 ? 49   VAL A N   1 
ATOM   348  C CA  . VAL A 1 48  ? 3.836   -0.189  12.574  1.00 33.22 ? 49   VAL A CA  1 
ATOM   349  C C   . VAL A 1 48  ? 5.330   -0.145  12.974  1.00 32.91 ? 49   VAL A C   1 
ATOM   350  O O   . VAL A 1 48  ? 5.703   -0.484  14.097  1.00 32.27 ? 49   VAL A O   1 
ATOM   351  C CB  . VAL A 1 48  ? 3.135   1.127   12.979  1.00 33.01 ? 49   VAL A CB  1 
ATOM   352  C CG1 . VAL A 1 48  ? 1.680   1.210   12.349  1.00 31.28 ? 49   VAL A CG1 1 
ATOM   353  C CG2 . VAL A 1 48  ? 3.095   1.304   14.504  1.00 32.30 ? 49   VAL A CG2 1 
ATOM   354  N N   . TYR A 1 49  ? 6.149   0.322   12.049  1.00 33.46 ? 50   TYR A N   1 
ATOM   355  C CA  . TYR A 1 49  ? 7.615   0.258   12.177  1.00 34.30 ? 50   TYR A CA  1 
ATOM   356  C C   . TYR A 1 49  ? 8.259   1.544   11.752  1.00 33.76 ? 50   TYR A C   1 
ATOM   357  O O   . TYR A 1 49  ? 7.861   2.131   10.739  1.00 30.87 ? 50   TYR A O   1 
ATOM   358  C CB  . TYR A 1 49  ? 8.173   -0.827  11.255  1.00 35.61 ? 50   TYR A CB  1 
ATOM   359  C CG  . TYR A 1 49  ? 7.646   -2.209  11.495  1.00 36.29 ? 50   TYR A CG  1 
ATOM   360  C CD1 . TYR A 1 49  ? 8.262   -3.070  12.411  1.00 37.14 ? 50   TYR A CD1 1 
ATOM   361  C CD2 . TYR A 1 49  ? 6.564   -2.686  10.776  1.00 36.79 ? 50   TYR A CD2 1 
ATOM   362  C CE1 . TYR A 1 49  ? 7.786   -4.354  12.605  1.00 37.26 ? 50   TYR A CE1 1 
ATOM   363  C CE2 . TYR A 1 49  ? 6.086   -3.960  10.961  1.00 37.41 ? 50   TYR A CE2 1 
ATOM   364  C CZ  . TYR A 1 49  ? 6.691   -4.797  11.883  1.00 38.60 ? 50   TYR A CZ  1 
ATOM   365  O OH  . TYR A 1 49  ? 6.185   -6.079  12.041  1.00 39.05 ? 50   TYR A OH  1 
ATOM   366  N N   . ILE A 1 50  ? 9.282   1.966   12.504  1.00 35.15 ? 51   ILE A N   1 
ATOM   367  C CA  . ILE A 1 50  ? 10.234  2.952   11.999  1.00 36.16 ? 51   ILE A CA  1 
ATOM   368  C C   . ILE A 1 50  ? 11.128  2.215   11.015  1.00 37.89 ? 51   ILE A C   1 
ATOM   369  O O   . ILE A 1 50  ? 11.643  1.133   11.331  1.00 35.96 ? 51   ILE A O   1 
ATOM   370  C CB  . ILE A 1 50  ? 11.132  3.546   13.113  1.00 36.76 ? 51   ILE A CB  1 
ATOM   371  C CG1 . ILE A 1 50  ? 10.292  4.236   14.180  1.00 37.17 ? 51   ILE A CG1 1 
ATOM   372  C CG2 . ILE A 1 50  ? 12.160  4.516   12.521  1.00 36.12 ? 51   ILE A CG2 1 
ATOM   373  C CD1 . ILE A 1 50  ? 11.079  4.632   15.409  1.00 37.17 ? 51   ILE A CD1 1 
ATOM   374  N N   . GLU A 1 51  ? 11.279  2.775   9.817   1.00 39.57 ? 52   GLU A N   1 
ATOM   375  C CA  . GLU A 1 51  ? 12.272  2.305   8.860   1.00 40.85 ? 52   GLU A CA  1 
ATOM   376  C C   . GLU A 1 51  ? 13.478  3.226   8.982   1.00 42.14 ? 52   GLU A C   1 
ATOM   377  O O   . GLU A 1 51  ? 13.398  4.417   8.651   1.00 41.84 ? 52   GLU A O   1 
ATOM   378  C CB  A GLU A 1 51  ? 11.680  2.349   7.448   0.50 40.72 ? 52   GLU A CB  1 
ATOM   379  C CB  B GLU A 1 51  ? 11.776  2.307   7.411   0.50 40.67 ? 52   GLU A CB  1 
ATOM   380  C CG  A GLU A 1 51  ? 12.377  1.477   6.415   0.50 40.69 ? 52   GLU A CG  1 
ATOM   381  C CG  B GLU A 1 51  ? 12.848  1.799   6.414   0.50 40.49 ? 52   GLU A CG  1 
ATOM   382  C CD  A GLU A 1 51  ? 11.505  1.238   5.189   0.50 40.87 ? 52   GLU A CD  1 
ATOM   383  C CD  B GLU A 1 51  ? 12.503  2.068   4.968   0.50 40.69 ? 52   GLU A CD  1 
ATOM   384  O OE1 A GLU A 1 51  ? 11.434  2.144   4.334   0.50 42.33 ? 52   GLU A OE1 1 
ATOM   385  O OE1 B GLU A 1 51  ? 11.551  1.438   4.466   0.50 40.64 ? 52   GLU A OE1 1 
ATOM   386  O OE2 A GLU A 1 51  ? 10.894  0.149   5.080   0.50 38.85 ? 52   GLU A OE2 1 
ATOM   387  O OE2 B GLU A 1 51  ? 13.188  2.905   4.333   0.50 40.86 ? 52   GLU A OE2 1 
ATOM   388  N N   . ASN A 1 52  ? 14.574  2.673   9.497   1.00 45.12 ? 53   ASN A N   1 
ATOM   389  C CA  . ASN A 1 52  ? 15.760  3.459   9.813   1.00 47.30 ? 53   ASN A CA  1 
ATOM   390  C C   . ASN A 1 52  ? 16.533  3.828   8.565   1.00 49.59 ? 53   ASN A C   1 
ATOM   391  O O   . ASN A 1 52  ? 16.308  3.277   7.488   1.00 48.51 ? 53   ASN A O   1 
ATOM   392  C CB  . ASN A 1 52  ? 16.678  2.697   10.762  1.00 46.71 ? 53   ASN A CB  1 
ATOM   393  C CG  . ASN A 1 52  ? 16.081  2.538   12.134  1.00 45.65 ? 53   ASN A CG  1 
ATOM   394  O OD1 . ASN A 1 52  ? 16.040  1.437   12.679  1.00 50.42 ? 53   ASN A OD1 1 
ATOM   395  N ND2 . ASN A 1 52  ? 15.603  3.631   12.701  1.00 46.10 ? 53   ASN A ND2 1 
ATOM   396  N N   . GLU A 1 53  ? 17.470  4.757   8.746   1.00 52.50 ? 54   GLU A N   1 
ATOM   397  C CA  . GLU A 1 53  ? 18.300  5.243   7.662   1.00 53.93 ? 54   GLU A CA  1 
ATOM   398  C C   . GLU A 1 53  ? 19.037  4.070   6.988   1.00 54.35 ? 54   GLU A C   1 
ATOM   399  O O   . GLU A 1 53  ? 19.068  3.985   5.758   1.00 55.61 ? 54   GLU A O   1 
ATOM   400  C CB  . GLU A 1 53  ? 19.269  6.307   8.186   1.00 55.37 ? 54   GLU A CB  1 
ATOM   401  C CG  . GLU A 1 53  ? 18.574  7.523   8.841   1.00 57.29 ? 54   GLU A CG  1 
ATOM   402  C CD  . GLU A 1 53  ? 19.549  8.496   9.472   1.00 58.12 ? 54   GLU A CD  1 
ATOM   403  O OE1 . GLU A 1 53  ? 20.750  8.446   9.109   1.00 62.89 ? 54   GLU A OE1 1 
ATOM   404  O OE2 . GLU A 1 53  ? 19.121  9.310   10.335  1.00 61.15 ? 54   GLU A OE2 1 
ATOM   405  N N   . ASP A 1 54  ? 19.573  3.139   7.784   1.00 54.33 ? 55   ASP A N   1 
ATOM   406  C CA  . ASP A 1 54  ? 20.277  1.961   7.232   1.00 53.79 ? 55   ASP A CA  1 
ATOM   407  C C   . ASP A 1 54  ? 19.382  0.875   6.595   1.00 53.61 ? 55   ASP A C   1 
ATOM   408  O O   . ASP A 1 54  ? 19.895  -0.087  6.021   1.00 54.12 ? 55   ASP A O   1 
ATOM   409  C CB  . ASP A 1 54  ? 21.203  1.327   8.294   1.00 54.28 ? 55   ASP A CB  1 
ATOM   410  C CG  . ASP A 1 54  ? 20.441  0.611   9.412   1.00 55.85 ? 55   ASP A CG  1 
ATOM   411  O OD1 . ASP A 1 54  ? 19.211  0.414   9.281   1.00 55.86 ? 55   ASP A OD1 1 
ATOM   412  O OD2 . ASP A 1 54  ? 21.074  0.239   10.431  1.00 55.71 ? 55   ASP A OD2 1 
ATOM   413  N N   . GLY A 1 55  ? 18.057  1.012   6.702   1.00 52.81 ? 56   GLY A N   1 
ATOM   414  C CA  . GLY A 1 55  ? 17.115  0.041   6.123   1.00 50.98 ? 56   GLY A CA  1 
ATOM   415  C C   . GLY A 1 55  ? 16.526  -0.915  7.149   1.00 50.31 ? 56   GLY A C   1 
ATOM   416  O O   . GLY A 1 55  ? 15.652  -1.731  6.833   1.00 48.75 ? 56   GLY A O   1 
ATOM   417  N N   . SER A 1 56  ? 17.014  -0.831  8.387   1.00 48.77 ? 57   SER A N   1 
ATOM   418  C CA  . SER A 1 56  ? 16.500  -1.681  9.446   1.00 47.82 ? 57   SER A CA  1 
ATOM   419  C C   . SER A 1 56  ? 15.113  -1.183  9.880   1.00 46.44 ? 57   SER A C   1 
ATOM   420  O O   . SER A 1 56  ? 14.733  -0.044  9.601   1.00 45.83 ? 57   SER A O   1 
ATOM   421  C CB  . SER A 1 56  ? 17.478  -1.709  10.623  1.00 47.28 ? 57   SER A CB  1 
ATOM   422  O OG  . SER A 1 56  ? 17.697  -0.412  11.129  1.00 47.55 ? 57   SER A OG  1 
ATOM   423  N N   . HIS A 1 57  ? 14.363  -2.048  10.554  1.00 45.80 ? 58   HIS A N   1 
ATOM   424  C CA  . HIS A 1 57  ? 13.004  -1.711  11.012  1.00 45.38 ? 58   HIS A CA  1 
ATOM   425  C C   . HIS A 1 57  ? 12.880  -1.925  12.521  1.00 44.78 ? 58   HIS A C   1 
ATOM   426  O O   . HIS A 1 57  ? 13.382  -2.928  13.032  1.00 44.76 ? 58   HIS A O   1 
ATOM   427  C CB  . HIS A 1 57  ? 11.975  -2.590  10.292  1.00 45.75 ? 58   HIS A CB  1 
ATOM   428  C CG  . HIS A 1 57  ? 11.882  -2.338  8.821   1.00 47.11 ? 58   HIS A CG  1 
ATOM   429  N ND1 . HIS A 1 57  ? 12.594  -3.067  7.890   1.00 47.75 ? 58   HIS A ND1 1 
ATOM   430  C CD2 . HIS A 1 57  ? 11.157  -1.437  8.117   1.00 47.27 ? 58   HIS A CD2 1 
ATOM   431  C CE1 . HIS A 1 57  ? 12.303  -2.629  6.677   1.00 48.04 ? 58   HIS A CE1 1 
ATOM   432  N NE2 . HIS A 1 57  ? 11.429  -1.644  6.788   1.00 47.84 ? 58   HIS A NE2 1 
ATOM   433  N N   . VAL A 1 58  ? 12.262  -0.972  13.227  1.00 42.27 ? 59   VAL A N   1 
ATOM   434  C CA  . VAL A 1 58  ? 11.980  -1.105  14.658  1.00 41.65 ? 59   VAL A CA  1 
ATOM   435  C C   . VAL A 1 58  ? 10.488  -0.886  14.905  1.00 40.46 ? 59   VAL A C   1 
ATOM   436  O O   . VAL A 1 58  ? 9.950   0.194   14.623  1.00 37.86 ? 59   VAL A O   1 
ATOM   437  C CB  A VAL A 1 58  ? 12.836  -0.176  15.562  0.50 41.57 ? 59   VAL A CB  1 
ATOM   438  C CB  B VAL A 1 58  ? 12.759  -0.046  15.483  0.50 41.37 ? 59   VAL A CB  1 
ATOM   439  C CG1 A VAL A 1 58  ? 12.467  1.276   15.404  0.50 41.59 ? 59   VAL A CG1 1 
ATOM   440  C CG1 B VAL A 1 58  ? 12.342  -0.071  16.948  0.50 41.47 ? 59   VAL A CG1 1 
ATOM   441  C CG2 A VAL A 1 58  ? 12.697  -0.599  17.021  0.50 42.02 ? 59   VAL A CG2 1 
ATOM   442  C CG2 B VAL A 1 58  ? 14.269  -0.252  15.350  0.50 41.63 ? 59   VAL A CG2 1 
ATOM   443  N N   . GLN A 1 59  ? 9.829   -1.904  15.439  1.00 39.52 ? 60   GLN A N   1 
ATOM   444  C CA  . GLN A 1 59  ? 8.404   -1.793  15.729  1.00 39.09 ? 60   GLN A CA  1 
ATOM   445  C C   . GLN A 1 59  ? 8.179   -0.843  16.882  1.00 38.10 ? 60   GLN A C   1 
ATOM   446  O O   . GLN A 1 59  ? 8.884   -0.901  17.888  1.00 38.20 ? 60   GLN A O   1 
ATOM   447  C CB  . GLN A 1 59  ? 7.811   -3.149  16.059  1.00 40.05 ? 60   GLN A CB  1 
ATOM   448  C CG  . GLN A 1 59  ? 6.289   -3.156  16.063  1.00 40.06 ? 60   GLN A CG  1 
ATOM   449  C CD  . GLN A 1 59  ? 5.719   -4.525  16.294  1.00 41.41 ? 60   GLN A CD  1 
ATOM   450  O OE1 . GLN A 1 59  ? 6.449   -5.523  16.302  1.00 41.06 ? 60   GLN A OE1 1 
ATOM   451  N NE2 . GLN A 1 59  ? 4.410   -4.592  16.464  1.00 41.53 ? 60   GLN A NE2 1 
ATOM   452  N N   . ILE A 1 60  ? 7.198   0.037   16.742  1.00 36.04 ? 61   ILE A N   1 
ATOM   453  C CA  . ILE A 1 60  ? 6.839   0.952   17.811  1.00 36.50 ? 61   ILE A CA  1 
ATOM   454  C C   . ILE A 1 60  ? 5.368   0.832   18.147  1.00 36.68 ? 61   ILE A C   1 
ATOM   455  O O   . ILE A 1 60  ? 4.597   0.252   17.383  1.00 38.59 ? 61   ILE A O   1 
ATOM   456  C CB  . ILE A 1 60  ? 7.180   2.393   17.474  1.00 35.63 ? 61   ILE A CB  1 
ATOM   457  C CG1 . ILE A 1 60  ? 6.435   2.872   16.212  1.00 34.97 ? 61   ILE A CG1 1 
ATOM   458  C CG2 . ILE A 1 60  ? 8.682   2.544   17.363  1.00 35.38 ? 61   ILE A CG2 1 
ATOM   459  C CD1 . ILE A 1 60  ? 6.658   4.335   15.899  1.00 35.76 ? 61   ILE A CD1 1 
ATOM   460  N N   . THR A 1 61  ? 5.000   1.394   19.286  1.00 37.46 ? 62   THR A N   1 
ATOM   461  C CA  . THR A 1 61  ? 3.612   1.358   19.756  1.00 37.91 ? 62   THR A CA  1 
ATOM   462  C C   . THR A 1 61  ? 2.747   2.401   19.040  1.00 37.80 ? 62   THR A C   1 
ATOM   463  O O   . THR A 1 61  ? 3.263   3.364   18.437  1.00 38.91 ? 62   THR A O   1 
ATOM   464  C CB  . THR A 1 61  ? 3.544   1.607   21.248  1.00 38.39 ? 62   THR A CB  1 
ATOM   465  O OG1 . THR A 1 61  ? 4.103   2.899   21.541  1.00 41.11 ? 62   THR A OG1 1 
ATOM   466  C CG2 . THR A 1 61  ? 4.328   0.530   21.975  1.00 39.99 ? 62   THR A CG2 1 
ATOM   467  N N   . GLN A 1 62  ? 1.437   2.173   19.076  1.00 36.58 ? 63   GLN A N   1 
ATOM   468  C CA  . GLN A 1 62  ? 0.469   3.160   18.639  1.00 36.46 ? 63   GLN A CA  1 
ATOM   469  C C   . GLN A 1 62  ? -0.128  3.879   19.840  1.00 36.42 ? 63   GLN A C   1 
ATOM   470  O O   . GLN A 1 62  ? -0.156  3.334   20.966  1.00 36.01 ? 63   GLN A O   1 
ATOM   471  C CB  . GLN A 1 62  ? -0.650  2.502   17.848  1.00 35.96 ? 63   GLN A CB  1 
ATOM   472  C CG  . GLN A 1 62  ? -0.194  1.872   16.567  1.00 35.38 ? 63   GLN A CG  1 
ATOM   473  C CD  . GLN A 1 62  ? -1.322  1.583   15.628  1.00 35.36 ? 63   GLN A CD  1 
ATOM   474  O OE1 . GLN A 1 62  ? -2.284  2.355   15.544  1.00 36.27 ? 63   GLN A OE1 1 
ATOM   475  N NE2 . GLN A 1 62  ? -1.212  0.487   14.886  1.00 32.10 ? 63   GLN A NE2 1 
ATOM   476  N N   . PRO A 1 63  ? -0.627  5.094   19.622  1.00 34.83 ? 64   PRO A N   1 
ATOM   477  C CA  . PRO A 1 63  ? -0.690  5.843   18.366  1.00 33.88 ? 64   PRO A CA  1 
ATOM   478  C C   . PRO A 1 63  ? 0.636   6.460   17.930  1.00 32.72 ? 64   PRO A C   1 
ATOM   479  O O   . PRO A 1 63  ? 1.562   6.631   18.730  1.00 33.66 ? 64   PRO A O   1 
ATOM   480  C CB  . PRO A 1 63  ? -1.683  6.954   18.679  1.00 33.01 ? 64   PRO A CB  1 
ATOM   481  C CG  . PRO A 1 63  ? -1.550  7.160   20.125  1.00 34.45 ? 64   PRO A CG  1 
ATOM   482  C CD  . PRO A 1 63  ? -1.220  5.857   20.734  1.00 34.82 ? 64   PRO A CD  1 
ATOM   483  N N   . LEU A 1 64  ? 0.699   6.782   16.646  1.00 30.50 ? 65   LEU A N   1 
ATOM   484  C CA  . LEU A 1 64  ? 1.740   7.624   16.116  1.00 29.65 ? 65   LEU A CA  1 
ATOM   485  C C   . LEU A 1 64  ? 1.479   9.057   16.576  1.00 29.42 ? 65   LEU A C   1 
ATOM   486  O O   . LEU A 1 64  ? 0.315   9.456   16.755  1.00 30.50 ? 65   LEU A O   1 
ATOM   487  C CB  . LEU A 1 64  ? 1.761   7.563   14.606  1.00 28.81 ? 65   LEU A CB  1 
ATOM   488  C CG  . LEU A 1 64  ? 1.878   6.164   14.011  1.00 30.35 ? 65   LEU A CG  1 
ATOM   489  C CD1 . LEU A 1 64  ? 1.833   6.228   12.522  1.00 29.86 ? 65   LEU A CD1 1 
ATOM   490  C CD2 . LEU A 1 64  ? 3.135   5.481   14.521  1.00 29.48 ? 65   LEU A CD2 1 
ATOM   491  N N   . ILE A 1 65  ? 2.553   9.813   16.773  1.00 28.97 ? 66   ILE A N   1 
ATOM   492  C CA  . ILE A 1 65  ? 2.453   11.159  17.323  1.00 29.55 ? 66   ILE A CA  1 
ATOM   493  C C   . ILE A 1 65  ? 2.818   12.188  16.254  1.00 29.18 ? 66   ILE A C   1 
ATOM   494  O O   . ILE A 1 65  ? 3.847   12.053  15.594  1.00 30.33 ? 66   ILE A O   1 
ATOM   495  C CB  . ILE A 1 65  ? 3.370   11.354  18.557  1.00 31.16 ? 66   ILE A CB  1 
ATOM   496  C CG1 . ILE A 1 65  ? 3.101   10.262  19.618  1.00 34.91 ? 66   ILE A CG1 1 
ATOM   497  C CG2 . ILE A 1 65  ? 3.185   12.825  19.130  1.00 30.82 ? 66   ILE A CG2 1 
ATOM   498  C CD1 . ILE A 1 65  ? 1.676   10.211  20.139  1.00 35.24 ? 66   ILE A CD1 1 
ATOM   499  N N   . ILE A 1 66  ? 1.984   13.214  16.135  1.00 29.19 ? 67   ILE A N   1 
ATOM   500  C CA  . ILE A 1 66  ? 2.156   14.312  15.178  1.00 29.12 ? 67   ILE A CA  1 
ATOM   501  C C   . ILE A 1 66  ? 2.672   15.527  15.929  1.00 31.08 ? 67   ILE A C   1 
ATOM   502  O O   . ILE A 1 66  ? 2.070   15.938  16.933  1.00 31.20 ? 67   ILE A O   1 
ATOM   503  C CB  . ILE A 1 66  ? 0.824   14.690  14.502  1.00 29.74 ? 67   ILE A CB  1 
ATOM   504  C CG1 . ILE A 1 66  ? 0.168   13.460  13.850  1.00 29.42 ? 67   ILE A CG1 1 
ATOM   505  C CG2 . ILE A 1 66  ? 1.038   15.783  13.432  1.00 28.62 ? 67   ILE A CG2 1 
ATOM   506  C CD1 . ILE A 1 66  ? -1.338  13.649  13.518  1.00 28.06 ? 67   ILE A CD1 1 
ATOM   507  N N   . ASN A 1 67  ? 3.770   16.108  15.439  1.00 31.08 ? 68   ASN A N   1 
ATOM   508  C CA  . ASN A 1 67  ? 4.371   17.284  16.079  1.00 30.18 ? 68   ASN A CA  1 
ATOM   509  C C   . ASN A 1 67  ? 3.687   18.629  15.693  1.00 30.42 ? 68   ASN A C   1 
ATOM   510  O O   . ASN A 1 67  ? 2.654   18.650  14.996  1.00 29.82 ? 68   ASN A O   1 
ATOM   511  C CB  . ASN A 1 67  ? 5.913   17.249  15.878  1.00 29.74 ? 68   ASN A CB  1 
ATOM   512  C CG  . ASN A 1 67  ? 6.366   17.847  14.566  1.00 27.90 ? 68   ASN A CG  1 
ATOM   513  O OD1 . ASN A 1 67  ? 5.556   18.098  13.691  1.00 29.80 ? 68   ASN A OD1 1 
ATOM   514  N ND2 . ASN A 1 67  ? 7.659   18.146  14.454  1.00 30.13 ? 68   ASN A ND2 1 
ATOM   515  N N   . ALA A 1 68  ? 4.242   19.748  16.165  1.00 32.24 ? 69   ALA A N   1 
ATOM   516  C CA  . ALA A 1 68  ? 3.690   21.085  15.904  1.00 31.43 ? 69   ALA A CA  1 
ATOM   517  C C   . ALA A 1 68  ? 3.681   21.465  14.418  1.00 32.21 ? 69   ALA A C   1 
ATOM   518  O O   . ALA A 1 68  ? 2.905   22.325  14.015  1.00 31.16 ? 69   ALA A O   1 
ATOM   519  C CB  . ALA A 1 68  ? 4.448   22.166  16.720  1.00 33.19 ? 69   ALA A CB  1 
ATOM   520  N N   . ALA A 1 69  ? 4.561   20.815  13.638  1.00 30.02 ? 70   ALA A N   1 
ATOM   521  C CA  . ALA A 1 69  ? 4.659   20.990  12.197  1.00 30.28 ? 70   ALA A CA  1 
ATOM   522  C C   . ALA A 1 69  ? 3.694   20.091  11.412  1.00 28.92 ? 70   ALA A C   1 
ATOM   523  O O   . ALA A 1 69  ? 3.570   20.238  10.202  1.00 30.45 ? 70   ALA A O   1 
ATOM   524  C CB  . ALA A 1 69  ? 6.088   20.705  11.738  1.00 31.14 ? 70   ALA A CB  1 
ATOM   525  N N   . GLY A 1 70  ? 2.991   19.191  12.096  1.00 28.78 ? 71   GLY A N   1 
ATOM   526  C CA  . GLY A 1 70  ? 2.106   18.257  11.420  1.00 28.03 ? 71   GLY A CA  1 
ATOM   527  C C   . GLY A 1 70  ? 2.851   17.048  10.866  1.00 27.36 ? 71   GLY A C   1 
ATOM   528  O O   . GLY A 1 70  ? 2.303   16.353  10.004  1.00 26.72 ? 71   GLY A O   1 
ATOM   529  N N   . LYS A 1 71  ? 4.064   16.775  11.367  1.00 27.16 ? 72   LYS A N   1 
ATOM   530  C CA  . LYS A 1 71  ? 4.869   15.621  10.902  1.00 26.33 ? 72   LYS A CA  1 
ATOM   531  C C   . LYS A 1 71  ? 4.982   14.551  11.999  1.00 25.72 ? 72   LYS A C   1 
ATOM   532  O O   . LYS A 1 71  ? 4.953   14.834  13.188  1.00 26.81 ? 72   LYS A O   1 
ATOM   533  C CB  . LYS A 1 71  ? 6.259   16.059  10.423  1.00 25.39 ? 72   LYS A CB  1 
ATOM   534  C CG  . LYS A 1 71  ? 6.193   16.991  9.219   1.00 26.30 ? 72   LYS A CG  1 
ATOM   535  C CD  . LYS A 1 71  ? 7.541   17.602  8.852   1.00 25.77 ? 72   LYS A CD  1 
ATOM   536  C CE  . LYS A 1 71  ? 7.365   18.587  7.714   1.00 26.73 ? 72   LYS A CE  1 
ATOM   537  N NZ  . LYS A 1 71  ? 8.640   19.070  7.058   1.00 27.68 ? 72   LYS A NZ  1 
ATOM   538  N N   . ILE A 1 72  ? 5.121   13.302  11.583  1.00 24.91 ? 73   ILE A N   1 
ATOM   539  C CA  . ILE A 1 72  ? 5.225   12.208  12.538  1.00 24.98 ? 73   ILE A CA  1 
ATOM   540  C C   . ILE A 1 72  ? 6.617   12.192  13.187  1.00 26.70 ? 73   ILE A C   1 
ATOM   541  O O   . ILE A 1 72  ? 7.649   12.261  12.504  1.00 26.44 ? 73   ILE A O   1 
ATOM   542  C CB  . ILE A 1 72  ? 4.908   10.800  11.901  1.00 23.91 ? 73   ILE A CB  1 
ATOM   543  C CG1 . ILE A 1 72  ? 3.494   10.767  11.270  1.00 24.89 ? 73   ILE A CG1 1 
ATOM   544  C CG2 . ILE A 1 72  ? 5.016   9.748   12.963  1.00 23.36 ? 73   ILE A CG2 1 
ATOM   545  C CD1 . ILE A 1 72  ? 3.253   9.539   10.309  1.00 26.49 ? 73   ILE A CD1 1 
ATOM   546  N N   . VAL A 1 73  ? 6.608   12.097  14.518  1.00 27.61 ? 74   VAL A N   1 
ATOM   547  C CA  . VAL A 1 73  ? 7.813   12.063  15.332  1.00 28.60 ? 74   VAL A CA  1 
ATOM   548  C C   . VAL A 1 73  ? 7.884   10.889  16.280  1.00 30.69 ? 74   VAL A C   1 
ATOM   549  O O   . VAL A 1 73  ? 6.853   10.338  16.713  1.00 31.98 ? 74   VAL A O   1 
ATOM   550  C CB  . VAL A 1 73  ? 7.933   13.405  16.154  1.00 27.93 ? 74   VAL A CB  1 
ATOM   551  C CG1 . VAL A 1 73  ? 8.313   14.512  15.211  1.00 28.23 ? 74   VAL A CG1 1 
ATOM   552  C CG2 . VAL A 1 73  ? 6.631   13.702  16.939  1.00 30.38 ? 74   VAL A CG2 1 
ATOM   553  N N   . TYR A 1 74  ? 9.112   10.523  16.637  1.00 33.28 ? 75   TYR A N   1 
ATOM   554  C CA  . TYR A 1 74  ? 9.358   9.525   17.686  1.00 34.88 ? 75   TYR A CA  1 
ATOM   555  C C   . TYR A 1 74  ? 10.612  9.954   18.430  1.00 36.94 ? 75   TYR A C   1 
ATOM   556  O O   . TYR A 1 74  ? 11.634  10.275  17.806  1.00 37.11 ? 75   TYR A O   1 
ATOM   557  C CB  . TYR A 1 74  ? 9.563   8.131   17.094  1.00 36.73 ? 75   TYR A CB  1 
ATOM   558  C CG  . TYR A 1 74  ? 9.618   7.040   18.138  1.00 36.96 ? 75   TYR A CG  1 
ATOM   559  C CD1 . TYR A 1 74  ? 8.454   6.506   18.655  1.00 37.91 ? 75   TYR A CD1 1 
ATOM   560  C CD2 . TYR A 1 74  ? 10.832  6.526   18.580  1.00 37.99 ? 75   TYR A CD2 1 
ATOM   561  C CE1 . TYR A 1 74  ? 8.479   5.507   19.610  1.00 39.68 ? 75   TYR A CE1 1 
ATOM   562  C CE2 . TYR A 1 74  ? 10.861  5.493   19.539  1.00 39.21 ? 75   TYR A CE2 1 
ATOM   563  C CZ  . TYR A 1 74  ? 9.679   5.004   20.038  1.00 39.40 ? 75   TYR A CZ  1 
ATOM   564  O OH  . TYR A 1 74  ? 9.657   4.002   20.992  1.00 41.59 ? 75   TYR A OH  1 
ATOM   565  N N   . ASN A 1 75  ? 10.529  10.004  19.757  1.00 40.25 ? 76   ASN A N   1 
ATOM   566  C CA  . ASN A 1 75  ? 11.682  10.445  20.563  1.00 40.40 ? 76   ASN A CA  1 
ATOM   567  C C   . ASN A 1 75  ? 12.301  11.748  20.023  1.00 41.64 ? 76   ASN A C   1 
ATOM   568  O O   . ASN A 1 75  ? 13.522  11.904  19.953  1.00 44.29 ? 76   ASN A O   1 
ATOM   569  C CB  A ASN A 1 75  ? 12.753  9.351   20.639  0.50 41.50 ? 76   ASN A CB  1 
ATOM   570  C CB  B ASN A 1 75  ? 12.720  9.320   20.685  0.50 41.28 ? 76   ASN A CB  1 
ATOM   571  C CG  A ASN A 1 75  ? 13.828  9.661   21.675  0.50 41.66 ? 76   ASN A CG  1 
ATOM   572  C CG  B ASN A 1 75  ? 12.318  8.263   21.708  0.50 40.54 ? 76   ASN A CG  1 
ATOM   573  O OD1 A ASN A 1 75  ? 13.524  10.167  22.753  0.50 43.50 ? 76   ASN A OD1 1 
ATOM   574  O OD1 B ASN A 1 75  ? 11.389  8.463   22.485  0.50 41.21 ? 76   ASN A OD1 1 
ATOM   575  N ND2 A ASN A 1 75  ? 15.085  9.379   21.344  0.50 42.31 ? 76   ASN A ND2 1 
ATOM   576  N ND2 B ASN A 1 75  ? 13.013  7.131   21.702  0.50 43.33 ? 76   ASN A ND2 1 
ATOM   577  N N   . GLY A 1 76  ? 11.428  12.669  19.642  1.00 41.67 ? 77   GLY A N   1 
ATOM   578  C CA  . GLY A 1 76  ? 11.816  14.028  19.299  1.00 41.52 ? 77   GLY A CA  1 
ATOM   579  C C   . GLY A 1 76  ? 12.369  14.229  17.904  1.00 41.62 ? 77   GLY A C   1 
ATOM   580  O O   . GLY A 1 76  ? 12.841  15.329  17.582  1.00 41.87 ? 77   GLY A O   1 
ATOM   581  N N   . GLN A 1 77  ? 12.321  13.183  17.075  1.00 38.85 ? 78   GLN A N   1 
ATOM   582  C CA  . GLN A 1 77  ? 12.897  13.243  15.740  1.00 38.01 ? 78   GLN A CA  1 
ATOM   583  C C   . GLN A 1 77  ? 11.879  12.823  14.685  1.00 34.10 ? 78   GLN A C   1 
ATOM   584  O O   . GLN A 1 77  ? 11.053  11.955  14.933  1.00 31.97 ? 78   GLN A O   1 
ATOM   585  C CB  . GLN A 1 77  ? 14.099  12.312  15.644  1.00 40.57 ? 78   GLN A CB  1 
ATOM   586  C CG  . GLN A 1 77  ? 15.166  12.515  16.772  1.00 43.79 ? 78   GLN A CG  1 
ATOM   587  C CD  . GLN A 1 77  ? 16.105  13.690  16.517  1.00 47.63 ? 78   GLN A CD  1 
ATOM   588  O OE1 . GLN A 1 77  ? 15.840  14.565  15.680  1.00 48.93 ? 78   GLN A OE1 1 
ATOM   589  N NE2 . GLN A 1 77  ? 17.225  13.710  17.247  1.00 48.34 ? 78   GLN A NE2 1 
ATOM   590  N N   . LEU A 1 78  ? 12.000  13.413  13.503  1.00 32.57 ? 79   LEU A N   1 
ATOM   591  C CA  . LEU A 1 78  ? 11.196  13.001  12.348  1.00 32.98 ? 79   LEU A CA  1 
ATOM   592  C C   . LEU A 1 78  ? 11.463  11.544  12.039  1.00 33.03 ? 79   LEU A C   1 
ATOM   593  O O   . LEU A 1 78  ? 12.622  11.103  12.063  1.00 32.51 ? 79   LEU A O   1 
ATOM   594  C CB  . LEU A 1 78  ? 11.521  13.830  11.113  1.00 31.99 ? 79   LEU A CB  1 
ATOM   595  C CG  . LEU A 1 78  ? 11.236  15.329  11.139  1.00 31.90 ? 79   LEU A CG  1 
ATOM   596  C CD1 . LEU A 1 78  ? 11.555  15.947  9.750   1.00 29.19 ? 79   LEU A CD1 1 
ATOM   597  C CD2 . LEU A 1 78  ? 9.803   15.609  11.534  1.00 29.55 ? 79   LEU A CD2 1 
ATOM   598  N N   . VAL A 1 79  ? 10.411  10.793  11.733  1.00 32.30 ? 80   VAL A N   1 
ATOM   599  C CA  . VAL A 1 79  ? 10.584  9.383   11.366  1.00 32.06 ? 80   VAL A CA  1 
ATOM   600  C C   . VAL A 1 79  ? 9.726   8.976   10.162  1.00 31.51 ? 80   VAL A C   1 
ATOM   601  O O   . VAL A 1 79  ? 8.658   9.545   9.929   1.00 30.65 ? 80   VAL A O   1 
ATOM   602  C CB  . VAL A 1 79  ? 10.285  8.424   12.551  1.00 32.31 ? 80   VAL A CB  1 
ATOM   603  C CG1 . VAL A 1 79  ? 11.363  8.523   13.647  1.00 32.62 ? 80   VAL A CG1 1 
ATOM   604  C CG2 . VAL A 1 79  ? 8.880   8.631   13.103  1.00 33.17 ? 80   VAL A CG2 1 
ATOM   605  N N   . LYS A 1 80  ? 10.219  7.964   9.442   1.00 31.45 ? 81   LYS A N   1 
ATOM   606  C CA  . LYS A 1 80  ? 9.524   7.282   8.343   1.00 32.06 ? 81   LYS A CA  1 
ATOM   607  C C   . LYS A 1 80  ? 8.836   6.052   8.929   1.00 31.77 ? 81   LYS A C   1 
ATOM   608  O O   . LYS A 1 80  ? 9.524   5.159   9.416   1.00 32.80 ? 81   LYS A O   1 
ATOM   609  C CB  . LYS A 1 80  ? 10.554  6.840   7.304   1.00 32.23 ? 81   LYS A CB  1 
ATOM   610  C CG  . LYS A 1 80  ? 9.996   6.221   6.023   1.00 33.93 ? 81   LYS A CG  1 
ATOM   611  C CD  . LYS A 1 80  ? 11.108  5.774   5.102   1.00 33.86 ? 81   LYS A CD  1 
ATOM   612  C CE  . LYS A 1 80  ? 10.520  5.235   3.791   1.00 34.08 ? 81   LYS A CE  1 
ATOM   613  N NZ  . LYS A 1 80  ? 11.552  4.538   2.967   1.00 36.00 ? 81   LYS A NZ  1 
ATOM   614  N N   . ILE A 1 81  ? 7.500   6.037   8.937   1.00 30.12 ? 82   ILE A N   1 
ATOM   615  C CA  . ILE A 1 81  ? 6.726   4.902   9.461   1.00 30.40 ? 82   ILE A CA  1 
ATOM   616  C C   . ILE A 1 81  ? 6.218   4.077   8.301   1.00 31.90 ? 82   ILE A C   1 
ATOM   617  O O   . ILE A 1 81  ? 5.691   4.626   7.317   1.00 30.99 ? 82   ILE A O   1 
ATOM   618  C CB  . ILE A 1 81  ? 5.525   5.334   10.321  1.00 31.59 ? 82   ILE A CB  1 
ATOM   619  C CG1 . ILE A 1 81  ? 5.973   6.273   11.447  1.00 30.81 ? 82   ILE A CG1 1 
ATOM   620  C CG2 . ILE A 1 81  ? 4.815   4.129   10.916  1.00 29.66 ? 82   ILE A CG2 1 
ATOM   621  C CD1 . ILE A 1 81  ? 7.088   5.699   12.383  1.00 31.75 ? 82   ILE A CD1 1 
ATOM   622  N N   . VAL A 1 82  ? 6.376   2.770   8.421   1.00 31.43 ? 83   VAL A N   1 
ATOM   623  C CA  . VAL A 1 82  ? 5.894   1.837   7.414   1.00 32.34 ? 83   VAL A CA  1 
ATOM   624  C C   . VAL A 1 82  ? 5.005   0.781   8.001   1.00 34.22 ? 83   VAL A C   1 
ATOM   625  O O   . VAL A 1 82  ? 5.049   0.464   9.195   1.00 31.86 ? 83   VAL A O   1 
ATOM   626  C CB  . VAL A 1 82  ? 7.035   1.180   6.608   1.00 33.61 ? 83   VAL A CB  1 
ATOM   627  C CG1 . VAL A 1 82  ? 7.880   2.242   5.928   1.00 35.37 ? 83   VAL A CG1 1 
ATOM   628  C CG2 . VAL A 1 82  ? 7.884   0.289   7.505   1.00 32.10 ? 83   VAL A CG2 1 
ATOM   629  N N   . THR A 1 83  ? 4.171   0.249   7.117   1.00 37.25 ? 84   THR A N   1 
ATOM   630  C CA  . THR A 1 83  ? 3.192   -0.729  7.453   1.00 39.74 ? 84   THR A CA  1 
ATOM   631  C C   . THR A 1 83  ? 2.770   -1.403  6.148   1.00 41.78 ? 84   THR A C   1 
ATOM   632  O O   . THR A 1 83  ? 3.388   -1.185  5.099   1.00 42.28 ? 84   THR A O   1 
ATOM   633  C CB  . THR A 1 83  ? 1.992   -0.019  8.112   1.00 40.44 ? 84   THR A CB  1 
ATOM   634  O OG1 . THR A 1 83  ? 1.272   -0.940  8.907   1.00 40.13 ? 84   THR A OG1 1 
ATOM   635  C CG2 . THR A 1 83  ? 1.071   0.589   7.059   1.00 41.34 ? 84   THR A CG2 1 
ATOM   636  N N   . VAL A 1 84  ? 1.717   -2.213  6.207   1.00 41.95 ? 85   VAL A N   1 
ATOM   637  C CA  . VAL A 1 84  ? 1.208   -2.920  5.033   1.00 41.94 ? 85   VAL A CA  1 
ATOM   638  C C   . VAL A 1 84  ? 0.421   -1.941  4.173   1.00 42.10 ? 85   VAL A C   1 
ATOM   639  O O   . VAL A 1 84  ? -0.299  -1.106  4.713   1.00 41.47 ? 85   VAL A O   1 
ATOM   640  C CB  . VAL A 1 84  ? 0.298   -4.103  5.450   1.00 42.34 ? 85   VAL A CB  1 
ATOM   641  C CG1 . VAL A 1 84  ? -0.350  -4.760  4.248   1.00 43.37 ? 85   VAL A CG1 1 
ATOM   642  C CG2 . VAL A 1 84  ? 1.078   -5.092  6.231   1.00 42.11 ? 85   VAL A CG2 1 
ATOM   643  N N   . GLN A 1 85  ? 0.602   -2.019  2.849   1.00 41.15 ? 86   GLN A N   1 
ATOM   644  C CA  . GLN A 1 85  ? -0.019  -1.074  1.906   1.00 42.75 ? 86   GLN A CA  1 
ATOM   645  C C   . GLN A 1 85  ? -1.512  -0.858  2.206   1.00 42.23 ? 86   GLN A C   1 
ATOM   646  O O   . GLN A 1 85  ? -1.991  0.287   2.289   1.00 43.46 ? 86   GLN A O   1 
ATOM   647  C CB  . GLN A 1 85  ? 0.182   -1.541  0.449   1.00 43.71 ? 86   GLN A CB  1 
ATOM   648  C CG  . GLN A 1 85  ? 0.737   -0.448  -0.423  1.00 46.42 ? 86   GLN A CG  1 
ATOM   649  C CD  . GLN A 1 85  ? 0.889   -0.807  -1.885  1.00 47.06 ? 86   GLN A CD  1 
ATOM   650  O OE1 . GLN A 1 85  ? 1.241   0.057   -2.692  1.00 51.13 ? 86   GLN A OE1 1 
ATOM   651  N NE2 . GLN A 1 85  ? 0.659   -2.060  -2.231  1.00 43.96 ? 86   GLN A NE2 1 
ATOM   652  N N   . GLY A 1 86  ? -2.222  -1.965  2.401   1.00 41.17 ? 87   GLY A N   1 
ATOM   653  C CA  . GLY A 1 86  ? -3.636  -1.968  2.766   1.00 39.60 ? 87   GLY A CA  1 
ATOM   654  C C   . GLY A 1 86  ? -3.844  -1.827  4.254   1.00 38.98 ? 87   GLY A C   1 
ATOM   655  O O   . GLY A 1 86  ? -3.584  -2.745  5.042   1.00 39.25 ? 87   GLY A O   1 
ATOM   656  N N   . HIS A 1 87  ? -4.308  -0.643  4.649   1.00 36.22 ? 88   HIS A N   1 
ATOM   657  C CA  . HIS A 1 87  ? -4.602  -0.366  6.035   1.00 34.12 ? 88   HIS A CA  1 
ATOM   658  C C   . HIS A 1 87  ? -5.604  0.798   6.125   1.00 31.77 ? 88   HIS A C   1 
ATOM   659  O O   . HIS A 1 87  ? -5.722  1.623   5.223   1.00 28.73 ? 88   HIS A O   1 
ATOM   660  C CB  . HIS A 1 87  ? -3.338  -0.037  6.836   1.00 34.79 ? 88   HIS A CB  1 
ATOM   661  C CG  . HIS A 1 87  ? -2.637  1.206   6.379   1.00 34.61 ? 88   HIS A CG  1 
ATOM   662  N ND1 . HIS A 1 87  ? -1.740  1.214   5.328   1.00 38.09 ? 88   HIS A ND1 1 
ATOM   663  C CD2 . HIS A 1 87  ? -2.729  2.487   6.810   1.00 33.56 ? 88   HIS A CD2 1 
ATOM   664  C CE1 . HIS A 1 87  ? -1.295  2.451   5.147   1.00 39.72 ? 88   HIS A CE1 1 
ATOM   665  N NE2 . HIS A 1 87  ? -1.878  3.243   6.037   1.00 34.18 ? 88   HIS A NE2 1 
ATOM   666  N N   . SER A 1 88  ? -6.368  0.780   7.198   1.00 31.09 ? 89   SER A N   1 
ATOM   667  C CA  . SER A 1 88  ? -7.177  1.927   7.627   1.00 29.86 ? 89   SER A CA  1 
ATOM   668  C C   . SER A 1 88  ? -6.360  2.894   8.469   1.00 29.12 ? 89   SER A C   1 
ATOM   669  O O   . SER A 1 88  ? -5.334  2.531   9.067   1.00 29.60 ? 89   SER A O   1 
ATOM   670  C CB  . SER A 1 88  ? -8.384  1.415   8.433   1.00 28.18 ? 89   SER A CB  1 
ATOM   671  O OG  . SER A 1 88  ? -7.953  0.802   9.632   1.00 30.73 ? 89   SER A OG  1 
ATOM   672  N N   . MET A 1 89  ? -6.814  4.156   8.545   1.00 28.16 ? 90   MET A N   1 
ATOM   673  C CA  . MET A 1 89  ? -6.120  5.160   9.325   1.00 28.87 ? 90   MET A CA  1 
ATOM   674  C C   . MET A 1 89  ? -7.163  6.087   9.894   1.00 28.33 ? 90   MET A C   1 
ATOM   675  O O   . MET A 1 89  ? -8.125  6.451   9.186   1.00 28.49 ? 90   MET A O   1 
ATOM   676  C CB  . MET A 1 89  ? -5.139  5.993   8.453   1.00 29.40 ? 90   MET A CB  1 
ATOM   677  C CG  . MET A 1 89  ? -4.530  7.197   9.158   1.00 28.55 ? 90   MET A CG  1 
ATOM   678  S SD  . MET A 1 89  ? -3.221  8.015   8.194   1.00 28.86 ? 90   MET A SD  1 
ATOM   679  C CE  . MET A 1 89  ? -4.212  8.814   6.905   1.00 31.52 ? 90   MET A CE  1 
ATOM   680  N N   . ALA A 1 90  ? -6.966  6.446   11.160  1.00 28.05 ? 91   ALA A N   1 
ATOM   681  C CA  . ALA A 1 90  ? -7.794  7.428   11.848  1.00 27.95 ? 91   ALA A CA  1 
ATOM   682  C C   . ALA A 1 90  ? -6.874  8.442   12.475  1.00 28.25 ? 91   ALA A C   1 
ATOM   683  O O   . ALA A 1 90  ? -5.843  8.080   13.093  1.00 28.78 ? 91   ALA A O   1 
ATOM   684  C CB  . ALA A 1 90  ? -8.680  6.762   12.921  1.00 28.22 ? 91   ALA A CB  1 
ATOM   685  N N   . ILE A 1 91  ? -7.240  9.717   12.342  1.00 27.50 ? 92   ILE A N   1 
ATOM   686  C CA  . ILE A 1 91  ? -6.413  10.801  12.836  1.00 26.89 ? 92   ILE A CA  1 
ATOM   687  C C   . ILE A 1 91  ? -7.243  11.634  13.827  1.00 27.89 ? 92   ILE A C   1 
ATOM   688  O O   . ILE A 1 91  ? -8.376  12.025  13.487  1.00 27.66 ? 92   ILE A O   1 
ATOM   689  C CB  . ILE A 1 91  ? -5.957  11.763  11.677  1.00 26.99 ? 92   ILE A CB  1 
ATOM   690  C CG1 . ILE A 1 91  ? -5.169  11.014  10.577  1.00 26.52 ? 92   ILE A CG1 1 
ATOM   691  C CG2 . ILE A 1 91  ? -5.095  12.848  12.262  1.00 28.04 ? 92   ILE A CG2 1 
ATOM   692  C CD1 . ILE A 1 91  ? -5.111  11.747  9.168   1.00 24.86 ? 92   ILE A CD1 1 
ATOM   693  N N   . TYR A 1 92  ? -6.675  11.914  14.994  1.00 28.30 ? 93   TYR A N   1 
ATOM   694  C CA  . TYR A 1 92  ? -7.334  12.710  16.069  1.00 30.95 ? 93   TYR A CA  1 
ATOM   695  C C   . TYR A 1 92  ? -6.474  13.881  16.498  1.00 31.29 ? 93   TYR A C   1 
ATOM   696  O O   . TYR A 1 92  ? -5.233  13.772  16.556  1.00 30.25 ? 93   TYR A O   1 
ATOM   697  C CB  . TYR A 1 92  ? -7.632  11.818  17.289  1.00 32.53 ? 93   TYR A CB  1 
ATOM   698  C CG  . TYR A 1 92  ? -8.659  10.751  16.978  1.00 32.84 ? 93   TYR A CG  1 
ATOM   699  C CD1 . TYR A 1 92  ? -8.298  9.584   16.298  1.00 32.76 ? 93   TYR A CD1 1 
ATOM   700  C CD2 . TYR A 1 92  ? -10.000 10.924  17.315  1.00 34.79 ? 93   TYR A CD2 1 
ATOM   701  C CE1 . TYR A 1 92  ? -9.251  8.619   15.997  1.00 33.42 ? 93   TYR A CE1 1 
ATOM   702  C CE2 . TYR A 1 92  ? -10.946 9.965   17.014  1.00 34.61 ? 93   TYR A CE2 1 
ATOM   703  C CZ  . TYR A 1 92  ? -10.560 8.827   16.333  1.00 34.56 ? 93   TYR A CZ  1 
ATOM   704  O OH  . TYR A 1 92  ? -11.523 7.892   16.025  1.00 36.47 ? 93   TYR A OH  1 
ATOM   705  N N   . ASP A 1 93  ? -7.114  15.007  16.824  1.00 34.06 ? 94   ASP A N   1 
ATOM   706  C CA  . ASP A 1 93  ? -6.378  16.181  17.301  1.00 35.41 ? 94   ASP A CA  1 
ATOM   707  C C   . ASP A 1 93  ? -6.130  16.107  18.813  1.00 36.79 ? 94   ASP A C   1 
ATOM   708  O O   . ASP A 1 93  ? -6.518  15.134  19.459  1.00 35.27 ? 94   ASP A O   1 
ATOM   709  C CB  . ASP A 1 93  ? -7.032  17.507  16.842  1.00 37.50 ? 94   ASP A CB  1 
ATOM   710  C CG  . ASP A 1 93  ? -8.393  17.814  17.500  1.00 38.63 ? 94   ASP A CG  1 
ATOM   711  O OD1 . ASP A 1 93  ? -8.742  17.227  18.531  1.00 38.90 ? 94   ASP A OD1 1 
ATOM   712  O OD2 . ASP A 1 93  ? -9.120  18.679  16.938  1.00 39.09 ? 94   ASP A OD2 1 
ATOM   713  N N   . ALA A 1 94  ? -5.463  17.121  19.363  1.00 37.97 ? 95   ALA A N   1 
ATOM   714  C CA  . ALA A 1 94  ? -5.041  17.091  20.773  1.00 39.46 ? 95   ALA A CA  1 
ATOM   715  C C   . ALA A 1 94  ? -6.253  17.156  21.716  1.00 41.06 ? 95   ALA A C   1 
ATOM   716  O O   . ALA A 1 94  ? -6.175  16.707  22.865  1.00 42.37 ? 95   ALA A O   1 
ATOM   717  C CB  . ALA A 1 94  ? -4.090  18.225  21.065  1.00 39.80 ? 95   ALA A CB  1 
ATOM   718  N N   . ASN A 1 95  ? -7.353  17.699  21.205  1.00 41.54 ? 96   ASN A N   1 
ATOM   719  C CA  . ASN A 1 95  ? -8.659  17.711  21.892  1.00 41.51 ? 96   ASN A CA  1 
ATOM   720  C C   . ASN A 1 95  ? -9.428  16.387  21.871  1.00 41.29 ? 96   ASN A C   1 
ATOM   721  O O   . ASN A 1 95  ? -10.460 16.260  22.536  1.00 41.21 ? 96   ASN A O   1 
ATOM   722  C CB  . ASN A 1 95  ? -9.539  18.795  21.264  1.00 43.07 ? 96   ASN A CB  1 
ATOM   723  C CG  . ASN A 1 95  ? -9.014  20.185  21.517  1.00 44.99 ? 96   ASN A CG  1 
ATOM   724  O OD1 . ASN A 1 95  ? -8.322  20.425  22.509  1.00 47.79 ? 96   ASN A OD1 1 
ATOM   725  N ND2 . ASN A 1 95  ? -9.326  21.110  20.617  1.00 46.08 ? 96   ASN A ND2 1 
ATOM   726  N N   . GLY A 1 96  ? -8.936  15.412  21.110  1.00 39.65 ? 97   GLY A N   1 
ATOM   727  C CA  . GLY A 1 96  ? -9.602  14.131  20.924  1.00 39.13 ? 97   GLY A CA  1 
ATOM   728  C C   . GLY A 1 96  ? -10.683 14.120  19.859  1.00 38.22 ? 97   GLY A C   1 
ATOM   729  O O   . GLY A 1 96  ? -11.394 13.141  19.728  1.00 37.26 ? 97   GLY A O   1 
ATOM   730  N N   . SER A 1 97  ? -10.814 15.204  19.098  1.00 37.57 ? 98   SER A N   1 
ATOM   731  C CA  . SER A 1 97  ? -11.763 15.262  17.985  1.00 37.83 ? 98   SER A CA  1 
ATOM   732  C C   . SER A 1 97  ? -11.195 14.544  16.763  1.00 35.74 ? 98   SER A C   1 
ATOM   733  O O   . SER A 1 97  ? -10.018 14.682  16.469  1.00 34.41 ? 98   SER A O   1 
ATOM   734  C CB  . SER A 1 97  ? -12.053 16.696  17.590  1.00 39.12 ? 98   SER A CB  1 
ATOM   735  O OG  . SER A 1 97  ? -12.807 17.335  18.597  1.00 44.38 ? 98   SER A OG  1 
ATOM   736  N N   . GLN A 1 98  ? -12.034 13.798  16.066  1.00 35.31 ? 99   GLN A N   1 
ATOM   737  C CA  . GLN A 1 98  ? -11.602 13.130  14.839  1.00 34.72 ? 99   GLN A CA  1 
ATOM   738  C C   . GLN A 1 98  ? -11.415 14.099  13.684  1.00 33.23 ? 99   GLN A C   1 
ATOM   739  O O   . GLN A 1 98  ? -12.324 14.869  13.316  1.00 32.28 ? 99   GLN A O   1 
ATOM   740  C CB  . GLN A 1 98  ? -12.561 12.012  14.426  1.00 36.25 ? 99   GLN A CB  1 
ATOM   741  C CG  . GLN A 1 98  ? -11.987 11.146  13.303  1.00 35.41 ? 99   GLN A CG  1 
ATOM   742  C CD  . GLN A 1 98  ? -12.924 10.060  12.849  1.00 39.43 ? 99   GLN A CD  1 
ATOM   743  O OE1 . GLN A 1 98  ? -13.619 10.189  11.824  1.00 41.81 ? 99   GLN A OE1 1 
ATOM   744  N NE2 . GLN A 1 98  ? -12.940 8.968   13.596  1.00 39.97 ? 99   GLN A NE2 1 
ATOM   745  N N   . VAL A 1 99  ? -10.217 14.034  13.098  1.00 29.64 ? 100  VAL A N   1 
ATOM   746  C CA  . VAL A 1 99  ? -9.822  14.846  11.937  1.00 29.43 ? 100  VAL A CA  1 
ATOM   747  C C   . VAL A 1 99  ? -10.157 14.125  10.632  1.00 30.15 ? 100  VAL A C   1 
ATOM   748  O O   . VAL A 1 99  ? -10.633 14.720  9.644   1.00 30.62 ? 100  VAL A O   1 
ATOM   749  C CB  . VAL A 1 99  ? -8.300  15.137  11.991  1.00 28.87 ? 100  VAL A CB  1 
ATOM   750  C CG1 . VAL A 1 99  ? -7.834  15.798  10.695  1.00 30.35 ? 100  VAL A CG1 1 
ATOM   751  C CG2 . VAL A 1 99  ? -7.965  16.036  13.199  1.00 28.54 ? 100  VAL A CG2 1 
ATOM   752  N N   . ASP A 1 100 ? -9.884  12.829  10.609  1.00 29.65 ? 101  ASP A N   1 
ATOM   753  C CA  . ASP A 1 100 ? -10.147 12.045  9.393   1.00 29.19 ? 101  ASP A CA  1 
ATOM   754  C C   . ASP A 1 100 ? -10.236 10.573  9.718   1.00 28.84 ? 101  ASP A C   1 
ATOM   755  O O   . ASP A 1 100 ? -9.733  10.112  10.749  1.00 28.97 ? 101  ASP A O   1 
ATOM   756  C CB  . ASP A 1 100 ? -9.017  12.270  8.369   1.00 29.58 ? 101  ASP A CB  1 
ATOM   757  C CG  . ASP A 1 100 ? -9.452  12.079  6.901   1.00 28.90 ? 101  ASP A CG  1 
ATOM   758  O OD1 . ASP A 1 100 ? -10.602 11.631  6.611   1.00 29.20 ? 101  ASP A OD1 1 
ATOM   759  O OD2 . ASP A 1 100 ? -8.628  12.473  6.033   1.00 26.55 ? 101  ASP A OD2 1 
ATOM   760  N N   . TYR A 1 101 ? -10.864 9.848   8.803   1.00 29.69 ? 102  TYR A N   1 
ATOM   761  C CA  . TYR A 1 101 ? -10.887 8.381   8.811   1.00 28.90 ? 102  TYR A CA  1 
ATOM   762  C C   . TYR A 1 101 ? -10.801 7.934   7.367   1.00 29.58 ? 102  TYR A C   1 
ATOM   763  O O   . TYR A 1 101 ? -11.607 8.378   6.519   1.00 29.47 ? 102  TYR A O   1 
ATOM   764  C CB  . TYR A 1 101 ? -12.162 7.808   9.455   1.00 29.07 ? 102  TYR A CB  1 
ATOM   765  C CG  . TYR A 1 101 ? -12.250 6.289   9.232   1.00 29.17 ? 102  TYR A CG  1 
ATOM   766  C CD1 . TYR A 1 101 ? -11.413 5.426   9.944   1.00 30.25 ? 102  TYR A CD1 1 
ATOM   767  C CD2 . TYR A 1 101 ? -13.096 5.733   8.273   1.00 31.45 ? 102  TYR A CD2 1 
ATOM   768  C CE1 . TYR A 1 101 ? -11.440 4.055   9.737   1.00 30.25 ? 102  TYR A CE1 1 
ATOM   769  C CE2 . TYR A 1 101 ? -13.130 4.347   8.054   1.00 31.66 ? 102  TYR A CE2 1 
ATOM   770  C CZ  . TYR A 1 101 ? -12.301 3.523   8.789   1.00 31.03 ? 102  TYR A CZ  1 
ATOM   771  O OH  . TYR A 1 101 ? -12.333 2.155   8.577   1.00 31.87 ? 102  TYR A OH  1 
ATOM   772  N N   . ILE A 1 102 ? -9.846  7.058   7.091   1.00 30.44 ? 103  ILE A N   1 
ATOM   773  C CA  . ILE A 1 102 ? -9.609  6.474   5.754   1.00 30.67 ? 103  ILE A CA  1 
ATOM   774  C C   . ILE A 1 102 ? -9.720  4.952   5.889   1.00 31.69 ? 103  ILE A C   1 
ATOM   775  O O   . ILE A 1 102 ? -8.930  4.350   6.625   1.00 31.33 ? 103  ILE A O   1 
ATOM   776  C CB  . ILE A 1 102 ? -8.201  6.843   5.199   1.00 31.17 ? 103  ILE A CB  1 
ATOM   777  C CG1 . ILE A 1 102 ? -7.998  8.368   5.090   1.00 31.00 ? 103  ILE A CG1 1 
ATOM   778  C CG2 . ILE A 1 102 ? -7.968  6.189   3.822   1.00 31.09 ? 103  ILE A CG2 1 
ATOM   779  C CD1 . ILE A 1 102 ? -8.906  9.049   4.082   1.00 30.51 ? 103  ILE A CD1 1 
ATOM   780  N N   . ALA A 1 103 ? -10.715 4.351   5.220   1.00 31.00 ? 104  ALA A N   1 
ATOM   781  C CA  . ALA A 1 103 ? -11.024 2.916   5.408   1.00 32.10 ? 104  ALA A CA  1 
ATOM   782  C C   . ALA A 1 103 ? -9.927  2.029   4.797   1.00 32.01 ? 104  ALA A C   1 
ATOM   783  O O   . ALA A 1 103 ? -9.560  0.990   5.364   1.00 31.62 ? 104  ALA A O   1 
ATOM   784  C CB  . ALA A 1 103 ? -12.395 2.571   4.798   1.00 33.63 ? 104  ALA A CB  1 
ATOM   785  N N   . ASN A 1 104 ? -9.388  2.485   3.670   1.00 32.97 ? 105  ASN A N   1 
ATOM   786  C CA  . ASN A 1 104 ? -8.290  1.781   2.981   1.00 32.99 ? 105  ASN A CA  1 
ATOM   787  C C   . ASN A 1 104 ? -7.452  2.763   2.173   1.00 32.68 ? 105  ASN A C   1 
ATOM   788  O O   . ASN A 1 104 ? -7.865  3.194   1.102   1.00 31.87 ? 105  ASN A O   1 
ATOM   789  C CB  . ASN A 1 104 ? -8.850  0.667   2.095   1.00 33.34 ? 105  ASN A CB  1 
ATOM   790  C CG  . ASN A 1 104 ? -7.767  -0.174  1.445   1.00 34.33 ? 105  ASN A CG  1 
ATOM   791  O OD1 . ASN A 1 104 ? -6.576  0.140   1.525   1.00 34.16 ? 105  ASN A OD1 1 
ATOM   792  N ND2 . ASN A 1 104 ? -8.183  -1.271  0.806   1.00 33.31 ? 105  ASN A ND2 1 
ATOM   793  N N   . VAL A 1 105 ? -6.288  3.136   2.718   1.00 33.67 ? 106  VAL A N   1 
ATOM   794  C CA  . VAL A 1 105 ? -5.398  4.114   2.086   1.00 33.89 ? 106  VAL A CA  1 
ATOM   795  C C   . VAL A 1 105 ? -5.049  3.719   0.632   1.00 34.77 ? 106  VAL A C   1 
ATOM   796  O O   . VAL A 1 105 ? -4.870  4.580   -0.246  1.00 33.66 ? 106  VAL A O   1 
ATOM   797  C CB  . VAL A 1 105 ? -4.128  4.325   2.942   1.00 33.56 ? 106  VAL A CB  1 
ATOM   798  C CG1 . VAL A 1 105 ? -4.498  4.943   4.321   1.00 32.68 ? 106  VAL A CG1 1 
ATOM   799  C CG2 . VAL A 1 105 ? -3.389  2.986   3.134   1.00 34.87 ? 106  VAL A CG2 1 
ATOM   800  N N   . LEU A 1 106 ? -5.008  2.417   0.354   1.00 35.47 ? 107  LEU A N   1 
ATOM   801  C CA  . LEU A 1 106 ? -4.690  1.966   -0.994  1.00 37.14 ? 107  LEU A CA  1 
ATOM   802  C C   . LEU A 1 106 ? -5.735  2.386   -2.008  1.00 36.59 ? 107  LEU A C   1 
ATOM   803  O O   . LEU A 1 106 ? -5.422  2.495   -3.186  1.00 38.63 ? 107  LEU A O   1 
ATOM   804  C CB  . LEU A 1 106 ? -4.556  0.436   -1.056  1.00 37.87 ? 107  LEU A CB  1 
ATOM   805  C CG  . LEU A 1 106 ? -3.389  -0.197  -0.319  1.00 42.85 ? 107  LEU A CG  1 
ATOM   806  C CD1 . LEU A 1 106 ? -3.320  -1.725  -0.582  1.00 45.14 ? 107  LEU A CD1 1 
ATOM   807  C CD2 . LEU A 1 106 ? -2.103  0.491   -0.752  1.00 45.80 ? 107  LEU A CD2 1 
ATOM   808  N N   . LYS A 1 107 ? -6.966  2.612   -1.566  1.00 35.81 ? 108  LYS A N   1 
ATOM   809  C CA  . LYS A 1 107 ? -8.034  2.997   -2.479  1.00 36.61 ? 108  LYS A CA  1 
ATOM   810  C C   . LYS A 1 107 ? -8.034  4.508   -2.814  1.00 35.78 ? 108  LYS A C   1 
ATOM   811  O O   . LYS A 1 107 ? -8.889  4.980   -3.561  1.00 34.10 ? 108  LYS A O   1 
ATOM   812  C CB  . LYS A 1 107 ? -9.382  2.544   -1.932  1.00 38.88 ? 108  LYS A CB  1 
ATOM   813  C CG  . LYS A 1 107 ? -9.534  0.999   -1.913  1.00 40.88 ? 108  LYS A CG  1 
ATOM   814  C CD  . LYS A 1 107 ? -10.996 0.571   -2.036  1.00 42.26 ? 108  LYS A CD  1 
ATOM   815  C CE  . LYS A 1 107 ? -11.178 -0.959  -2.148  1.00 44.84 ? 108  LYS A CE  1 
ATOM   816  N NZ  . LYS A 1 107 ? -10.097 -1.611  -2.932  1.00 47.77 ? 108  LYS A NZ  1 
ATOM   817  N N   . TRP A 1 108 ? -7.046  5.231   -2.294  1.00 34.35 ? 109  TRP A N   1 
ATOM   818  C CA  . TRP A 1 108 ? -6.831  6.623   -2.643  1.00 36.76 ? 109  TRP A CA  1 
ATOM   819  C C   . TRP A 1 108 ? -5.673  6.855   -3.641  1.00 39.51 ? 109  TRP A C   1 
ATOM   820  O O   . TRP A 1 108 ? -5.283  7.990   -3.891  1.00 40.12 ? 109  TRP A O   1 
ATOM   821  C CB  . TRP A 1 108 ? -6.617  7.432   -1.357  1.00 34.14 ? 109  TRP A CB  1 
ATOM   822  C CG  . TRP A 1 108 ? -7.874  7.693   -0.579  1.00 33.27 ? 109  TRP A CG  1 
ATOM   823  C CD1 . TRP A 1 108 ? -8.609  6.796   0.156   1.00 33.03 ? 109  TRP A CD1 1 
ATOM   824  C CD2 . TRP A 1 108 ? -8.528  8.965   -0.433  1.00 31.19 ? 109  TRP A CD2 1 
ATOM   825  N NE1 . TRP A 1 108 ? -9.681  7.433   0.735   1.00 32.79 ? 109  TRP A NE1 1 
ATOM   826  C CE2 . TRP A 1 108 ? -9.652  8.763   0.387   1.00 32.74 ? 109  TRP A CE2 1 
ATOM   827  C CE3 . TRP A 1 108 ? -8.262  10.253  -0.926  1.00 32.60 ? 109  TRP A CE3 1 
ATOM   828  C CZ2 . TRP A 1 108 ? -10.522 9.814   0.738   1.00 34.20 ? 109  TRP A CZ2 1 
ATOM   829  C CZ3 . TRP A 1 108 ? -9.128  11.287  -0.590  1.00 32.98 ? 109  TRP A CZ3 1 
ATOM   830  C CH2 . TRP A 1 108 ? -10.252 11.049  0.231   1.00 33.00 ? 109  TRP A CH2 1 
ATOM   831  N N   . ASP A 1 109 ? -5.134  5.805   -4.239  1.00 41.52 ? 110  ASP A N   1 
ATOM   832  C CA  . ASP A 1 109 ? -4.105  5.990   -5.283  1.00 45.73 ? 110  ASP A CA  1 
ATOM   833  C C   . ASP A 1 109 ? -4.613  6.768   -6.526  1.00 47.89 ? 110  ASP A C   1 
ATOM   834  O O   . ASP A 1 109 ? -5.576  6.340   -7.161  1.00 49.38 ? 110  ASP A O   1 
ATOM   835  C CB  . ASP A 1 109 ? -3.560  4.624   -5.722  1.00 46.68 ? 110  ASP A CB  1 
ATOM   836  C CG  . ASP A 1 109 ? -4.639  3.636   -6.088  0.60 49.19 ? 110  ASP A CG  1 
ATOM   837  O OD1 . ASP A 1 109 ? -5.838  3.875   -5.806  0.60 51.19 ? 110  ASP A OD1 1 
ATOM   838  O OD2 . ASP A 1 109 ? -4.278  2.587   -6.663  0.60 54.46 ? 110  ASP A OD2 1 
ATOM   839  N N   . PRO A 1 110 ? -3.993  7.924   -6.864  1.00 50.29 ? 111  PRO A N   1 
ATOM   840  C CA  . PRO A 1 110 ? -4.367  8.568   -8.119  1.00 52.74 ? 111  PRO A CA  1 
ATOM   841  C C   . PRO A 1 110 ? -3.628  7.943   -9.308  1.00 55.86 ? 111  PRO A C   1 
ATOM   842  O O   . PRO A 1 110 ? -4.089  8.059   -10.448 1.00 56.23 ? 111  PRO A O   1 
ATOM   843  C CB  . PRO A 1 110 ? -3.921  10.017  -7.916  1.00 51.97 ? 111  PRO A CB  1 
ATOM   844  C CG  . PRO A 1 110 ? -2.735  9.917   -7.050  1.00 51.39 ? 111  PRO A CG  1 
ATOM   845  C CD  . PRO A 1 110 ? -2.963  8.699   -6.150  1.00 50.79 ? 111  PRO A CD  1 
ATOM   846  N N   . ASP A 1 111 ? -2.483  7.312   -9.038  1.00 58.95 ? 112  ASP A N   1 
ATOM   847  C CA  . ASP A 1 111 ? -1.716  6.613   -10.068 1.00 61.06 ? 112  ASP A CA  1 
ATOM   848  C C   . ASP A 1 111 ? -2.225  5.153   -10.137 1.00 64.05 ? 112  ASP A C   1 
ATOM   849  O O   . ASP A 1 111 ? -2.372  4.479   -9.107  1.00 64.33 ? 112  ASP A O   1 
ATOM   850  C CB  . ASP A 1 111 ? -0.215  6.771   -9.792  1.00 61.30 ? 112  ASP A CB  1 
ATOM   851  C CG  . ASP A 1 111 ? 0.240   8.253   -9.858  1.00 61.99 ? 112  ASP A CG  1 
ATOM   852  O OD1 . ASP A 1 111 ? -0.558  9.106   -10.325 1.00 59.69 ? 112  ASP A OD1 1 
ATOM   853  O OD2 . ASP A 1 111 ? 1.386   8.575   -9.455  1.00 62.77 ? 112  ASP A OD2 1 
ATOM   854  N N   . GLN A 1 112 ? -2.590  4.723   -11.351 1.00 66.97 ? 113  GLN A N   1 
ATOM   855  C CA  . GLN A 1 112 ? -3.322  3.457   -11.590 1.00 67.12 ? 113  GLN A CA  1 
ATOM   856  C C   . GLN A 1 112 ? -2.658  2.766   -12.747 1.00 69.52 ? 113  GLN A C   1 
ATOM   857  O O   . GLN A 1 112 ? -3.112  2.810   -13.900 1.00 70.47 ? 113  GLN A O   1 
ATOM   858  C CB  . GLN A 1 112 ? -4.806  3.698   -11.897 1.00 67.82 ? 113  GLN A CB  1 
ATOM   859  C CG  . GLN A 1 112 ? -5.634  2.441   -12.179 1.00 67.74 ? 113  GLN A CG  1 
ATOM   860  C CD  . GLN A 1 112 ? -7.132  2.723   -12.229 1.00 68.18 ? 113  GLN A CD  1 
ATOM   861  O OE1 . GLN A 1 112 ? -7.952  1.890   -11.837 1.00 69.68 ? 113  GLN A OE1 1 
ATOM   862  N NE2 . GLN A 1 112 ? -7.492  3.906   -12.709 1.00 69.81 ? 113  GLN A NE2 1 
ATOM   863  N N   . TYR A 1 113 ? -1.532  2.162   -12.415 1.00 71.31 ? 114  TYR A N   1 
ATOM   864  C CA  . TYR A 1 113 ? -0.737  1.421   -13.354 1.00 71.99 ? 114  TYR A CA  1 
ATOM   865  C C   . TYR A 1 113 ? -0.683  -0.047  -12.912 1.00 72.66 ? 114  TYR A C   1 
ATOM   866  O O   . TYR A 1 113 ? -0.085  -0.886  -13.593 1.00 73.27 ? 114  TYR A O   1 
ATOM   867  C CB  . TYR A 1 113 ? 0.646   2.062   -13.409 1.00 72.29 ? 114  TYR A CB  1 
ATOM   868  C CG  . TYR A 1 113 ? 0.611   3.568   -13.687 1.00 72.38 ? 114  TYR A CG  1 
ATOM   869  C CD1 . TYR A 1 113 ? -0.114  4.085   -14.767 1.00 72.35 ? 114  TYR A CD1 1 
ATOM   870  C CD2 . TYR A 1 113 ? 1.318   4.465   -12.887 1.00 71.51 ? 114  TYR A CD2 1 
ATOM   871  C CE1 . TYR A 1 113 ? -0.138  5.453   -15.036 1.00 72.21 ? 114  TYR A CE1 1 
ATOM   872  C CE2 . TYR A 1 113 ? 1.298   5.835   -13.145 1.00 72.13 ? 114  TYR A CE2 1 
ATOM   873  C CZ  . TYR A 1 113 ? 0.569   6.323   -14.221 1.00 72.38 ? 114  TYR A CZ  1 
ATOM   874  O OH  . TYR A 1 113 ? 0.543   7.679   -14.484 1.00 72.45 ? 114  TYR A OH  1 
ATOM   875  N N   . SER A 1 114 ? -1.305  -0.344  -11.765 1.00 72.53 ? 115  SER A N   1 
ATOM   876  C CA  . SER A 1 114 ? -1.555  -1.718  -11.331 1.00 72.57 ? 115  SER A CA  1 
ATOM   877  C C   . SER A 1 114 ? -2.498  -2.430  -12.293 1.00 72.49 ? 115  SER A C   1 
ATOM   878  O O   . SER A 1 114 ? -2.150  -3.462  -12.878 1.00 72.13 ? 115  SER A O   1 
ATOM   879  C CB  . SER A 1 114 ? -2.201  -1.721  -9.945  1.00 72.51 ? 115  SER A CB  1 
ATOM   880  O OG  . SER A 1 114 ? -3.036  -0.583  -9.776  1.00 72.99 ? 115  SER A OG  1 
ATOM   881  N N   . ILE A 1 115 ? -3.693  -1.856  -12.431 1.00 72.40 ? 116  ILE A N   1 
ATOM   882  C CA  . ILE A 1 115 ? -4.791  -2.460  -13.189 1.00 72.46 ? 116  ILE A CA  1 
ATOM   883  C C   . ILE A 1 115 ? -4.531  -2.517  -14.704 1.00 72.14 ? 116  ILE A C   1 
ATOM   884  O O   . ILE A 1 115 ? -4.965  -3.463  -15.371 1.00 71.73 ? 116  ILE A O   1 
ATOM   885  C CB  . ILE A 1 115 ? -6.119  -1.713  -12.918 1.00 72.57 ? 116  ILE A CB  1 
ATOM   886  C CG1 . ILE A 1 115 ? -7.321  -2.551  -13.360 1.00 72.81 ? 116  ILE A CG1 1 
ATOM   887  C CG2 . ILE A 1 115 ? -6.137  -0.363  -13.622 1.00 73.59 ? 116  ILE A CG2 1 
ATOM   888  C CD1 . ILE A 1 115 ? -8.648  -1.841  -13.165 1.00 73.01 ? 116  ILE A CD1 1 
ATOM   889  N N   . GLU A 1 116 ? -3.831  -1.516  -15.238 1.00 71.61 ? 117  GLU A N   1 
ATOM   890  C CA  . GLU A 1 116 ? -3.405  -1.538  -16.643 1.00 71.72 ? 117  GLU A CA  1 
ATOM   891  C C   . GLU A 1 116 ? -2.556  -2.786  -16.917 1.00 71.25 ? 117  GLU A C   1 
ATOM   892  O O   . GLU A 1 116 ? -2.662  -3.413  -17.978 1.00 70.63 ? 117  GLU A O   1 
ATOM   893  C CB  . GLU A 1 116 ? -2.590  -0.278  -16.997 1.00 71.58 ? 117  GLU A CB  1 
ATOM   894  C CG  . GLU A 1 116 ? -1.084  -0.403  -16.718 1.00 71.95 ? 117  GLU A CG  1 
ATOM   895  C CD  . GLU A 1 116 ? -0.288  0.877   -16.914 0.80 72.37 ? 117  GLU A CD  1 
ATOM   896  O OE1 . GLU A 1 116 ? -0.751  1.812   -17.613 0.80 73.44 ? 117  GLU A OE1 1 
ATOM   897  O OE2 . GLU A 1 116 ? 0.832   0.927   -16.368 0.80 72.15 ? 117  GLU A OE2 1 
ATOM   898  N N   . ALA A 1 117 ? -1.708  -3.122  -15.944 1.00 70.90 ? 118  ALA A N   1 
ATOM   899  C CA  . ALA A 1 117 ? -0.758  -4.215  -16.065 1.00 70.97 ? 118  ALA A CA  1 
ATOM   900  C C   . ALA A 1 117 ? -1.478  -5.552  -15.982 1.00 70.89 ? 118  ALA A C   1 
ATOM   901  O O   . ALA A 1 117 ? -1.126  -6.488  -16.695 1.00 71.10 ? 118  ALA A O   1 
ATOM   902  C CB  . ALA A 1 117 ? 0.304   -4.114  -14.976 1.00 70.79 ? 118  ALA A CB  1 
ATOM   903  N N   . ASP A 1 118 ? -2.485  -5.625  -15.112 1.00 70.81 ? 119  ASP A N   1 
ATOM   904  C CA  . ASP A 1 118 ? -3.291  -6.833  -14.934 1.00 70.63 ? 119  ASP A CA  1 
ATOM   905  C C   . ASP A 1 118 ? -4.049  -7.237  -16.193 1.00 70.63 ? 119  ASP A C   1 
ATOM   906  O O   . ASP A 1 118 ? -4.208  -8.435  -16.452 1.00 70.51 ? 119  ASP A O   1 
ATOM   907  C CB  . ASP A 1 118 ? -4.264  -6.676  -13.759 1.00 70.65 ? 119  ASP A CB  1 
ATOM   908  C CG  . ASP A 1 118 ? -3.611  -6.977  -12.412 1.00 70.73 ? 119  ASP A CG  1 
ATOM   909  O OD1 . ASP A 1 118 ? -2.361  -6.982  -12.322 1.00 70.12 ? 119  ASP A OD1 1 
ATOM   910  O OD2 . ASP A 1 118 ? -4.358  -7.214  -11.439 1.00 71.30 ? 119  ASP A OD2 1 
ATOM   911  N N   . LYS A 1 119 ? -4.512  -6.257  -16.972 1.00 70.07 ? 120  LYS A N   1 
ATOM   912  C CA  . LYS A 1 119 ? -5.072  -6.553  -18.296 1.00 70.12 ? 120  LYS A CA  1 
ATOM   913  C C   . LYS A 1 119 ? -4.009  -7.162  -19.200 1.00 69.98 ? 120  LYS A C   1 
ATOM   914  O O   . LYS A 1 119 ? -4.282  -8.118  -19.933 1.00 69.83 ? 120  LYS A O   1 
ATOM   915  C CB  . LYS A 1 119 ? -5.633  -5.300  -18.977 1.00 70.05 ? 120  LYS A CB  1 
ATOM   916  C CG  . LYS A 1 119 ? -5.676  -5.405  -20.508 1.00 70.14 ? 120  LYS A CG  1 
ATOM   917  C CD  . LYS A 1 119 ? -6.561  -4.355  -21.169 1.00 70.44 ? 120  LYS A CD  1 
ATOM   918  C CE  . LYS A 1 119 ? -6.438  -4.436  -22.694 1.00 70.23 ? 120  LYS A CE  1 
ATOM   919  N NZ  . LYS A 1 119 ? -7.622  -3.864  -23.403 1.00 69.85 ? 120  LYS A NZ  1 
ATOM   920  N N   . LYS A 1 120 ? -2.811  -6.577  -19.170 1.00 69.95 ? 121  LYS A N   1 
ATOM   921  C CA  . LYS A 1 120 ? -1.733  -7.005  -20.060 1.00 69.99 ? 121  LYS A CA  1 
ATOM   922  C C   . LYS A 1 120 ? -1.265  -8.415  -19.725 1.00 69.71 ? 121  LYS A C   1 
ATOM   923  O O   . LYS A 1 120 ? -0.935  -9.187  -20.624 1.00 69.04 ? 121  LYS A O   1 
ATOM   924  C CB  . LYS A 1 120 ? -0.567  -6.015  -20.020 1.00 70.06 ? 121  LYS A CB  1 
ATOM   925  C CG  . LYS A 1 120 ? -0.850  -4.722  -20.778 1.00 70.43 ? 121  LYS A CG  1 
ATOM   926  C CD  . LYS A 1 120 ? 0.115   -3.608  -20.392 1.00 70.42 ? 121  LYS A CD  1 
ATOM   927  C CE  . LYS A 1 120 ? -0.013  -2.405  -21.319 1.00 70.73 ? 121  LYS A CE  1 
ATOM   928  N NZ  . LYS A 1 120 ? 0.529   -2.703  -22.675 1.00 70.52 ? 121  LYS A NZ  1 
ATOM   929  N N   . PHE A 1 121 ? -1.247  -8.739  -18.432 1.00 69.87 ? 122  PHE A N   1 
ATOM   930  C CA  . PHE A 1 121 ? -0.896  -10.084 -17.973 1.00 69.85 ? 122  PHE A CA  1 
ATOM   931  C C   . PHE A 1 121 ? -1.922  -11.101 -18.445 1.00 69.89 ? 122  PHE A C   1 
ATOM   932  O O   . PHE A 1 121 ? -1.564  -12.187 -18.921 1.00 69.86 ? 122  PHE A O   1 
ATOM   933  C CB  . PHE A 1 121 ? -0.783  -10.132 -16.448 1.00 70.19 ? 122  PHE A CB  1 
ATOM   934  C CG  . PHE A 1 121 ? 0.443   -9.468  -15.916 1.00 70.13 ? 122  PHE A CG  1 
ATOM   935  C CD1 . PHE A 1 121 ? 1.698   -9.921  -16.290 1.00 70.60 ? 122  PHE A CD1 1 
ATOM   936  C CD2 . PHE A 1 121 ? 0.352   -8.401  -15.036 1.00 70.16 ? 122  PHE A CD2 1 
ATOM   937  C CE1 . PHE A 1 121 ? 2.845   -9.315  -15.812 1.00 70.49 ? 122  PHE A CE1 1 
ATOM   938  C CE2 . PHE A 1 121 ? 1.490   -7.790  -14.544 1.00 70.29 ? 122  PHE A CE2 1 
ATOM   939  C CZ  . PHE A 1 121 ? 2.743   -8.243  -14.933 1.00 70.91 ? 122  PHE A CZ  1 
ATOM   940  N N   . LYS A 1 122 ? -3.196  -10.743 -18.313 1.00 69.30 ? 123  LYS A N   1 
ATOM   941  C CA  . LYS A 1 122 ? -4.292  -11.597 -18.773 1.00 68.68 ? 123  LYS A CA  1 
ATOM   942  C C   . LYS A 1 122 ? -4.212  -11.861 -20.280 1.00 67.83 ? 123  LYS A C   1 
ATOM   943  O O   . LYS A 1 122 ? -4.542  -12.954 -20.731 1.00 67.53 ? 123  LYS A O   1 
ATOM   944  C CB  . LYS A 1 122 ? -5.642  -10.972 -18.394 1.00 69.34 ? 123  LYS A CB  1 
ATOM   945  C CG  . LYS A 1 122 ? -6.873  -11.697 -18.923 1.00 69.83 ? 123  LYS A CG  1 
ATOM   946  C CD  . LYS A 1 122 ? -7.411  -11.073 -20.218 1.00 70.22 ? 123  LYS A CD  1 
ATOM   947  C CE  . LYS A 1 122 ? -8.860  -11.493 -20.465 1.00 70.47 ? 123  LYS A CE  1 
ATOM   948  N NZ  . LYS A 1 122 ? -9.523  -10.660 -21.512 1.00 70.96 ? 123  LYS A NZ  1 
ATOM   949  N N   . GLN A 1 123 ? -3.769  -10.869 -21.046 1.00 66.54 ? 124  GLN A N   1 
ATOM   950  C CA  . GLN A 1 123 ? -3.626  -11.014 -22.504 1.00 65.78 ? 124  GLN A CA  1 
ATOM   951  C C   . GLN A 1 123 ? -2.512  -11.995 -22.901 1.00 64.39 ? 124  GLN A C   1 
ATOM   952  O O   . GLN A 1 123 ? -2.682  -12.790 -23.823 1.00 63.49 ? 124  GLN A O   1 
ATOM   953  C CB  . GLN A 1 123 ? -3.382  -9.642  -23.151 1.00 66.41 ? 124  GLN A CB  1 
ATOM   954  C CG  . GLN A 1 123 ? -2.685  -9.655  -24.524 1.00 67.21 ? 124  GLN A CG  1 
ATOM   955  C CD  . GLN A 1 123 ? -3.538  -10.244 -25.624 1.00 68.11 ? 124  GLN A CD  1 
ATOM   956  O OE1 . GLN A 1 123 ? -4.372  -9.554  -26.214 1.00 69.70 ? 124  GLN A OE1 1 
ATOM   957  N NE2 . GLN A 1 123 ? -3.316  -11.518 -25.931 1.00 69.77 ? 124  GLN A NE2 1 
ATOM   958  N N   . ILE A 1 124 ? -1.368  -11.913 -22.228 1.00 63.01 ? 125  ILE A N   1 
ATOM   959  C CA  . ILE A 1 124 ? -0.251  -12.827 -22.499 1.00 62.30 ? 125  ILE A CA  1 
ATOM   960  C C   . ILE A 1 124 ? -0.650  -14.272 -22.171 1.00 61.51 ? 125  ILE A C   1 
ATOM   961  O O   . ILE A 1 124 ? -0.318  -15.206 -22.906 1.00 60.07 ? 125  ILE A O   1 
ATOM   962  C CB  . ILE A 1 124 ? 0.993   -12.438 -21.686 1.00 62.03 ? 125  ILE A CB  1 
ATOM   963  C CG1 . ILE A 1 124 ? 1.592   -11.136 -22.228 1.00 61.68 ? 125  ILE A CG1 1 
ATOM   964  C CG2 . ILE A 1 124 ? 2.036   -13.550 -21.724 1.00 62.10 ? 125  ILE A CG2 1 
ATOM   965  C CD1 . ILE A 1 124 ? 2.527   -10.467 -21.259 1.00 61.62 ? 125  ILE A CD1 1 
ATOM   966  N N   . GLU A 1 125 ? -1.370  -14.433 -21.063 1.00 60.84 ? 126  GLU A N   1 
ATOM   967  C CA  . GLU A 1 125 ? -1.862  -15.736 -20.638 1.00 60.68 ? 126  GLU A CA  1 
ATOM   968  C C   . GLU A 1 125 ? -2.768  -16.366 -21.691 1.00 60.05 ? 126  GLU A C   1 
ATOM   969  O O   . GLU A 1 125 ? -2.811  -17.591 -21.835 1.00 59.04 ? 126  GLU A O   1 
ATOM   970  C CB  . GLU A 1 125 ? -2.589  -15.613 -19.295 1.00 61.28 ? 126  GLU A CB  1 
ATOM   971  C CG  . GLU A 1 125 ? -1.652  -15.314 -18.123 1.00 62.34 ? 126  GLU A CG  1 
ATOM   972  C CD  . GLU A 1 125 ? -0.831  -16.524 -17.675 1.00 64.61 ? 126  GLU A CD  1 
ATOM   973  O OE1 . GLU A 1 125 ? -1.099  -17.658 -18.144 1.00 64.67 ? 126  GLU A OE1 1 
ATOM   974  O OE2 . GLU A 1 125 ? 0.084   -16.342 -16.837 1.00 66.14 ? 126  GLU A OE2 1 
ATOM   975  N N   . ASP A 1 126 ? -3.464  -15.525 -22.449 1.00 59.26 ? 127  ASP A N   1 
ATOM   976  C CA  . ASP A 1 126 ? -4.320  -15.994 -23.528 1.00 58.48 ? 127  ASP A CA  1 
ATOM   977  C C   . ASP A 1 126 ? -3.501  -16.522 -24.710 1.00 57.14 ? 127  ASP A C   1 
ATOM   978  O O   . ASP A 1 126 ? -3.853  -17.536 -25.316 1.00 56.28 ? 127  ASP A O   1 
ATOM   979  C CB  . ASP A 1 126 ? -5.262  -14.877 -23.989 1.00 59.96 ? 127  ASP A CB  1 
ATOM   980  C CG  . ASP A 1 126 ? -6.049  -14.244 -22.835 1.00 62.34 ? 127  ASP A CG  1 
ATOM   981  O OD1 . ASP A 1 126 ? -6.176  -14.869 -21.752 1.00 63.83 ? 127  ASP A OD1 1 
ATOM   982  O OD2 . ASP A 1 126 ? -6.538  -13.102 -23.015 1.00 66.46 ? 127  ASP A OD2 1 
ATOM   983  N N   . LYS A 1 127 ? -2.415  -15.825 -25.042 1.00 55.41 ? 128  LYS A N   1 
ATOM   984  C CA  . LYS A 1 127 ? -1.512  -16.274 -26.101 1.00 54.03 ? 128  LYS A CA  1 
ATOM   985  C C   . LYS A 1 127 ? -0.877  -17.605 -25.703 1.00 51.50 ? 128  LYS A C   1 
ATOM   986  O O   . LYS A 1 127 ? -0.706  -18.490 -26.544 1.00 49.62 ? 128  LYS A O   1 
ATOM   987  C CB  . LYS A 1 127 ? -0.415  -15.240 -26.383 1.00 55.02 ? 128  LYS A CB  1 
ATOM   988  C CG  . LYS A 1 127 ? -0.938  -13.897 -26.851 1.00 56.50 ? 128  LYS A CG  1 
ATOM   989  C CD  . LYS A 1 127 ? 0.172   -12.920 -27.222 1.00 56.43 ? 128  LYS A CD  1 
ATOM   990  C CE  . LYS A 1 127 ? -0.417  -11.526 -27.438 1.00 57.45 ? 128  LYS A CE  1 
ATOM   991  N NZ  . LYS A 1 127 ? 0.499   -10.650 -28.220 1.00 59.15 ? 128  LYS A NZ  1 
ATOM   992  N N   . ILE A 1 128 ? -0.532  -17.725 -24.426 1.00 48.88 ? 129  ILE A N   1 
ATOM   993  C CA  . ILE A 1 128 ? 0.083   -18.945 -23.880 1.00 48.47 ? 129  ILE A CA  1 
ATOM   994  C C   . ILE A 1 128 ? -0.874  -20.132 -23.977 1.00 47.40 ? 129  ILE A C   1 
ATOM   995  O O   . ILE A 1 128 ? -0.456  -21.254 -24.253 1.00 43.17 ? 129  ILE A O   1 
ATOM   996  C CB  . ILE A 1 128 ? 0.564   -18.715 -22.426 1.00 48.07 ? 129  ILE A CB  1 
ATOM   997  C CG1 . ILE A 1 128 ? 1.833   -17.865 -22.439 1.00 47.81 ? 129  ILE A CG1 1 
ATOM   998  C CG2 . ILE A 1 128 ? 0.807   -20.027 -21.683 1.00 47.79 ? 129  ILE A CG2 1 
ATOM   999  C CD1 . ILE A 1 128 ? 2.345   -17.457 -21.060 1.00 47.59 ? 129  ILE A CD1 1 
ATOM   1000 N N   . GLU A 1 129 ? -2.169  -19.881 -23.775 1.00 47.27 ? 130  GLU A N   1 
ATOM   1001 C CA  . GLU A 1 129 ? -3.172  -20.942 -23.929 1.00 48.04 ? 130  GLU A CA  1 
ATOM   1002 C C   . GLU A 1 129 ? -3.255  -21.447 -25.357 1.00 46.25 ? 130  GLU A C   1 
ATOM   1003 O O   . GLU A 1 129 ? -3.283  -22.654 -25.592 1.00 45.64 ? 130  GLU A O   1 
ATOM   1004 C CB  . GLU A 1 129 ? -4.545  -20.459 -23.484 1.00 48.39 ? 130  GLU A CB  1 
ATOM   1005 C CG  . GLU A 1 129 ? -4.691  -20.441 -21.992 1.00 50.86 ? 130  GLU A CG  1 
ATOM   1006 C CD  . GLU A 1 129 ? -6.079  -20.043 -21.553 1.00 52.15 ? 130  GLU A CD  1 
ATOM   1007 O OE1 . GLU A 1 129 ? -7.036  -20.235 -22.339 1.00 55.34 ? 130  GLU A OE1 1 
ATOM   1008 O OE2 . GLU A 1 129 ? -6.199  -19.537 -20.413 1.00 56.23 ? 130  GLU A OE2 1 
ATOM   1009 N N   . GLU A 1 130 ? -3.287  -20.519 -26.306 1.00 45.27 ? 131  GLU A N   1 
ATOM   1010 C CA  . GLU A 1 130 ? -3.320  -20.871 -27.723 1.00 44.93 ? 131  GLU A CA  1 
ATOM   1011 C C   . GLU A 1 130 ? -2.058  -21.604 -28.167 1.00 42.43 ? 131  GLU A C   1 
ATOM   1012 O O   . GLU A 1 130 ? -2.115  -22.512 -28.987 1.00 41.17 ? 131  GLU A O   1 
ATOM   1013 C CB  . GLU A 1 130 ? -3.550  -19.619 -28.587 1.00 46.22 ? 131  GLU A CB  1 
ATOM   1014 C CG  . GLU A 1 130 ? -5.044  -19.315 -28.805 1.00 48.76 ? 131  GLU A CG  1 
ATOM   1015 C CD  . GLU A 1 130 ? -5.359  -17.834 -29.001 1.00 48.62 ? 131  GLU A CD  1 
ATOM   1016 O OE1 . GLU A 1 130 ? -4.529  -17.112 -29.598 1.00 51.33 ? 131  GLU A OE1 1 
ATOM   1017 O OE2 . GLU A 1 130 ? -6.449  -17.404 -28.542 1.00 52.16 ? 131  GLU A OE2 1 
ATOM   1018 N N   . ILE A 1 131 ? -0.918  -21.176 -27.644 1.00 39.98 ? 132  ILE A N   1 
ATOM   1019 C CA  . ILE A 1 131 ? 0.347   -21.832 -27.932 1.00 38.96 ? 132  ILE A CA  1 
ATOM   1020 C C   . ILE A 1 131 ? 0.312   -23.253 -27.409 1.00 37.02 ? 132  ILE A C   1 
ATOM   1021 O O   . ILE A 1 131 ? 0.696   -24.198 -28.115 1.00 34.45 ? 132  ILE A O   1 
ATOM   1022 C CB  . ILE A 1 131 ? 1.527   -21.022 -27.350 1.00 39.44 ? 132  ILE A CB  1 
ATOM   1023 C CG1 . ILE A 1 131 ? 1.800   -19.808 -28.255 1.00 40.32 ? 132  ILE A CG1 1 
ATOM   1024 C CG2 . ILE A 1 131 ? 2.766   -21.870 -27.208 1.00 37.93 ? 132  ILE A CG2 1 
ATOM   1025 C CD1 . ILE A 1 131 ? 2.863   -18.860 -27.732 1.00 39.60 ? 132  ILE A CD1 1 
ATOM   1026 N N   . LEU A 1 132 ? -0.176  -23.418 -26.185 1.00 36.37 ? 133  LEU A N   1 
ATOM   1027 C CA  . LEU A 1 132 ? -0.292  -24.759 -25.627 1.00 37.19 ? 133  LEU A CA  1 
ATOM   1028 C C   . LEU A 1 132 ? -1.232  -25.650 -26.449 1.00 36.85 ? 133  LEU A C   1 
ATOM   1029 O O   . LEU A 1 132 ? -0.944  -26.825 -26.670 1.00 34.53 ? 133  LEU A O   1 
ATOM   1030 C CB  . LEU A 1 132 ? -0.698  -24.688 -24.152 1.00 37.65 ? 133  LEU A CB  1 
ATOM   1031 C CG  . LEU A 1 132 ? 0.458   -24.384 -23.196 1.00 39.68 ? 133  LEU A CG  1 
ATOM   1032 C CD1 . LEU A 1 132 ? -0.045  -24.041 -21.780 1.00 38.94 ? 133  LEU A CD1 1 
ATOM   1033 C CD2 . LEU A 1 132 ? 1.436   -25.584 -23.149 1.00 40.32 ? 133  LEU A CD2 1 
ATOM   1034 N N   . SER A 1 133 ? -2.359  -25.102 -26.907 1.00 37.34 ? 134  SER A N   1 
ATOM   1035 C CA  . SER A 1 133 ? -3.230  -25.856 -27.815 1.00 37.04 ? 134  SER A CA  1 
ATOM   1036 C C   . SER A 1 133 ? -2.554  -26.322 -29.111 1.00 36.44 ? 134  SER A C   1 
ATOM   1037 O O   . SER A 1 133 ? -2.737  -27.471 -29.535 1.00 34.89 ? 134  SER A O   1 
ATOM   1038 C CB  . SER A 1 133 ? -4.481  -25.047 -28.170 1.00 39.22 ? 134  SER A CB  1 
ATOM   1039 O OG  . SER A 1 133 ? -5.173  -25.765 -29.184 1.00 43.09 ? 134  SER A OG  1 
ATOM   1040 N N   . LYS A 1 134 ? -1.759  -25.460 -29.742 1.00 34.86 ? 135  LYS A N   1 
ATOM   1041 C CA  . LYS A 1 134 ? -0.985  -25.872 -30.915 1.00 34.73 ? 135  LYS A CA  1 
ATOM   1042 C C   . LYS A 1 134 ? -0.037  -26.994 -30.592 1.00 34.29 ? 135  LYS A C   1 
ATOM   1043 O O   . LYS A 1 134 ? 0.128   -27.930 -31.376 1.00 33.83 ? 135  LYS A O   1 
ATOM   1044 C CB  . LYS A 1 134 ? -0.143  -24.718 -31.478 1.00 35.57 ? 135  LYS A CB  1 
ATOM   1045 C CG  . LYS A 1 134 ? -0.917  -23.611 -32.147 1.00 36.68 ? 135  LYS A CG  1 
ATOM   1046 C CD  . LYS A 1 134 ? 0.051   -22.564 -32.711 1.00 35.79 ? 135  LYS A CD  1 
ATOM   1047 C CE  . LYS A 1 134 ? -0.639  -21.299 -33.184 1.00 37.82 ? 135  LYS A CE  1 
ATOM   1048 N NZ  . LYS A 1 134 ? -1.633  -21.534 -34.287 1.00 35.81 ? 135  LYS A NZ  1 
ATOM   1049 N N   . ILE A 1 135 ? 0.635   -26.877 -29.451 1.00 32.36 ? 136  ILE A N   1 
ATOM   1050 C CA  . ILE A 1 135 ? 1.591   -27.904 -29.038 1.00 32.02 ? 136  ILE A CA  1 
ATOM   1051 C C   . ILE A 1 135 ? 0.900   -29.247 -28.848 1.00 29.88 ? 136  ILE A C   1 
ATOM   1052 O O   . ILE A 1 135 ? 1.349   -30.272 -29.388 1.00 30.90 ? 136  ILE A O   1 
ATOM   1053 C CB  . ILE A 1 135 ? 2.360   -27.443 -27.759 1.00 31.37 ? 136  ILE A CB  1 
ATOM   1054 C CG1 . ILE A 1 135 ? 3.371   -26.345 -28.151 1.00 32.06 ? 136  ILE A CG1 1 
ATOM   1055 C CG2 . ILE A 1 135 ? 3.032   -28.647 -27.077 1.00 31.62 ? 136  ILE A CG2 1 
ATOM   1056 C CD1 . ILE A 1 135 ? 3.987   -25.561 -26.953 1.00 32.02 ? 136  ILE A CD1 1 
ATOM   1057 N N   . TYR A 1 136 ? -0.226  -29.262 -28.146 1.00 30.90 ? 137  TYR A N   1 
ATOM   1058 C CA  . TYR A 1 136 ? -0.921  -30.545 -27.946 1.00 32.76 ? 137  TYR A CA  1 
ATOM   1059 C C   . TYR A 1 136 ? -1.407  -31.148 -29.276 1.00 32.14 ? 137  TYR A C   1 
ATOM   1060 O O   . TYR A 1 136 ? -1.290  -32.364 -29.515 1.00 32.05 ? 137  TYR A O   1 
ATOM   1061 C CB  . TYR A 1 136 ? -2.042  -30.425 -26.911 1.00 34.66 ? 137  TYR A CB  1 
ATOM   1062 C CG  . TYR A 1 136 ? -1.544  -30.095 -25.516 1.00 35.70 ? 137  TYR A CG  1 
ATOM   1063 C CD1 . TYR A 1 136 ? -0.470  -30.762 -24.950 1.00 36.46 ? 137  TYR A CD1 1 
ATOM   1064 C CD2 . TYR A 1 136 ? -2.140  -29.097 -24.769 1.00 37.10 ? 137  TYR A CD2 1 
ATOM   1065 C CE1 . TYR A 1 136 ? -0.002  -30.436 -23.684 1.00 34.56 ? 137  TYR A CE1 1 
ATOM   1066 C CE2 . TYR A 1 136 ? -1.682  -28.770 -23.510 1.00 38.48 ? 137  TYR A CE2 1 
ATOM   1067 C CZ  . TYR A 1 136 ? -0.613  -29.458 -22.969 1.00 37.78 ? 137  TYR A CZ  1 
ATOM   1068 O OH  . TYR A 1 136 ? -0.157  -29.121 -21.714 1.00 38.29 ? 137  TYR A OH  1 
ATOM   1069 N N   . HIS A 1 137 ? -1.884  -30.289 -30.181 1.00 32.93 ? 138  HIS A N   1 
ATOM   1070 C CA  . HIS A 1 137 ? -2.219  -30.766 -31.525 1.00 33.44 ? 138  HIS A CA  1 
ATOM   1071 C C   . HIS A 1 137 ? -1.034  -31.402 -32.261 1.00 32.05 ? 138  HIS A C   1 
ATOM   1072 O O   . HIS A 1 137 ? -1.158  -32.476 -32.844 1.00 32.53 ? 138  HIS A O   1 
ATOM   1073 C CB  A HIS A 1 137 ? -2.835  -29.646 -32.372 0.45 33.77 ? 138  HIS A CB  1 
ATOM   1074 C CB  B HIS A 1 137 ? -2.888  -29.636 -32.332 0.55 34.66 ? 138  HIS A CB  1 
ATOM   1075 C CG  A HIS A 1 137 ? -3.180  -30.075 -33.767 0.45 34.35 ? 138  HIS A CG  1 
ATOM   1076 C CG  B HIS A 1 137 ? -4.294  -29.352 -31.900 0.55 36.54 ? 138  HIS A CG  1 
ATOM   1077 N ND1 A HIS A 1 137 ? -4.351  -30.729 -34.078 0.45 34.87 ? 138  HIS A ND1 1 
ATOM   1078 N ND1 B HIS A 1 137 ? -5.309  -30.274 -32.025 0.55 38.40 ? 138  HIS A ND1 1 
ATOM   1079 C CD2 A HIS A 1 137 ? -2.502  -29.943 -34.931 0.45 35.40 ? 138  HIS A CD2 1 
ATOM   1080 C CD2 B HIS A 1 137 ? -4.856  -28.252 -31.342 0.55 38.24 ? 138  HIS A CD2 1 
ATOM   1081 C CE1 A HIS A 1 137 ? -4.379  -30.984 -35.374 0.45 33.03 ? 138  HIS A CE1 1 
ATOM   1082 C CE1 B HIS A 1 137 ? -6.431  -29.760 -31.556 0.55 37.46 ? 138  HIS A CE1 1 
ATOM   1083 N NE2 A HIS A 1 137 ? -3.270  -30.514 -35.917 0.45 34.64 ? 138  HIS A NE2 1 
ATOM   1084 N NE2 B HIS A 1 137 ? -6.183  -28.537 -31.127 0.55 37.67 ? 138  HIS A NE2 1 
ATOM   1085 N N   . ILE A 1 138 ? 0.113   -30.748 -32.233 1.00 32.65 ? 139  ILE A N   1 
ATOM   1086 C CA  . ILE A 1 138 ? 1.335   -31.300 -32.798 1.00 32.07 ? 139  ILE A CA  1 
ATOM   1087 C C   . ILE A 1 138 ? 1.705   -32.626 -32.171 1.00 31.31 ? 139  ILE A C   1 
ATOM   1088 O O   . ILE A 1 138 ? 2.053   -33.581 -32.865 1.00 30.56 ? 139  ILE A O   1 
ATOM   1089 C CB  . ILE A 1 138 ? 2.489   -30.309 -32.657 1.00 31.39 ? 139  ILE A CB  1 
ATOM   1090 C CG1 . ILE A 1 138 ? 2.324   -29.171 -33.675 1.00 32.94 ? 139  ILE A CG1 1 
ATOM   1091 C CG2 . ILE A 1 138 ? 3.825   -30.998 -32.860 1.00 33.73 ? 139  ILE A CG2 1 
ATOM   1092 C CD1 . ILE A 1 138 ? 3.309   -28.056 -33.481 1.00 33.63 ? 139  ILE A CD1 1 
ATOM   1093 N N   . GLU A 1 139 ? 1.657   -32.692 -30.839 1.00 30.60 ? 140  GLU A N   1 
ATOM   1094 C CA  . GLU A 1 139 ? 1.886   -33.975 -30.152 1.00 30.78 ? 140  GLU A CA  1 
ATOM   1095 C C   . GLU A 1 139 ? 0.977   -35.091 -30.700 1.00 30.24 ? 140  GLU A C   1 
ATOM   1096 O O   . GLU A 1 139 ? 1.432   -36.223 -30.974 1.00 30.73 ? 140  GLU A O   1 
ATOM   1097 C CB  . GLU A 1 139 ? 1.644   -33.796 -28.660 1.00 30.29 ? 140  GLU A CB  1 
ATOM   1098 C CG  . GLU A 1 139 ? 2.705   -32.924 -27.987 1.00 28.58 ? 140  GLU A CG  1 
ATOM   1099 C CD  . GLU A 1 139 ? 2.508   -32.771 -26.514 1.00 29.06 ? 140  GLU A CD  1 
ATOM   1100 O OE1 . GLU A 1 139 ? 1.526   -33.387 -25.984 1.00 29.02 ? 140  GLU A OE1 1 
ATOM   1101 O OE2 . GLU A 1 139 ? 3.353   -32.027 -25.892 1.00 27.35 ? 140  GLU A OE2 1 
ATOM   1102 N N   . ASN A 1 140 ? -0.297  -34.762 -30.894 1.00 31.31 ? 141  ASN A N   1 
ATOM   1103 C CA  . ASN A 1 140 ? -1.247  -35.739 -31.429 1.00 33.06 ? 141  ASN A CA  1 
ATOM   1104 C C   . ASN A 1 140 ? -0.890  -36.171 -32.876 1.00 33.65 ? 141  ASN A C   1 
ATOM   1105 O O   . ASN A 1 140 ? -0.983  -37.365 -33.215 1.00 34.83 ? 141  ASN A O   1 
ATOM   1106 C CB  . ASN A 1 140 ? -2.679  -35.210 -31.334 1.00 32.61 ? 141  ASN A CB  1 
ATOM   1107 C CG  . ASN A 1 140 ? -3.111  -34.903 -29.883 1.00 34.66 ? 141  ASN A CG  1 
ATOM   1108 O OD1 . ASN A 1 140 ? -2.465  -35.337 -28.922 1.00 31.89 ? 141  ASN A OD1 1 
ATOM   1109 N ND2 . ASN A 1 140 ? -4.203  -34.156 -29.736 1.00 32.70 ? 141  ASN A ND2 1 
ATOM   1110 N N   . GLU A 1 141 ? -0.476  -35.222 -33.717 1.00 35.42 ? 142  GLU A N   1 
ATOM   1111 C CA  . GLU A 1 141 ? 0.005   -35.566 -35.092 1.00 36.28 ? 142  GLU A CA  1 
ATOM   1112 C C   . GLU A 1 141 ? 1.199   -36.542 -35.047 1.00 36.20 ? 142  GLU A C   1 
ATOM   1113 O O   . GLU A 1 141 ? 1.274   -37.523 -35.826 1.00 34.75 ? 142  GLU A O   1 
ATOM   1114 C CB  . GLU A 1 141 ? 0.371   -34.301 -35.890 1.00 37.31 ? 142  GLU A CB  1 
ATOM   1115 C CG  . GLU A 1 141 ? -0.744  -33.256 -36.113 1.00 39.81 ? 142  GLU A CG  1 
ATOM   1116 C CD  A GLU A 1 141 ? -0.322  -32.053 -36.988 0.80 40.79 ? 142  GLU A CD  1 
ATOM   1117 O OE1 A GLU A 1 141 ? -0.171  -32.216 -38.221 0.80 46.20 ? 142  GLU A OE1 1 
ATOM   1118 O OE2 A GLU A 1 141 ? -0.173  -30.924 -36.466 0.80 43.77 ? 142  GLU A OE2 1 
ATOM   1119 N N   . ILE A 1 142 ? 2.161   -36.265 -34.156 1.00 34.33 ? 143  ILE A N   1 
ATOM   1120 C CA  . ILE A 1 142 ? 3.322   -37.118 -33.967 1.00 35.52 ? 143  ILE A CA  1 
ATOM   1121 C C   . ILE A 1 142 ? 2.943   -38.532 -33.519 1.00 36.03 ? 143  ILE A C   1 
ATOM   1122 O O   . ILE A 1 142 ? 3.481   -39.517 -34.035 1.00 36.69 ? 143  ILE A O   1 
ATOM   1123 C CB  . ILE A 1 142 ? 4.332   -36.445 -32.964 1.00 34.24 ? 143  ILE A CB  1 
ATOM   1124 C CG1 . ILE A 1 142 ? 4.964   -35.218 -33.632 1.00 34.08 ? 143  ILE A CG1 1 
ATOM   1125 C CG2 . ILE A 1 142 ? 5.394   -37.400 -32.521 1.00 34.92 ? 143  ILE A CG2 1 
ATOM   1126 C CD1 . ILE A 1 142 ? 5.835   -34.377 -32.653 1.00 36.40 ? 143  ILE A CD1 1 
ATOM   1127 N N   . ALA A 1 143 ? 2.002   -38.624 -32.575 1.00 37.00 ? 144  ALA A N   1 
ATOM   1128 C CA  . ALA A 1 143 ? 1.508   -39.921 -32.098 1.00 38.44 ? 144  ALA A CA  1 
ATOM   1129 C C   . ALA A 1 143 ? 0.959   -40.743 -33.273 1.00 39.73 ? 144  ALA A C   1 
ATOM   1130 O O   . ALA A 1 143 ? 1.246   -41.948 -33.397 1.00 39.62 ? 144  ALA A O   1 
ATOM   1131 C CB  . ALA A 1 143 ? 0.426   -39.707 -31.058 1.00 37.43 ? 144  ALA A CB  1 
ATOM   1132 N N   . ARG A 1 144 ? 0.197   -40.069 -34.126 1.00 42.01 ? 145  ARG A N   1 
ATOM   1133 C CA  . ARG A 1 144 ? -0.408  -40.682 -35.329 1.00 43.23 ? 145  ARG A CA  1 
ATOM   1134 C C   . ARG A 1 144 ? 0.643   -41.203 -36.306 1.00 43.32 ? 145  ARG A C   1 
ATOM   1135 O O   . ARG A 1 144 ? 0.568   -42.356 -36.784 1.00 42.93 ? 145  ARG A O   1 
ATOM   1136 C CB  . ARG A 1 144 ? -1.262  -39.640 -36.031 1.00 44.41 ? 145  ARG A CB  1 
ATOM   1137 C CG  . ARG A 1 144 ? -2.437  -40.190 -36.841 1.00 46.22 ? 145  ARG A CG  1 
ATOM   1138 C CD  . ARG A 1 144 ? -3.510  -39.112 -36.973 1.00 49.53 ? 145  ARG A CD  1 
ATOM   1139 N NE  . ARG A 1 144 ? -3.853  -38.552 -35.666 1.00 53.47 ? 145  ARG A NE  1 
ATOM   1140 C CZ  . ARG A 1 144 ? -4.809  -37.650 -35.445 1.00 55.28 ? 145  ARG A CZ  1 
ATOM   1141 N NH1 . ARG A 1 144 ? -5.570  -37.197 -36.447 1.00 57.06 ? 145  ARG A NH1 1 
ATOM   1142 N NH2 . ARG A 1 144 ? -5.019  -37.216 -34.198 1.00 54.76 ? 145  ARG A NH2 1 
ATOM   1143 N N   . ILE A 1 145 ? 1.623   -40.354 -36.608 1.00 42.20 ? 146  ILE A N   1 
ATOM   1144 C CA  . ILE A 1 145 ? 2.773   -40.759 -37.422 1.00 43.57 ? 146  ILE A CA  1 
ATOM   1145 C C   . ILE A 1 145 ? 3.488   -41.978 -36.870 1.00 44.86 ? 146  ILE A C   1 
ATOM   1146 O O   . ILE A 1 145 ? 3.763   -42.931 -37.612 1.00 45.06 ? 146  ILE A O   1 
ATOM   1147 C CB  . ILE A 1 145 ? 3.795   -39.616 -37.571 1.00 42.30 ? 146  ILE A CB  1 
ATOM   1148 C CG1 . ILE A 1 145 ? 3.243   -38.538 -38.503 1.00 42.14 ? 146  ILE A CG1 1 
ATOM   1149 C CG2 . ILE A 1 145 ? 5.121   -40.143 -38.103 1.00 41.57 ? 146  ILE A CG2 1 
ATOM   1150 C CD1 . ILE A 1 145 ? 3.927   -37.201 -38.386 1.00 43.08 ? 146  ILE A CD1 1 
ATOM   1151 N N   . LYS A 1 146 ? 3.800   -41.953 -35.578 1.00 45.63 ? 147  LYS A N   1 
ATOM   1152 C CA  . LYS A 1 146 ? 4.482   -43.077 -34.932 1.00 48.47 ? 147  LYS A CA  1 
ATOM   1153 C C   . LYS A 1 146 ? 3.715   -44.385 -35.109 1.00 49.96 ? 147  LYS A C   1 
ATOM   1154 O O   . LYS A 1 146 ? 4.318   -45.424 -35.373 1.00 49.96 ? 147  LYS A O   1 
ATOM   1155 C CB  . LYS A 1 146 ? 4.683   -42.816 -33.441 1.00 48.02 ? 147  LYS A CB  1 
ATOM   1156 C CG  . LYS A 1 146 ? 5.890   -41.981 -33.137 1.00 49.51 ? 147  LYS A CG  1 
ATOM   1157 C CD  . LYS A 1 146 ? 6.067   -41.724 -31.627 1.00 49.65 ? 147  LYS A CD  1 
ATOM   1158 C CE  . LYS A 1 146 ? 6.246   -43.011 -30.834 1.00 51.04 ? 147  LYS A CE  1 
ATOM   1159 N NZ  . LYS A 1 146 ? 6.889   -42.809 -29.474 1.00 52.39 ? 147  LYS A NZ  1 
ATOM   1160 N N   . LYS A 1 147 ? 2.395   -44.313 -34.976 1.00 52.64 ? 148  LYS A N   1 
ATOM   1161 C CA  . LYS A 1 147 ? 1.532   -45.480 -35.157 1.00 54.65 ? 148  LYS A CA  1 
ATOM   1162 C C   . LYS A 1 147 ? 1.603   -45.998 -36.605 1.00 56.10 ? 148  LYS A C   1 
ATOM   1163 O O   . LYS A 1 147 ? 1.832   -47.187 -36.827 1.00 56.79 ? 148  LYS A O   1 
ATOM   1164 C CB  . LYS A 1 147 ? 0.084   -45.143 -34.766 1.00 54.87 ? 148  LYS A CB  1 
ATOM   1165 C CG  . LYS A 1 147 ? -0.722  -46.353 -34.296 1.00 55.64 ? 148  LYS A CG  1 
ATOM   1166 C CD  . LYS A 1 147 ? -2.146  -45.989 -33.864 1.00 56.71 ? 148  LYS A CD  1 
ATOM   1167 C CE  . LYS A 1 147 ? -3.005  -45.505 -35.028 1.00 57.85 ? 148  LYS A CE  1 
ATOM   1168 N NZ  . LYS A 1 147 ? -4.468  -45.717 -34.792 1.00 58.34 ? 148  LYS A NZ  1 
ATOM   1169 N N   . LEU A 1 148 ? 1.428   -45.110 -37.584 1.00 57.45 ? 149  LEU A N   1 
ATOM   1170 C CA  . LEU A 1 148 ? 1.579   -45.486 -38.998 1.00 58.33 ? 149  LEU A CA  1 
ATOM   1171 C C   . LEU A 1 148 ? 2.877   -46.254 -39.237 1.00 59.36 ? 149  LEU A C   1 
ATOM   1172 O O   . LEU A 1 148 ? 2.862   -47.369 -39.776 1.00 59.83 ? 149  LEU A O   1 
ATOM   1173 C CB  . LEU A 1 148 ? 1.565   -44.261 -39.922 1.00 58.78 ? 149  LEU A CB  1 
ATOM   1174 C CG  . LEU A 1 148 ? 0.230   -43.743 -40.462 1.00 59.69 ? 149  LEU A CG  1 
ATOM   1175 C CD1 . LEU A 1 148 ? -0.307  -42.614 -39.614 1.00 60.50 ? 149  LEU A CD1 1 
ATOM   1176 C CD2 . LEU A 1 148 ? 0.375   -43.260 -41.908 1.00 59.47 ? 149  LEU A CD2 1 
ATOM   1177 N N   . ILE A 1 149 ? 3.996   -45.670 -38.816 1.00 59.07 ? 150  ILE A N   1 
ATOM   1178 C CA  . ILE A 1 149 ? 5.311   -46.217 -39.143 1.00 59.37 ? 150  ILE A CA  1 
ATOM   1179 C C   . ILE A 1 149 ? 5.748   -47.365 -38.221 1.00 60.32 ? 150  ILE A C   1 
ATOM   1180 O O   . ILE A 1 149 ? 6.796   -47.966 -38.447 1.00 61.24 ? 150  ILE A O   1 
ATOM   1181 C CB  . ILE A 1 149 ? 6.411   -45.108 -39.164 1.00 59.25 ? 150  ILE A CB  1 
ATOM   1182 C CG1 . ILE A 1 149 ? 6.815   -44.669 -37.752 1.00 59.07 ? 150  ILE A CG1 1 
ATOM   1183 C CG2 . ILE A 1 149 ? 5.939   -43.896 -39.976 1.00 58.05 ? 150  ILE A CG2 1 
ATOM   1184 C CD1 . ILE A 1 149 ? 7.966   -43.680 -37.729 1.00 58.93 ? 150  ILE A CD1 1 
ATOM   1185 N N   . GLY A 1 150 ? 4.951   -47.668 -37.195 1.00 60.83 ? 151  GLY A N   1 
ATOM   1186 C CA  . GLY A 1 150 ? 5.326   -48.661 -36.184 1.00 61.12 ? 151  GLY A CA  1 
ATOM   1187 C C   . GLY A 1 150 ? 4.343   -49.812 -36.133 1.00 61.78 ? 151  GLY A C   1 
ATOM   1188 O O   . GLY A 1 150 ? 3.878   -50.283 -37.173 1.00 63.13 ? 151  GLY A O   1 
HETATM 1189 C C1  . GOL B 2 .   ? 6.843   9.848   20.922  0.80 52.84 ? 283  GOL A C1  1 
HETATM 1190 O O1  . GOL B 2 .   ? 8.225   9.641   21.090  0.80 51.37 ? 283  GOL A O1  1 
HETATM 1191 C C2  . GOL B 2 .   ? 6.471   11.323  21.093  0.80 52.54 ? 283  GOL A C2  1 
HETATM 1192 O O2  . GOL B 2 .   ? 6.897   11.779  22.361  0.80 54.83 ? 283  GOL A O2  1 
HETATM 1193 C C3  . GOL B 2 .   ? 7.051   12.177  19.968  0.80 51.34 ? 283  GOL A C3  1 
HETATM 1194 O O3  . GOL B 2 .   ? 8.248   12.816  20.361  0.80 49.27 ? 283  GOL A O3  1 
HETATM 1195 C C1  . GOL C 2 .   ? -14.479 5.077   12.239  0.80 48.94 ? 284  GOL A C1  1 
HETATM 1196 O O1  . GOL C 2 .   ? -14.434 3.708   12.579  0.80 48.62 ? 284  GOL A O1  1 
HETATM 1197 C C2  . GOL C 2 .   ? -13.682 5.935   13.219  0.80 47.98 ? 284  GOL A C2  1 
HETATM 1198 O O2  . GOL C 2 .   ? -14.276 5.887   14.510  0.80 51.19 ? 284  GOL A O2  1 
HETATM 1199 C C3  . GOL C 2 .   ? -12.188 5.569   13.206  0.80 46.53 ? 284  GOL A C3  1 
HETATM 1200 O O3  . GOL C 2 .   ? -11.597 5.356   14.476  0.80 40.29 ? 284  GOL A O3  1 
HETATM 1201 C C1  . GOL D 2 .   ? -9.039  8.360   20.101  0.80 51.78 ? 285  GOL A C1  1 
HETATM 1202 O O1  . GOL D 2 .   ? -10.362 7.974   20.406  0.80 51.39 ? 285  GOL A O1  1 
HETATM 1203 C C2  . GOL D 2 .   ? -8.798  9.741   20.684  0.80 53.51 ? 285  GOL A C2  1 
HETATM 1204 O O2  . GOL D 2 .   ? -9.267  9.755   22.011  0.80 54.89 ? 285  GOL A O2  1 
HETATM 1205 C C3  . GOL D 2 .   ? -7.323  10.087  20.673  0.80 53.25 ? 285  GOL A C3  1 
HETATM 1206 O O3  . GOL D 2 .   ? -7.113  11.074  21.656  0.80 56.47 ? 285  GOL A O3  1 
HETATM 1207 O O   . HOH E 3 .   ? 13.437  8.082   -13.962 1.00 50.72 ? 2001 HOH A O   1 
HETATM 1208 O O   . HOH E 3 .   ? 16.239  15.494  -20.756 1.00 60.38 ? 2002 HOH A O   1 
HETATM 1209 O O   . HOH E 3 .   ? 10.137  12.882  -7.046  1.00 49.25 ? 2003 HOH A O   1 
HETATM 1210 O O   . HOH E 3 .   ? 0.871   14.906  -1.077  0.33 38.14 ? 2004 HOH A O   1 
HETATM 1211 O O   . HOH E 3 .   ? 8.133   19.614  -9.187  1.00 34.90 ? 2005 HOH A O   1 
HETATM 1212 O O   . HOH E 3 .   ? 4.428   16.260  -2.546  1.00 38.86 ? 2006 HOH A O   1 
HETATM 1213 O O   . HOH E 3 .   ? 4.905   16.047  -7.184  1.00 52.99 ? 2007 HOH A O   1 
HETATM 1214 O O   . HOH E 3 .   ? 4.312   12.570  -3.205  1.00 63.17 ? 2008 HOH A O   1 
HETATM 1215 O O   . HOH E 3 .   ? 0.441   18.697  1.589   0.33 27.53 ? 2009 HOH A O   1 
HETATM 1216 O O   . HOH E 3 .   ? 10.047  15.023  2.258   1.00 28.01 ? 2010 HOH A O   1 
HETATM 1217 O O   . HOH E 3 .   ? 3.382   13.909  -1.274  1.00 49.11 ? 2011 HOH A O   1 
HETATM 1218 O O   . HOH E 3 .   ? -10.177 29.387  10.660  1.00 63.43 ? 2012 HOH A O   1 
HETATM 1219 O O   . HOH E 3 .   ? -0.823  29.816  9.397   0.33 49.62 ? 2013 HOH A O   1 
HETATM 1220 O O   . HOH E 3 .   ? -4.478  30.991  7.452   1.00 45.73 ? 2014 HOH A O   1 
HETATM 1221 O O   . HOH E 3 .   ? 3.273   12.830  1.192   1.00 42.54 ? 2015 HOH A O   1 
HETATM 1222 O O   . HOH E 3 .   ? 5.167   9.697   0.147   1.00 43.19 ? 2016 HOH A O   1 
HETATM 1223 O O   . HOH E 3 .   ? 4.140   16.081  1.864   1.00 33.69 ? 2017 HOH A O   1 
HETATM 1224 O O   . HOH E 3 .   ? 6.996   17.276  4.608   1.00 28.39 ? 2018 HOH A O   1 
HETATM 1225 O O   . HOH E 3 .   ? 12.794  10.214  8.727   1.00 33.11 ? 2019 HOH A O   1 
HETATM 1226 O O   . HOH E 3 .   ? 5.399   12.809  8.671   1.00 27.94 ? 2020 HOH A O   1 
HETATM 1227 O O   . HOH E 3 .   ? 1.087   15.428  3.086   1.00 37.81 ? 2021 HOH A O   1 
HETATM 1228 O O   . HOH E 3 .   ? -1.500  17.084  3.723   1.00 34.11 ? 2022 HOH A O   1 
HETATM 1229 O O   . HOH E 3 .   ? -5.907  21.977  6.883   1.00 27.17 ? 2023 HOH A O   1 
HETATM 1230 O O   . HOH E 3 .   ? -3.503  17.464  5.687   1.00 30.73 ? 2024 HOH A O   1 
HETATM 1231 O O   . HOH E 3 .   ? -4.780  15.261  8.431   1.00 27.24 ? 2025 HOH A O   1 
HETATM 1232 O O   . HOH E 3 .   ? -9.787  22.724  13.051  1.00 59.05 ? 2026 HOH A O   1 
HETATM 1233 O O   . HOH E 3 .   ? -10.996 -7.395  10.298  1.00 47.22 ? 2027 HOH A O   1 
HETATM 1234 O O   . HOH E 3 .   ? -10.428 18.960  12.428  1.00 33.37 ? 2028 HOH A O   1 
HETATM 1235 O O   . HOH E 3 .   ? -14.694 25.040  8.784   1.00 48.04 ? 2029 HOH A O   1 
HETATM 1236 O O   . HOH E 3 .   ? -12.530 27.553  10.308  1.00 54.75 ? 2030 HOH A O   1 
HETATM 1237 O O   . HOH E 3 .   ? -12.817 17.412  12.309  1.00 58.50 ? 2031 HOH A O   1 
HETATM 1238 O O   . HOH E 3 .   ? 24.495  0.628   8.829   1.00 39.65 ? 2032 HOH A O   1 
HETATM 1239 O O   . HOH E 3 .   ? -8.191  28.502  9.017   1.00 34.42 ? 2033 HOH A O   1 
HETATM 1240 O O   . HOH E 3 .   ? -2.295  28.086  10.853  1.00 42.16 ? 2034 HOH A O   1 
HETATM 1241 O O   . HOH E 3 .   ? -5.468  29.136  9.888   1.00 49.09 ? 2035 HOH A O   1 
HETATM 1242 O O   . HOH E 3 .   ? 5.307   7.044   21.174  1.00 56.89 ? 2036 HOH A O   1 
HETATM 1243 O O   . HOH E 3 .   ? -2.525  23.600  15.591  1.00 54.25 ? 2037 HOH A O   1 
HETATM 1244 O O   . HOH E 3 .   ? -0.942  24.883  13.448  1.00 34.78 ? 2038 HOH A O   1 
HETATM 1245 O O   . HOH E 3 .   ? 8.976   16.493  19.034  1.00 40.38 ? 2039 HOH A O   1 
HETATM 1246 O O   . HOH E 3 .   ? -4.216  19.061  17.558  1.00 38.81 ? 2040 HOH A O   1 
HETATM 1247 O O   . HOH E 3 .   ? -1.792  20.889  20.426  1.00 58.80 ? 2041 HOH A O   1 
HETATM 1248 O O   . HOH E 3 .   ? 1.009   24.342  17.825  1.00 41.78 ? 2042 HOH A O   1 
HETATM 1249 O O   . HOH E 3 .   ? 0.342   13.302  20.541  1.00 45.25 ? 2043 HOH A O   1 
HETATM 1250 O O   . HOH E 3 .   ? 3.148   18.341  19.959  1.00 58.18 ? 2044 HOH A O   1 
HETATM 1251 O O   . HOH E 3 .   ? -1.829  19.901  22.779  1.00 61.79 ? 2045 HOH A O   1 
HETATM 1252 O O   . HOH E 3 .   ? 0.406   8.411   23.218  1.00 56.82 ? 2046 HOH A O   1 
HETATM 1253 O O   . HOH E 3 .   ? -6.464  -5.429  6.403   1.00 45.53 ? 2047 HOH A O   1 
HETATM 1254 O O   . HOH E 3 .   ? -12.856 0.148   1.635   1.00 60.39 ? 2048 HOH A O   1 
HETATM 1255 O O   . HOH E 3 .   ? -14.908 0.442   5.283   1.00 53.99 ? 2049 HOH A O   1 
HETATM 1256 O O   . HOH E 3 .   ? -15.185 5.621   5.271   1.00 51.91 ? 2050 HOH A O   1 
HETATM 1257 O O   . HOH E 3 .   ? -6.979  2.813   21.575  1.00 41.36 ? 2051 HOH A O   1 
HETATM 1258 O O   . HOH E 3 .   ? -10.709 0.329   22.432  1.00 57.80 ? 2052 HOH A O   1 
HETATM 1259 O O   . HOH E 3 .   ? -10.972 -4.710  21.785  1.00 39.59 ? 2053 HOH A O   1 
HETATM 1260 O O   . HOH E 3 .   ? -8.282  -8.808  14.024  1.00 55.47 ? 2054 HOH A O   1 
HETATM 1261 O O   . HOH E 3 .   ? -11.484 -6.623  16.138  1.00 37.05 ? 2055 HOH A O   1 
HETATM 1262 O O   . HOH E 3 .   ? -9.599  -6.687  12.722  1.00 39.46 ? 2056 HOH A O   1 
HETATM 1263 O O   . HOH E 3 .   ? -5.415  -6.673  13.815  1.00 46.47 ? 2057 HOH A O   1 
HETATM 1264 O O   . HOH E 3 .   ? -4.071  2.228   20.813  1.00 57.66 ? 2058 HOH A O   1 
HETATM 1265 O O   . HOH E 3 .   ? -2.235  -0.032  21.062  1.00 56.87 ? 2059 HOH A O   1 
HETATM 1266 O O   . HOH E 3 .   ? -3.720  -5.726  17.216  1.00 62.64 ? 2060 HOH A O   1 
HETATM 1267 O O   . HOH E 3 .   ? -0.958  -1.837  18.397  1.00 48.96 ? 2061 HOH A O   1 
HETATM 1268 O O   . HOH E 3 .   ? 0.464   -1.462  16.406  1.00 45.57 ? 2062 HOH A O   1 
HETATM 1269 O O   . HOH E 3 .   ? 2.298   -4.125  9.623   1.00 41.58 ? 2063 HOH A O   1 
HETATM 1270 O O   . HOH E 3 .   ? 14.526  6.098   6.712   1.00 48.70 ? 2064 HOH A O   1 
HETATM 1271 O O   . HOH E 3 .   ? 12.889  6.828   10.171  1.00 39.23 ? 2065 HOH A O   1 
HETATM 1272 O O   . HOH E 3 .   ? -0.234  -39.454 -40.173 1.00 60.65 ? 2066 HOH A O   1 
HETATM 1273 O O   . HOH E 3 .   ? 14.826  6.883   11.925  1.00 55.25 ? 2067 HOH A O   1 
HETATM 1274 O O   . HOH E 3 .   ? -1.217  -43.345 -30.695 1.00 59.27 ? 2068 HOH A O   1 
HETATM 1275 O O   . HOH E 3 .   ? 3.218   -45.877 -31.139 1.00 56.21 ? 2069 HOH A O   1 
HETATM 1276 O O   . HOH E 3 .   ? 16.566  9.790   9.775   1.00 60.34 ? 2070 HOH A O   1 
HETATM 1277 O O   . HOH E 3 .   ? 23.135  -1.221  10.080  1.00 44.50 ? 2071 HOH A O   1 
HETATM 1278 O O   . HOH E 3 .   ? 20.089  4.153   11.202  1.00 51.35 ? 2072 HOH A O   1 
HETATM 1279 O O   . HOH E 3 .   ? 19.659  0.647   12.844  1.00 49.98 ? 2073 HOH A O   1 
HETATM 1280 O O   . HOH E 3 .   ? 14.270  -5.340  8.643   1.00 61.53 ? 2074 HOH A O   1 
HETATM 1281 O O   . HOH E 3 .   ? 16.559  -2.413  14.612  1.00 60.37 ? 2075 HOH A O   1 
HETATM 1282 O O   . HOH E 3 .   ? 15.413  -4.788  10.852  1.00 58.61 ? 2076 HOH A O   1 
HETATM 1283 O O   . HOH E 3 .   ? 11.580  -5.674  12.848  1.00 65.43 ? 2077 HOH A O   1 
HETATM 1284 O O   . HOH E 3 .   ? 2.822   -7.145  16.977  1.00 57.09 ? 2078 HOH A O   1 
HETATM 1285 O O   . HOH E 3 .   ? 6.485   -2.308  19.986  1.00 60.26 ? 2079 HOH A O   1 
HETATM 1286 O O   . HOH E 3 .   ? 9.089   -6.452  16.314  1.00 61.11 ? 2080 HOH A O   1 
HETATM 1287 O O   . HOH E 3 .   ? 11.090  -4.613  16.134  1.00 47.83 ? 2081 HOH A O   1 
HETATM 1288 O O   . HOH E 3 .   ? 10.274  0.111   20.118  1.00 52.63 ? 2082 HOH A O   1 
HETATM 1289 O O   . HOH E 3 .   ? 3.262   -1.899  16.123  1.00 34.67 ? 2083 HOH A O   1 
HETATM 1290 O O   . HOH E 3 .   ? 0.735   -0.363  20.234  1.00 45.04 ? 2084 HOH A O   1 
HETATM 1291 O O   . HOH E 3 .   ? 1.916   6.578   21.563  1.00 47.83 ? 2085 HOH A O   1 
HETATM 1292 O O   . HOH E 3 .   ? 4.304   6.384   18.610  1.00 38.46 ? 2086 HOH A O   1 
HETATM 1293 O O   . HOH E 3 .   ? 4.126   16.174  19.839  1.00 58.37 ? 2087 HOH A O   1 
HETATM 1294 O O   . HOH E 3 .   ? 9.243   18.131  16.885  1.00 37.86 ? 2088 HOH A O   1 
HETATM 1295 O O   . HOH E 3 .   ? 6.169   19.755  18.423  1.00 38.29 ? 2089 HOH A O   1 
HETATM 1296 O O   . HOH E 3 .   ? 1.467   24.167  15.113  1.00 31.45 ? 2090 HOH A O   1 
HETATM 1297 O O   . HOH E 3 .   ? 9.610   17.708  4.893   1.00 28.13 ? 2091 HOH A O   1 
HETATM 1298 O O   . HOH E 3 .   ? 7.950   12.763  9.788   1.00 29.22 ? 2092 HOH A O   1 
HETATM 1299 O O   . HOH E 3 .   ? 5.016   8.175   16.436  1.00 31.68 ? 2093 HOH A O   1 
HETATM 1300 O O   . HOH E 3 .   ? 12.418  2.139   20.095  1.00 59.86 ? 2094 HOH A O   1 
HETATM 1301 O O   . HOH E 3 .   ? 13.715  8.703   16.742  1.00 47.83 ? 2095 HOH A O   1 
HETATM 1302 O O   . HOH E 3 .   ? 7.405   2.233   21.081  1.00 43.31 ? 2096 HOH A O   1 
HETATM 1303 O O   . HOH E 3 .   ? 14.388  15.002  13.178  1.00 36.12 ? 2097 HOH A O   1 
HETATM 1304 O O   . HOH E 3 .   ? 14.861  11.862  9.474   1.00 50.04 ? 2098 HOH A O   1 
HETATM 1305 O O   . HOH E 3 .   ? 6.563   10.286  8.027   1.00 29.10 ? 2099 HOH A O   1 
HETATM 1306 O O   . HOH E 3 .   ? -0.617  2.515   1.194   1.00 41.48 ? 2100 HOH A O   1 
HETATM 1307 O O   . HOH E 3 .   ? -2.062  -4.988  1.813   1.00 54.77 ? 2101 HOH A O   1 
HETATM 1308 O O   . HOH E 3 .   ? -1.579  5.994   6.022   1.00 32.08 ? 2102 HOH A O   1 
HETATM 1309 O O   . HOH E 3 .   ? -11.039 20.068  18.400  1.00 48.94 ? 2103 HOH A O   1 
HETATM 1310 O O   . HOH E 3 .   ? -15.105 15.930  18.593  1.00 55.02 ? 2104 HOH A O   1 
HETATM 1311 O O   . HOH E 3 .   ? -14.562 15.715  14.656  1.00 60.89 ? 2105 HOH A O   1 
HETATM 1312 O O   . HOH E 3 .   ? -13.563 11.930  9.927   1.00 51.51 ? 2106 HOH A O   1 
HETATM 1313 O O   . HOH E 3 .   ? -16.586 11.561  13.685  1.00 62.31 ? 2107 HOH A O   1 
HETATM 1314 O O   . HOH E 3 .   ? -13.400 11.991  7.311   1.00 45.32 ? 2108 HOH A O   1 
HETATM 1315 O O   . HOH E 3 .   ? -12.986 6.388   4.656   1.00 51.29 ? 2109 HOH A O   1 
HETATM 1316 O O   . HOH E 3 .   ? -13.907 9.693   6.683   1.00 51.76 ? 2110 HOH A O   1 
HETATM 1317 O O   . HOH E 3 .   ? -6.561  -3.520  -0.431  1.00 44.92 ? 2111 HOH A O   1 
HETATM 1318 O O   . HOH E 3 .   ? -11.239 4.197   1.364   1.00 37.32 ? 2112 HOH A O   1 
HETATM 1319 O O   . HOH E 3 .   ? -11.049 -1.958  0.885   1.00 51.30 ? 2113 HOH A O   1 
HETATM 1320 O O   . HOH E 3 .   ? -8.087  6.272   -5.997  1.00 53.93 ? 2114 HOH A O   1 
HETATM 1321 O O   . HOH E 3 .   ? -0.172  -5.483  -11.845 1.00 51.23 ? 2115 HOH A O   1 
HETATM 1322 O O   . HOH E 3 .   ? -4.694  -24.085 -24.239 1.00 57.19 ? 2116 HOH A O   1 
HETATM 1323 O O   . HOH E 3 .   ? -2.550  -18.870 -34.131 1.00 45.59 ? 2117 HOH A O   1 
HETATM 1324 O O   . HOH E 3 .   ? -1.710  -27.661 -20.102 1.00 59.05 ? 2118 HOH A O   1 
HETATM 1325 O O   . HOH E 3 .   ? -5.083  -29.035 -28.468 1.00 58.33 ? 2119 HOH A O   1 
HETATM 1326 O O   . HOH E 3 .   ? 3.182   -37.555 -29.053 1.00 43.17 ? 2120 HOH A O   1 
HETATM 1327 O O   . HOH E 3 .   ? 6.315   -32.226 -25.647 1.00 42.12 ? 2121 HOH A O   1 
HETATM 1328 O O   . HOH E 3 .   ? -5.608  -33.389 -32.206 1.00 53.20 ? 2122 HOH A O   1 
HETATM 1329 O O   . HOH E 3 .   ? -3.027  -39.094 -32.331 1.00 39.39 ? 2123 HOH A O   1 
HETATM 1330 O O   . HOH E 3 .   ? 0.106   -28.334 -38.296 1.00 22.37 ? 2124 HOH A O   1 
HETATM 1331 O O   . HOH E 3 .   ? 0.868   -31.864 -41.403 1.00 39.29 ? 2125 HOH A O   1 
HETATM 1332 O O   . HOH E 3 .   ? -0.180  -36.901 -38.428 1.00 50.64 ? 2126 HOH A O   1 
HETATM 1333 O O   . HOH E 3 .   ? -1.150  -33.569 -39.898 1.00 50.21 ? 2127 HOH A O   1 
HETATM 1334 O O   . HOH E 3 .   ? 1.554   -43.450 -31.268 1.00 47.89 ? 2128 HOH A O   1 
HETATM 1335 O O   . HOH E 3 .   ? -2.371  -42.160 -32.759 1.00 50.61 ? 2129 HOH A O   1 
HETATM 1336 O O   . HOH E 3 .   ? 5.350   -43.530 -27.524 1.00 43.88 ? 2130 HOH A O   1 
HETATM 1337 O O   . HOH E 3 .   ? -5.804  12.697  20.493  1.00 52.35 ? 2131 HOH A O   1 
# 
loop_
_pdbx_poly_seq_scheme.asym_id 
_pdbx_poly_seq_scheme.entity_id 
_pdbx_poly_seq_scheme.seq_id 
_pdbx_poly_seq_scheme.mon_id 
_pdbx_poly_seq_scheme.ndb_seq_num 
_pdbx_poly_seq_scheme.pdb_seq_num 
_pdbx_poly_seq_scheme.auth_seq_num 
_pdbx_poly_seq_scheme.pdb_mon_id 
_pdbx_poly_seq_scheme.auth_mon_id 
_pdbx_poly_seq_scheme.pdb_strand_id 
_pdbx_poly_seq_scheme.pdb_ins_code 
_pdbx_poly_seq_scheme.hetero 
A 1 1   THR 1   2   ?   ?   ?   A . n 
A 1 2   ASP 2   3   ?   ?   ?   A . n 
A 1 3   ILE 3   4   ?   ?   ?   A . n 
A 1 4   THR 4   5   5   THR THR A . n 
A 1 5   ALA 5   6   6   ALA ALA A . n 
A 1 6   ASN 6   7   7   ASN ASN A . n 
A 1 7   VAL 7   8   8   VAL VAL A . n 
A 1 8   VAL 8   9   9   VAL VAL A . n 
A 1 9   VAL 9   10  10  VAL VAL A . n 
A 1 10  SER 10  11  11  SER SER A . n 
A 1 11  ASN 11  12  12  ASN ASN A . n 
A 1 12  PRO 12  13  13  PRO PRO A . n 
A 1 13  ARG 13  14  14  ARG ARG A . n 
A 1 14  PRO 14  15  15  PRO PRO A . n 
A 1 15  ILE 15  16  16  ILE ILE A . n 
A 1 16  PHE 16  17  17  PHE PHE A . n 
A 1 17  THR 17  18  18  THR THR A . n 
A 1 18  GLU 18  19  19  GLU GLU A . n 
A 1 19  SER 19  20  20  SER SER A . n 
A 1 20  ARG 20  21  21  ARG ARG A . n 
A 1 21  SER 21  22  22  SER SER A . n 
A 1 22  PHE 22  23  23  PHE PHE A . n 
A 1 23  LYS 23  24  24  LYS LYS A . n 
A 1 24  ALA 24  25  25  ALA ALA A . n 
A 1 25  VAL 25  26  26  VAL VAL A . n 
A 1 26  ALA 26  27  27  ALA ALA A . n 
A 1 27  ASN 27  28  28  ASN ASN A . n 
A 1 28  GLY 28  29  29  GLY GLY A . n 
A 1 29  LYS 29  30  30  LYS LYS A . n 
A 1 30  ILE 30  31  31  ILE ILE A . n 
A 1 31  TYR 31  32  32  TYR TYR A . n 
A 1 32  ILE 32  33  33  ILE ILE A . n 
A 1 33  GLY 33  34  34  GLY GLY A . n 
A 1 34  GLN 34  35  35  GLN GLN A . n 
A 1 35  ILE 35  36  36  ILE ILE A . n 
A 1 36  ASP 36  37  37  ASP ASP A . n 
A 1 37  THR 37  38  38  THR THR A . n 
A 1 38  ASP 38  39  39  ASP ASP A . n 
A 1 39  PRO 39  40  40  PRO PRO A . n 
A 1 40  VAL 40  41  41  VAL VAL A . n 
A 1 41  ASN 41  42  42  ASN ASN A . n 
A 1 42  PRO 42  43  43  PRO PRO A . n 
A 1 43  ALA 43  44  44  ALA ALA A . n 
A 1 44  ASN 44  45  45  ASN ASN A . n 
A 1 45  GLN 45  46  46  GLN GLN A . n 
A 1 46  ILE 46  47  47  ILE ILE A . n 
A 1 47  PRO 47  48  48  PRO PRO A . n 
A 1 48  VAL 48  49  49  VAL VAL A . n 
A 1 49  TYR 49  50  50  TYR TYR A . n 
A 1 50  ILE 50  51  51  ILE ILE A . n 
A 1 51  GLU 51  52  52  GLU GLU A . n 
A 1 52  ASN 52  53  53  ASN ASN A . n 
A 1 53  GLU 53  54  54  GLU GLU A . n 
A 1 54  ASP 54  55  55  ASP ASP A . n 
A 1 55  GLY 55  56  56  GLY GLY A . n 
A 1 56  SER 56  57  57  SER SER A . n 
A 1 57  HIS 57  58  58  HIS HIS A . n 
A 1 58  VAL 58  59  59  VAL VAL A . n 
A 1 59  GLN 59  60  60  GLN GLN A . n 
A 1 60  ILE 60  61  61  ILE ILE A . n 
A 1 61  THR 61  62  62  THR THR A . n 
A 1 62  GLN 62  63  63  GLN GLN A . n 
A 1 63  PRO 63  64  64  PRO PRO A . n 
A 1 64  LEU 64  65  65  LEU LEU A . n 
A 1 65  ILE 65  66  66  ILE ILE A . n 
A 1 66  ILE 66  67  67  ILE ILE A . n 
A 1 67  ASN 67  68  68  ASN ASN A . n 
A 1 68  ALA 68  69  69  ALA ALA A . n 
A 1 69  ALA 69  70  70  ALA ALA A . n 
A 1 70  GLY 70  71  71  GLY GLY A . n 
A 1 71  LYS 71  72  72  LYS LYS A . n 
A 1 72  ILE 72  73  73  ILE ILE A . n 
A 1 73  VAL 73  74  74  VAL VAL A . n 
A 1 74  TYR 74  75  75  TYR TYR A . n 
A 1 75  ASN 75  76  76  ASN ASN A . n 
A 1 76  GLY 76  77  77  GLY GLY A . n 
A 1 77  GLN 77  78  78  GLN GLN A . n 
A 1 78  LEU 78  79  79  LEU LEU A . n 
A 1 79  VAL 79  80  80  VAL VAL A . n 
A 1 80  LYS 80  81  81  LYS LYS A . n 
A 1 81  ILE 81  82  82  ILE ILE A . n 
A 1 82  VAL 82  83  83  VAL VAL A . n 
A 1 83  THR 83  84  84  THR THR A . n 
A 1 84  VAL 84  85  85  VAL VAL A . n 
A 1 85  GLN 85  86  86  GLN GLN A . n 
A 1 86  GLY 86  87  87  GLY GLY A . n 
A 1 87  HIS 87  88  88  HIS HIS A . n 
A 1 88  SER 88  89  89  SER SER A . n 
A 1 89  MET 89  90  90  MET MET A . n 
A 1 90  ALA 90  91  91  ALA ALA A . n 
A 1 91  ILE 91  92  92  ILE ILE A . n 
A 1 92  TYR 92  93  93  TYR TYR A . n 
A 1 93  ASP 93  94  94  ASP ASP A . n 
A 1 94  ALA 94  95  95  ALA ALA A . n 
A 1 95  ASN 95  96  96  ASN ASN A . n 
A 1 96  GLY 96  97  97  GLY GLY A . n 
A 1 97  SER 97  98  98  SER SER A . n 
A 1 98  GLN 98  99  99  GLN GLN A . n 
A 1 99  VAL 99  100 100 VAL VAL A . n 
A 1 100 ASP 100 101 101 ASP ASP A . n 
A 1 101 TYR 101 102 102 TYR TYR A . n 
A 1 102 ILE 102 103 103 ILE ILE A . n 
A 1 103 ALA 103 104 104 ALA ALA A . n 
A 1 104 ASN 104 105 105 ASN ASN A . n 
A 1 105 VAL 105 106 106 VAL VAL A . n 
A 1 106 LEU 106 107 107 LEU LEU A . n 
A 1 107 LYS 107 108 108 LYS LYS A . n 
A 1 108 TRP 108 109 109 TRP TRP A . n 
A 1 109 ASP 109 110 110 ASP ASP A . n 
A 1 110 PRO 110 111 111 PRO PRO A . n 
A 1 111 ASP 111 112 112 ASP ASP A . n 
A 1 112 GLN 112 113 113 GLN GLN A . n 
A 1 113 TYR 113 114 114 TYR TYR A . n 
A 1 114 SER 114 115 115 SER SER A . n 
A 1 115 ILE 115 116 116 ILE ILE A . n 
A 1 116 GLU 116 117 117 GLU GLU A . n 
A 1 117 ALA 117 118 118 ALA ALA A . n 
A 1 118 ASP 118 119 119 ASP ASP A . n 
A 1 119 LYS 119 120 120 LYS LYS A . n 
A 1 120 LYS 120 121 121 LYS LYS A . n 
A 1 121 PHE 121 122 122 PHE PHE A . n 
A 1 122 LYS 122 123 123 LYS LYS A . n 
A 1 123 GLN 123 124 124 GLN GLN A . n 
A 1 124 ILE 124 125 125 ILE ILE A . n 
A 1 125 GLU 125 126 126 GLU GLU A . n 
A 1 126 ASP 126 127 127 ASP ASP A . n 
A 1 127 LYS 127 128 128 LYS LYS A . n 
A 1 128 ILE 128 129 129 ILE ILE A . n 
A 1 129 GLU 129 130 130 GLU GLU A . n 
A 1 130 GLU 130 131 131 GLU GLU A . n 
A 1 131 ILE 131 132 132 ILE ILE A . n 
A 1 132 LEU 132 133 133 LEU LEU A . n 
A 1 133 SER 133 134 134 SER SER A . n 
A 1 134 LYS 134 135 135 LYS LYS A . n 
A 1 135 ILE 135 136 136 ILE ILE A . n 
A 1 136 TYR 136 137 137 TYR TYR A . n 
A 1 137 HIS 137 138 138 HIS HIS A . n 
A 1 138 ILE 138 139 139 ILE ILE A . n 
A 1 139 GLU 139 140 140 GLU GLU A . n 
A 1 140 ASN 140 141 141 ASN ASN A . n 
A 1 141 GLU 141 142 142 GLU GLU A . n 
A 1 142 ILE 142 143 143 ILE ILE A . n 
A 1 143 ALA 143 144 144 ALA ALA A . n 
A 1 144 ARG 144 145 145 ARG ARG A . n 
A 1 145 ILE 145 146 146 ILE ILE A . n 
A 1 146 LYS 146 147 147 LYS LYS A . n 
A 1 147 LYS 147 148 148 LYS LYS A . n 
A 1 148 LEU 148 149 149 LEU LEU A . n 
A 1 149 ILE 149 150 150 ILE ILE A . n 
A 1 150 GLY 150 151 151 GLY GLY A . n 
A 1 151 GLU 151 152 ?   ?   ?   A . n 
# 
loop_
_pdbx_nonpoly_scheme.asym_id 
_pdbx_nonpoly_scheme.entity_id 
_pdbx_nonpoly_scheme.mon_id 
_pdbx_nonpoly_scheme.ndb_seq_num 
_pdbx_nonpoly_scheme.pdb_seq_num 
_pdbx_nonpoly_scheme.auth_seq_num 
_pdbx_nonpoly_scheme.pdb_mon_id 
_pdbx_nonpoly_scheme.auth_mon_id 
_pdbx_nonpoly_scheme.pdb_strand_id 
_pdbx_nonpoly_scheme.pdb_ins_code 
B 2 GOL 1   283  283  GOL GOL A . 
C 2 GOL 1   284  284  GOL GOL A . 
D 2 GOL 1   285  285  GOL GOL A . 
E 3 HOH 1   2001 2001 HOH HOH A . 
E 3 HOH 2   2002 2002 HOH HOH A . 
E 3 HOH 3   2003 2003 HOH HOH A . 
E 3 HOH 4   2004 2004 HOH HOH A . 
E 3 HOH 5   2005 2005 HOH HOH A . 
E 3 HOH 6   2006 2006 HOH HOH A . 
E 3 HOH 7   2007 2007 HOH HOH A . 
E 3 HOH 8   2008 2008 HOH HOH A . 
E 3 HOH 9   2009 2009 HOH HOH A . 
E 3 HOH 10  2010 2010 HOH HOH A . 
E 3 HOH 11  2011 2011 HOH HOH A . 
E 3 HOH 12  2012 2012 HOH HOH A . 
E 3 HOH 13  2013 2013 HOH HOH A . 
E 3 HOH 14  2014 2014 HOH HOH A . 
E 3 HOH 15  2015 2015 HOH HOH A . 
E 3 HOH 16  2016 2016 HOH HOH A . 
E 3 HOH 17  2017 2017 HOH HOH A . 
E 3 HOH 18  2018 2018 HOH HOH A . 
E 3 HOH 19  2019 2019 HOH HOH A . 
E 3 HOH 20  2020 2020 HOH HOH A . 
E 3 HOH 21  2021 2021 HOH HOH A . 
E 3 HOH 22  2022 2022 HOH HOH A . 
E 3 HOH 23  2023 2023 HOH HOH A . 
E 3 HOH 24  2024 2024 HOH HOH A . 
E 3 HOH 25  2025 2025 HOH HOH A . 
E 3 HOH 26  2026 2026 HOH HOH A . 
E 3 HOH 27  2027 2027 HOH HOH A . 
E 3 HOH 28  2028 2028 HOH HOH A . 
E 3 HOH 29  2029 2029 HOH HOH A . 
E 3 HOH 30  2030 2030 HOH HOH A . 
E 3 HOH 31  2031 2031 HOH HOH A . 
E 3 HOH 32  2032 2032 HOH HOH A . 
E 3 HOH 33  2033 2033 HOH HOH A . 
E 3 HOH 34  2034 2034 HOH HOH A . 
E 3 HOH 35  2035 2035 HOH HOH A . 
E 3 HOH 36  2036 2036 HOH HOH A . 
E 3 HOH 37  2037 2037 HOH HOH A . 
E 3 HOH 38  2038 2038 HOH HOH A . 
E 3 HOH 39  2039 2039 HOH HOH A . 
E 3 HOH 40  2040 2040 HOH HOH A . 
E 3 HOH 41  2041 2041 HOH HOH A . 
E 3 HOH 42  2042 2042 HOH HOH A . 
E 3 HOH 43  2043 2043 HOH HOH A . 
E 3 HOH 44  2044 2044 HOH HOH A . 
E 3 HOH 45  2045 2045 HOH HOH A . 
E 3 HOH 46  2046 2046 HOH HOH A . 
E 3 HOH 47  2047 2047 HOH HOH A . 
E 3 HOH 48  2048 2048 HOH HOH A . 
E 3 HOH 49  2049 2049 HOH HOH A . 
E 3 HOH 50  2050 2050 HOH HOH A . 
E 3 HOH 51  2051 2051 HOH HOH A . 
E 3 HOH 52  2052 2052 HOH HOH A . 
E 3 HOH 53  2053 2053 HOH HOH A . 
E 3 HOH 54  2054 2054 HOH HOH A . 
E 3 HOH 55  2055 2055 HOH HOH A . 
E 3 HOH 56  2056 2056 HOH HOH A . 
E 3 HOH 57  2057 2057 HOH HOH A . 
E 3 HOH 58  2058 2058 HOH HOH A . 
E 3 HOH 59  2059 2059 HOH HOH A . 
E 3 HOH 60  2060 2060 HOH HOH A . 
E 3 HOH 61  2061 2061 HOH HOH A . 
E 3 HOH 62  2062 2062 HOH HOH A . 
E 3 HOH 63  2063 2063 HOH HOH A . 
E 3 HOH 64  2064 2064 HOH HOH A . 
E 3 HOH 65  2065 2065 HOH HOH A . 
E 3 HOH 66  2066 2066 HOH HOH A . 
E 3 HOH 67  2067 2067 HOH HOH A . 
E 3 HOH 68  2068 2068 HOH HOH A . 
E 3 HOH 69  2069 2069 HOH HOH A . 
E 3 HOH 70  2070 2070 HOH HOH A . 
E 3 HOH 71  2071 2071 HOH HOH A . 
E 3 HOH 72  2072 2072 HOH HOH A . 
E 3 HOH 73  2073 2073 HOH HOH A . 
E 3 HOH 74  2074 2074 HOH HOH A . 
E 3 HOH 75  2075 2075 HOH HOH A . 
E 3 HOH 76  2076 2076 HOH HOH A . 
E 3 HOH 77  2077 2077 HOH HOH A . 
E 3 HOH 78  2078 2078 HOH HOH A . 
E 3 HOH 79  2079 2079 HOH HOH A . 
E 3 HOH 80  2080 2080 HOH HOH A . 
E 3 HOH 81  2081 2081 HOH HOH A . 
E 3 HOH 82  2082 2082 HOH HOH A . 
E 3 HOH 83  2083 2083 HOH HOH A . 
E 3 HOH 84  2084 2084 HOH HOH A . 
E 3 HOH 85  2085 2085 HOH HOH A . 
E 3 HOH 86  2086 2086 HOH HOH A . 
E 3 HOH 87  2087 2087 HOH HOH A . 
E 3 HOH 88  2088 2088 HOH HOH A . 
E 3 HOH 89  2089 2089 HOH HOH A . 
E 3 HOH 90  2090 2090 HOH HOH A . 
E 3 HOH 91  2091 2091 HOH HOH A . 
E 3 HOH 92  2092 2092 HOH HOH A . 
E 3 HOH 93  2093 2093 HOH HOH A . 
E 3 HOH 94  2094 2094 HOH HOH A . 
E 3 HOH 95  2095 2095 HOH HOH A . 
E 3 HOH 96  2096 2096 HOH HOH A . 
E 3 HOH 97  2097 2097 HOH HOH A . 
E 3 HOH 98  2098 2098 HOH HOH A . 
E 3 HOH 99  2099 2099 HOH HOH A . 
E 3 HOH 100 2100 2100 HOH HOH A . 
E 3 HOH 101 2101 2101 HOH HOH A . 
E 3 HOH 102 2102 2102 HOH HOH A . 
E 3 HOH 103 2103 2103 HOH HOH A . 
E 3 HOH 104 2104 2104 HOH HOH A . 
E 3 HOH 105 2105 2105 HOH HOH A . 
E 3 HOH 106 2106 2106 HOH HOH A . 
E 3 HOH 107 2107 2107 HOH HOH A . 
E 3 HOH 108 2108 2108 HOH HOH A . 
E 3 HOH 109 2109 2109 HOH HOH A . 
E 3 HOH 110 2110 2110 HOH HOH A . 
E 3 HOH 111 2111 2111 HOH HOH A . 
E 3 HOH 112 2112 2112 HOH HOH A . 
E 3 HOH 113 2113 2113 HOH HOH A . 
E 3 HOH 114 2114 2114 HOH HOH A . 
E 3 HOH 115 2115 2115 HOH HOH A . 
E 3 HOH 116 2116 2116 HOH HOH A . 
E 3 HOH 117 2117 2117 HOH HOH A . 
E 3 HOH 118 2118 2118 HOH HOH A . 
E 3 HOH 119 2119 2119 HOH HOH A . 
E 3 HOH 120 2120 2120 HOH HOH A . 
E 3 HOH 121 2121 2121 HOH HOH A . 
E 3 HOH 122 2122 2122 HOH HOH A . 
E 3 HOH 123 2123 2123 HOH HOH A . 
E 3 HOH 124 2124 2124 HOH HOH A . 
E 3 HOH 125 2125 2125 HOH HOH A . 
E 3 HOH 126 2126 2126 HOH HOH A . 
E 3 HOH 127 2127 2127 HOH HOH A . 
E 3 HOH 128 2128 2128 HOH HOH A . 
E 3 HOH 129 2129 2129 HOH HOH A . 
E 3 HOH 130 2130 2130 HOH HOH A . 
E 3 HOH 131 2131 2131 HOH HOH A . 
# 
_pdbx_struct_assembly.id                   1 
_pdbx_struct_assembly.details              author_and_software_defined_assembly 
_pdbx_struct_assembly.method_details       PISA 
_pdbx_struct_assembly.oligomeric_details   trimeric 
_pdbx_struct_assembly.oligomeric_count     3 
# 
_pdbx_struct_assembly_gen.assembly_id       1 
_pdbx_struct_assembly_gen.oper_expression   1,2,3 
_pdbx_struct_assembly_gen.asym_id_list      A,B,C,D,E 
# 
loop_
_pdbx_struct_assembly_prop.biol_id 
_pdbx_struct_assembly_prop.type 
_pdbx_struct_assembly_prop.value 
_pdbx_struct_assembly_prop.details 
1 'ABSA (A^2)' 15100 ? 
1 MORE         -98.4 ? 
1 'SSA (A^2)'  21290 ? 
# 
loop_
_pdbx_struct_oper_list.id 
_pdbx_struct_oper_list.type 
_pdbx_struct_oper_list.name 
_pdbx_struct_oper_list.symmetry_operation 
_pdbx_struct_oper_list.matrix[1][1] 
_pdbx_struct_oper_list.matrix[1][2] 
_pdbx_struct_oper_list.matrix[1][3] 
_pdbx_struct_oper_list.vector[1] 
_pdbx_struct_oper_list.matrix[2][1] 
_pdbx_struct_oper_list.matrix[2][2] 
_pdbx_struct_oper_list.matrix[2][3] 
_pdbx_struct_oper_list.vector[2] 
_pdbx_struct_oper_list.matrix[3][1] 
_pdbx_struct_oper_list.matrix[3][2] 
_pdbx_struct_oper_list.matrix[3][3] 
_pdbx_struct_oper_list.vector[3] 
1 'identity operation'         1_555 x,y,z         1.0000000000  0.0000000000  0.0000000000  0.0000000000  0.0000000000  1.0000000000 0.0000000000 0.0000000000 0.0000000000  0.0000000000 1.0000000000  0.0000000000   
2 'crystal symmetry operation' 2_655 -y+1,x-y,z    -0.4871495434 0.3825547128  -0.7850714707 -5.2526341377 -0.6087936881 0.4957637174 0.6193452849 8.7127274863 0.6261434083  0.7796603288 -0.0086141740 -13.2522601802 
3 'crystal symmetry operation' 3_665 -x+y+1,-x+1,z -0.4871495434 -0.6087936881 0.6261434083  11.0432505362 0.3825547128  0.4957637174 0.7796603288 8.0222273057 -0.7850714707 0.6193452849 -0.0086141740 -9.6340371697 
# 
loop_
_pdbx_struct_special_symmetry.id 
_pdbx_struct_special_symmetry.PDB_model_num 
_pdbx_struct_special_symmetry.auth_asym_id 
_pdbx_struct_special_symmetry.auth_comp_id 
_pdbx_struct_special_symmetry.auth_seq_id 
_pdbx_struct_special_symmetry.PDB_ins_code 
_pdbx_struct_special_symmetry.label_asym_id 
_pdbx_struct_special_symmetry.label_comp_id 
_pdbx_struct_special_symmetry.label_seq_id 
1 1 A HOH 2004 ? E HOH . 
2 1 A HOH 2009 ? E HOH . 
3 1 A HOH 2013 ? E HOH . 
# 
loop_
_pdbx_audit_revision_history.ordinal 
_pdbx_audit_revision_history.data_content_type 
_pdbx_audit_revision_history.major_revision 
_pdbx_audit_revision_history.minor_revision 
_pdbx_audit_revision_history.revision_date 
1 'Structure model' 1 0 2009-02-10 
2 'Structure model' 1 1 2014-05-14 
3 'Structure model' 1 2 2014-05-21 
4 'Structure model' 1 3 2017-03-15 
5 'Structure model' 1 4 2019-01-30 
6 'Structure model' 1 5 2023-12-13 
# 
_pdbx_audit_revision_details.ordinal             1 
_pdbx_audit_revision_details.revision_ordinal    1 
_pdbx_audit_revision_details.data_content_type   'Structure model' 
_pdbx_audit_revision_details.provider            repository 
_pdbx_audit_revision_details.type                'Initial release' 
_pdbx_audit_revision_details.description         ? 
_pdbx_audit_revision_details.details             ? 
# 
loop_
_pdbx_audit_revision_group.ordinal 
_pdbx_audit_revision_group.revision_ordinal 
_pdbx_audit_revision_group.data_content_type 
_pdbx_audit_revision_group.group 
1  2 'Structure model' 'Database references'       
2  2 'Structure model' 'Derived calculations'      
3  2 'Structure model' 'Non-polymer description'   
4  2 'Structure model' Other                       
5  2 'Structure model' 'Structure summary'         
6  2 'Structure model' 'Version format compliance' 
7  3 'Structure model' 'Database references'       
8  4 'Structure model' 'Source and taxonomy'       
9  5 'Structure model' 'Data collection'           
10 5 'Structure model' 'Experimental preparation'  
11 6 'Structure model' 'Data collection'           
12 6 'Structure model' 'Database references'       
13 6 'Structure model' 'Derived calculations'      
14 6 'Structure model' Other                       
15 6 'Structure model' 'Refinement description'    
# 
loop_
_pdbx_audit_revision_category.ordinal 
_pdbx_audit_revision_category.revision_ordinal 
_pdbx_audit_revision_category.data_content_type 
_pdbx_audit_revision_category.category 
1 5 'Structure model' exptl_crystal_grow            
2 6 'Structure model' chem_comp_atom                
3 6 'Structure model' chem_comp_bond                
4 6 'Structure model' database_2                    
5 6 'Structure model' pdbx_database_status          
6 6 'Structure model' pdbx_initial_refinement_model 
7 6 'Structure model' struct_site                   
# 
loop_
_pdbx_audit_revision_item.ordinal 
_pdbx_audit_revision_item.revision_ordinal 
_pdbx_audit_revision_item.data_content_type 
_pdbx_audit_revision_item.item 
1 5 'Structure model' '_exptl_crystal_grow.method'           
2 6 'Structure model' '_database_2.pdbx_DOI'                 
3 6 'Structure model' '_database_2.pdbx_database_accession'  
4 6 'Structure model' '_pdbx_database_status.status_code_sf' 
5 6 'Structure model' '_struct_site.pdbx_auth_asym_id'       
6 6 'Structure model' '_struct_site.pdbx_auth_comp_id'       
7 6 'Structure model' '_struct_site.pdbx_auth_seq_id'        
# 
loop_
_software.name 
_software.classification 
_software.version 
_software.citation_id 
_software.pdbx_ordinal 
REFMAC refinement       5.2.0019 ? 1 
XDS    'data reduction' .        ? 2 
XSCALE 'data scaling'   .        ? 3 
PHASER phasing          .        ? 4 
# 
_pdbx_entry_details.entry_id                 2VNL 
_pdbx_entry_details.compound_details         'ENGINEERED RESIDUE IN CHAIN A, TYR 109 TO TRP' 
_pdbx_entry_details.source_details           ? 
_pdbx_entry_details.nonpolymer_details       ? 
_pdbx_entry_details.sequence_details         
;MUTATION Y108W
PIIGCN4 COMPRISES RESIDUES 1 TO 31 OF GI5542583, CHIMERA II
(THIS ENTRY) (CORRESPONDING TO 123 TO 152)
;
_pdbx_entry_details.has_ligand_of_interest   ? 
# 
loop_
_pdbx_unobs_or_zero_occ_residues.id 
_pdbx_unobs_or_zero_occ_residues.PDB_model_num 
_pdbx_unobs_or_zero_occ_residues.polymer_flag 
_pdbx_unobs_or_zero_occ_residues.occupancy_flag 
_pdbx_unobs_or_zero_occ_residues.auth_asym_id 
_pdbx_unobs_or_zero_occ_residues.auth_comp_id 
_pdbx_unobs_or_zero_occ_residues.auth_seq_id 
_pdbx_unobs_or_zero_occ_residues.PDB_ins_code 
_pdbx_unobs_or_zero_occ_residues.label_asym_id 
_pdbx_unobs_or_zero_occ_residues.label_comp_id 
_pdbx_unobs_or_zero_occ_residues.label_seq_id 
1 1 Y 1 A THR 2   ? A THR 1   
2 1 Y 1 A ASP 3   ? A ASP 2   
3 1 Y 1 A ILE 4   ? A ILE 3   
4 1 Y 1 A GLU 152 ? A GLU 151 
# 
loop_
_chem_comp_atom.comp_id 
_chem_comp_atom.atom_id 
_chem_comp_atom.type_symbol 
_chem_comp_atom.pdbx_aromatic_flag 
_chem_comp_atom.pdbx_stereo_config 
_chem_comp_atom.pdbx_ordinal 
ALA N    N N N 1   
ALA CA   C N S 2   
ALA C    C N N 3   
ALA O    O N N 4   
ALA CB   C N N 5   
ALA OXT  O N N 6   
ALA H    H N N 7   
ALA H2   H N N 8   
ALA HA   H N N 9   
ALA HB1  H N N 10  
ALA HB2  H N N 11  
ALA HB3  H N N 12  
ALA HXT  H N N 13  
ARG N    N N N 14  
ARG CA   C N S 15  
ARG C    C N N 16  
ARG O    O N N 17  
ARG CB   C N N 18  
ARG CG   C N N 19  
ARG CD   C N N 20  
ARG NE   N N N 21  
ARG CZ   C N N 22  
ARG NH1  N N N 23  
ARG NH2  N N N 24  
ARG OXT  O N N 25  
ARG H    H N N 26  
ARG H2   H N N 27  
ARG HA   H N N 28  
ARG HB2  H N N 29  
ARG HB3  H N N 30  
ARG HG2  H N N 31  
ARG HG3  H N N 32  
ARG HD2  H N N 33  
ARG HD3  H N N 34  
ARG HE   H N N 35  
ARG HH11 H N N 36  
ARG HH12 H N N 37  
ARG HH21 H N N 38  
ARG HH22 H N N 39  
ARG HXT  H N N 40  
ASN N    N N N 41  
ASN CA   C N S 42  
ASN C    C N N 43  
ASN O    O N N 44  
ASN CB   C N N 45  
ASN CG   C N N 46  
ASN OD1  O N N 47  
ASN ND2  N N N 48  
ASN OXT  O N N 49  
ASN H    H N N 50  
ASN H2   H N N 51  
ASN HA   H N N 52  
ASN HB2  H N N 53  
ASN HB3  H N N 54  
ASN HD21 H N N 55  
ASN HD22 H N N 56  
ASN HXT  H N N 57  
ASP N    N N N 58  
ASP CA   C N S 59  
ASP C    C N N 60  
ASP O    O N N 61  
ASP CB   C N N 62  
ASP CG   C N N 63  
ASP OD1  O N N 64  
ASP OD2  O N N 65  
ASP OXT  O N N 66  
ASP H    H N N 67  
ASP H2   H N N 68  
ASP HA   H N N 69  
ASP HB2  H N N 70  
ASP HB3  H N N 71  
ASP HD2  H N N 72  
ASP HXT  H N N 73  
GLN N    N N N 74  
GLN CA   C N S 75  
GLN C    C N N 76  
GLN O    O N N 77  
GLN CB   C N N 78  
GLN CG   C N N 79  
GLN CD   C N N 80  
GLN OE1  O N N 81  
GLN NE2  N N N 82  
GLN OXT  O N N 83  
GLN H    H N N 84  
GLN H2   H N N 85  
GLN HA   H N N 86  
GLN HB2  H N N 87  
GLN HB3  H N N 88  
GLN HG2  H N N 89  
GLN HG3  H N N 90  
GLN HE21 H N N 91  
GLN HE22 H N N 92  
GLN HXT  H N N 93  
GLU N    N N N 94  
GLU CA   C N S 95  
GLU C    C N N 96  
GLU O    O N N 97  
GLU CB   C N N 98  
GLU CG   C N N 99  
GLU CD   C N N 100 
GLU OE1  O N N 101 
GLU OE2  O N N 102 
GLU OXT  O N N 103 
GLU H    H N N 104 
GLU H2   H N N 105 
GLU HA   H N N 106 
GLU HB2  H N N 107 
GLU HB3  H N N 108 
GLU HG2  H N N 109 
GLU HG3  H N N 110 
GLU HE2  H N N 111 
GLU HXT  H N N 112 
GLY N    N N N 113 
GLY CA   C N N 114 
GLY C    C N N 115 
GLY O    O N N 116 
GLY OXT  O N N 117 
GLY H    H N N 118 
GLY H2   H N N 119 
GLY HA2  H N N 120 
GLY HA3  H N N 121 
GLY HXT  H N N 122 
GOL C1   C N N 123 
GOL O1   O N N 124 
GOL C2   C N N 125 
GOL O2   O N N 126 
GOL C3   C N N 127 
GOL O3   O N N 128 
GOL H11  H N N 129 
GOL H12  H N N 130 
GOL HO1  H N N 131 
GOL H2   H N N 132 
GOL HO2  H N N 133 
GOL H31  H N N 134 
GOL H32  H N N 135 
GOL HO3  H N N 136 
HIS N    N N N 137 
HIS CA   C N S 138 
HIS C    C N N 139 
HIS O    O N N 140 
HIS CB   C N N 141 
HIS CG   C Y N 142 
HIS ND1  N Y N 143 
HIS CD2  C Y N 144 
HIS CE1  C Y N 145 
HIS NE2  N Y N 146 
HIS OXT  O N N 147 
HIS H    H N N 148 
HIS H2   H N N 149 
HIS HA   H N N 150 
HIS HB2  H N N 151 
HIS HB3  H N N 152 
HIS HD1  H N N 153 
HIS HD2  H N N 154 
HIS HE1  H N N 155 
HIS HE2  H N N 156 
HIS HXT  H N N 157 
HOH O    O N N 158 
HOH H1   H N N 159 
HOH H2   H N N 160 
ILE N    N N N 161 
ILE CA   C N S 162 
ILE C    C N N 163 
ILE O    O N N 164 
ILE CB   C N S 165 
ILE CG1  C N N 166 
ILE CG2  C N N 167 
ILE CD1  C N N 168 
ILE OXT  O N N 169 
ILE H    H N N 170 
ILE H2   H N N 171 
ILE HA   H N N 172 
ILE HB   H N N 173 
ILE HG12 H N N 174 
ILE HG13 H N N 175 
ILE HG21 H N N 176 
ILE HG22 H N N 177 
ILE HG23 H N N 178 
ILE HD11 H N N 179 
ILE HD12 H N N 180 
ILE HD13 H N N 181 
ILE HXT  H N N 182 
LEU N    N N N 183 
LEU CA   C N S 184 
LEU C    C N N 185 
LEU O    O N N 186 
LEU CB   C N N 187 
LEU CG   C N N 188 
LEU CD1  C N N 189 
LEU CD2  C N N 190 
LEU OXT  O N N 191 
LEU H    H N N 192 
LEU H2   H N N 193 
LEU HA   H N N 194 
LEU HB2  H N N 195 
LEU HB3  H N N 196 
LEU HG   H N N 197 
LEU HD11 H N N 198 
LEU HD12 H N N 199 
LEU HD13 H N N 200 
LEU HD21 H N N 201 
LEU HD22 H N N 202 
LEU HD23 H N N 203 
LEU HXT  H N N 204 
LYS N    N N N 205 
LYS CA   C N S 206 
LYS C    C N N 207 
LYS O    O N N 208 
LYS CB   C N N 209 
LYS CG   C N N 210 
LYS CD   C N N 211 
LYS CE   C N N 212 
LYS NZ   N N N 213 
LYS OXT  O N N 214 
LYS H    H N N 215 
LYS H2   H N N 216 
LYS HA   H N N 217 
LYS HB2  H N N 218 
LYS HB3  H N N 219 
LYS HG2  H N N 220 
LYS HG3  H N N 221 
LYS HD2  H N N 222 
LYS HD3  H N N 223 
LYS HE2  H N N 224 
LYS HE3  H N N 225 
LYS HZ1  H N N 226 
LYS HZ2  H N N 227 
LYS HZ3  H N N 228 
LYS HXT  H N N 229 
MET N    N N N 230 
MET CA   C N S 231 
MET C    C N N 232 
MET O    O N N 233 
MET CB   C N N 234 
MET CG   C N N 235 
MET SD   S N N 236 
MET CE   C N N 237 
MET OXT  O N N 238 
MET H    H N N 239 
MET H2   H N N 240 
MET HA   H N N 241 
MET HB2  H N N 242 
MET HB3  H N N 243 
MET HG2  H N N 244 
MET HG3  H N N 245 
MET HE1  H N N 246 
MET HE2  H N N 247 
MET HE3  H N N 248 
MET HXT  H N N 249 
PHE N    N N N 250 
PHE CA   C N S 251 
PHE C    C N N 252 
PHE O    O N N 253 
PHE CB   C N N 254 
PHE CG   C Y N 255 
PHE CD1  C Y N 256 
PHE CD2  C Y N 257 
PHE CE1  C Y N 258 
PHE CE2  C Y N 259 
PHE CZ   C Y N 260 
PHE OXT  O N N 261 
PHE H    H N N 262 
PHE H2   H N N 263 
PHE HA   H N N 264 
PHE HB2  H N N 265 
PHE HB3  H N N 266 
PHE HD1  H N N 267 
PHE HD2  H N N 268 
PHE HE1  H N N 269 
PHE HE2  H N N 270 
PHE HZ   H N N 271 
PHE HXT  H N N 272 
PRO N    N N N 273 
PRO CA   C N S 274 
PRO C    C N N 275 
PRO O    O N N 276 
PRO CB   C N N 277 
PRO CG   C N N 278 
PRO CD   C N N 279 
PRO OXT  O N N 280 
PRO H    H N N 281 
PRO HA   H N N 282 
PRO HB2  H N N 283 
PRO HB3  H N N 284 
PRO HG2  H N N 285 
PRO HG3  H N N 286 
PRO HD2  H N N 287 
PRO HD3  H N N 288 
PRO HXT  H N N 289 
SER N    N N N 290 
SER CA   C N S 291 
SER C    C N N 292 
SER O    O N N 293 
SER CB   C N N 294 
SER OG   O N N 295 
SER OXT  O N N 296 
SER H    H N N 297 
SER H2   H N N 298 
SER HA   H N N 299 
SER HB2  H N N 300 
SER HB3  H N N 301 
SER HG   H N N 302 
SER HXT  H N N 303 
THR N    N N N 304 
THR CA   C N S 305 
THR C    C N N 306 
THR O    O N N 307 
THR CB   C N R 308 
THR OG1  O N N 309 
THR CG2  C N N 310 
THR OXT  O N N 311 
THR H    H N N 312 
THR H2   H N N 313 
THR HA   H N N 314 
THR HB   H N N 315 
THR HG1  H N N 316 
THR HG21 H N N 317 
THR HG22 H N N 318 
THR HG23 H N N 319 
THR HXT  H N N 320 
TRP N    N N N 321 
TRP CA   C N S 322 
TRP C    C N N 323 
TRP O    O N N 324 
TRP CB   C N N 325 
TRP CG   C Y N 326 
TRP CD1  C Y N 327 
TRP CD2  C Y N 328 
TRP NE1  N Y N 329 
TRP CE2  C Y N 330 
TRP CE3  C Y N 331 
TRP CZ2  C Y N 332 
TRP CZ3  C Y N 333 
TRP CH2  C Y N 334 
TRP OXT  O N N 335 
TRP H    H N N 336 
TRP H2   H N N 337 
TRP HA   H N N 338 
TRP HB2  H N N 339 
TRP HB3  H N N 340 
TRP HD1  H N N 341 
TRP HE1  H N N 342 
TRP HE3  H N N 343 
TRP HZ2  H N N 344 
TRP HZ3  H N N 345 
TRP HH2  H N N 346 
TRP HXT  H N N 347 
TYR N    N N N 348 
TYR CA   C N S 349 
TYR C    C N N 350 
TYR O    O N N 351 
TYR CB   C N N 352 
TYR CG   C Y N 353 
TYR CD1  C Y N 354 
TYR CD2  C Y N 355 
TYR CE1  C Y N 356 
TYR CE2  C Y N 357 
TYR CZ   C Y N 358 
TYR OH   O N N 359 
TYR OXT  O N N 360 
TYR H    H N N 361 
TYR H2   H N N 362 
TYR HA   H N N 363 
TYR HB2  H N N 364 
TYR HB3  H N N 365 
TYR HD1  H N N 366 
TYR HD2  H N N 367 
TYR HE1  H N N 368 
TYR HE2  H N N 369 
TYR HH   H N N 370 
TYR HXT  H N N 371 
VAL N    N N N 372 
VAL CA   C N S 373 
VAL C    C N N 374 
VAL O    O N N 375 
VAL CB   C N N 376 
VAL CG1  C N N 377 
VAL CG2  C N N 378 
VAL OXT  O N N 379 
VAL H    H N N 380 
VAL H2   H N N 381 
VAL HA   H N N 382 
VAL HB   H N N 383 
VAL HG11 H N N 384 
VAL HG12 H N N 385 
VAL HG13 H N N 386 
VAL HG21 H N N 387 
VAL HG22 H N N 388 
VAL HG23 H N N 389 
VAL HXT  H N N 390 
# 
loop_
_chem_comp_bond.comp_id 
_chem_comp_bond.atom_id_1 
_chem_comp_bond.atom_id_2 
_chem_comp_bond.value_order 
_chem_comp_bond.pdbx_aromatic_flag 
_chem_comp_bond.pdbx_stereo_config 
_chem_comp_bond.pdbx_ordinal 
ALA N   CA   sing N N 1   
ALA N   H    sing N N 2   
ALA N   H2   sing N N 3   
ALA CA  C    sing N N 4   
ALA CA  CB   sing N N 5   
ALA CA  HA   sing N N 6   
ALA C   O    doub N N 7   
ALA C   OXT  sing N N 8   
ALA CB  HB1  sing N N 9   
ALA CB  HB2  sing N N 10  
ALA CB  HB3  sing N N 11  
ALA OXT HXT  sing N N 12  
ARG N   CA   sing N N 13  
ARG N   H    sing N N 14  
ARG N   H2   sing N N 15  
ARG CA  C    sing N N 16  
ARG CA  CB   sing N N 17  
ARG CA  HA   sing N N 18  
ARG C   O    doub N N 19  
ARG C   OXT  sing N N 20  
ARG CB  CG   sing N N 21  
ARG CB  HB2  sing N N 22  
ARG CB  HB3  sing N N 23  
ARG CG  CD   sing N N 24  
ARG CG  HG2  sing N N 25  
ARG CG  HG3  sing N N 26  
ARG CD  NE   sing N N 27  
ARG CD  HD2  sing N N 28  
ARG CD  HD3  sing N N 29  
ARG NE  CZ   sing N N 30  
ARG NE  HE   sing N N 31  
ARG CZ  NH1  sing N N 32  
ARG CZ  NH2  doub N N 33  
ARG NH1 HH11 sing N N 34  
ARG NH1 HH12 sing N N 35  
ARG NH2 HH21 sing N N 36  
ARG NH2 HH22 sing N N 37  
ARG OXT HXT  sing N N 38  
ASN N   CA   sing N N 39  
ASN N   H    sing N N 40  
ASN N   H2   sing N N 41  
ASN CA  C    sing N N 42  
ASN CA  CB   sing N N 43  
ASN CA  HA   sing N N 44  
ASN C   O    doub N N 45  
ASN C   OXT  sing N N 46  
ASN CB  CG   sing N N 47  
ASN CB  HB2  sing N N 48  
ASN CB  HB3  sing N N 49  
ASN CG  OD1  doub N N 50  
ASN CG  ND2  sing N N 51  
ASN ND2 HD21 sing N N 52  
ASN ND2 HD22 sing N N 53  
ASN OXT HXT  sing N N 54  
ASP N   CA   sing N N 55  
ASP N   H    sing N N 56  
ASP N   H2   sing N N 57  
ASP CA  C    sing N N 58  
ASP CA  CB   sing N N 59  
ASP CA  HA   sing N N 60  
ASP C   O    doub N N 61  
ASP C   OXT  sing N N 62  
ASP CB  CG   sing N N 63  
ASP CB  HB2  sing N N 64  
ASP CB  HB3  sing N N 65  
ASP CG  OD1  doub N N 66  
ASP CG  OD2  sing N N 67  
ASP OD2 HD2  sing N N 68  
ASP OXT HXT  sing N N 69  
GLN N   CA   sing N N 70  
GLN N   H    sing N N 71  
GLN N   H2   sing N N 72  
GLN CA  C    sing N N 73  
GLN CA  CB   sing N N 74  
GLN CA  HA   sing N N 75  
GLN C   O    doub N N 76  
GLN C   OXT  sing N N 77  
GLN CB  CG   sing N N 78  
GLN CB  HB2  sing N N 79  
GLN CB  HB3  sing N N 80  
GLN CG  CD   sing N N 81  
GLN CG  HG2  sing N N 82  
GLN CG  HG3  sing N N 83  
GLN CD  OE1  doub N N 84  
GLN CD  NE2  sing N N 85  
GLN NE2 HE21 sing N N 86  
GLN NE2 HE22 sing N N 87  
GLN OXT HXT  sing N N 88  
GLU N   CA   sing N N 89  
GLU N   H    sing N N 90  
GLU N   H2   sing N N 91  
GLU CA  C    sing N N 92  
GLU CA  CB   sing N N 93  
GLU CA  HA   sing N N 94  
GLU C   O    doub N N 95  
GLU C   OXT  sing N N 96  
GLU CB  CG   sing N N 97  
GLU CB  HB2  sing N N 98  
GLU CB  HB3  sing N N 99  
GLU CG  CD   sing N N 100 
GLU CG  HG2  sing N N 101 
GLU CG  HG3  sing N N 102 
GLU CD  OE1  doub N N 103 
GLU CD  OE2  sing N N 104 
GLU OE2 HE2  sing N N 105 
GLU OXT HXT  sing N N 106 
GLY N   CA   sing N N 107 
GLY N   H    sing N N 108 
GLY N   H2   sing N N 109 
GLY CA  C    sing N N 110 
GLY CA  HA2  sing N N 111 
GLY CA  HA3  sing N N 112 
GLY C   O    doub N N 113 
GLY C   OXT  sing N N 114 
GLY OXT HXT  sing N N 115 
GOL C1  O1   sing N N 116 
GOL C1  C2   sing N N 117 
GOL C1  H11  sing N N 118 
GOL C1  H12  sing N N 119 
GOL O1  HO1  sing N N 120 
GOL C2  O2   sing N N 121 
GOL C2  C3   sing N N 122 
GOL C2  H2   sing N N 123 
GOL O2  HO2  sing N N 124 
GOL C3  O3   sing N N 125 
GOL C3  H31  sing N N 126 
GOL C3  H32  sing N N 127 
GOL O3  HO3  sing N N 128 
HIS N   CA   sing N N 129 
HIS N   H    sing N N 130 
HIS N   H2   sing N N 131 
HIS CA  C    sing N N 132 
HIS CA  CB   sing N N 133 
HIS CA  HA   sing N N 134 
HIS C   O    doub N N 135 
HIS C   OXT  sing N N 136 
HIS CB  CG   sing N N 137 
HIS CB  HB2  sing N N 138 
HIS CB  HB3  sing N N 139 
HIS CG  ND1  sing Y N 140 
HIS CG  CD2  doub Y N 141 
HIS ND1 CE1  doub Y N 142 
HIS ND1 HD1  sing N N 143 
HIS CD2 NE2  sing Y N 144 
HIS CD2 HD2  sing N N 145 
HIS CE1 NE2  sing Y N 146 
HIS CE1 HE1  sing N N 147 
HIS NE2 HE2  sing N N 148 
HIS OXT HXT  sing N N 149 
HOH O   H1   sing N N 150 
HOH O   H2   sing N N 151 
ILE N   CA   sing N N 152 
ILE N   H    sing N N 153 
ILE N   H2   sing N N 154 
ILE CA  C    sing N N 155 
ILE CA  CB   sing N N 156 
ILE CA  HA   sing N N 157 
ILE C   O    doub N N 158 
ILE C   OXT  sing N N 159 
ILE CB  CG1  sing N N 160 
ILE CB  CG2  sing N N 161 
ILE CB  HB   sing N N 162 
ILE CG1 CD1  sing N N 163 
ILE CG1 HG12 sing N N 164 
ILE CG1 HG13 sing N N 165 
ILE CG2 HG21 sing N N 166 
ILE CG2 HG22 sing N N 167 
ILE CG2 HG23 sing N N 168 
ILE CD1 HD11 sing N N 169 
ILE CD1 HD12 sing N N 170 
ILE CD1 HD13 sing N N 171 
ILE OXT HXT  sing N N 172 
LEU N   CA   sing N N 173 
LEU N   H    sing N N 174 
LEU N   H2   sing N N 175 
LEU CA  C    sing N N 176 
LEU CA  CB   sing N N 177 
LEU CA  HA   sing N N 178 
LEU C   O    doub N N 179 
LEU C   OXT  sing N N 180 
LEU CB  CG   sing N N 181 
LEU CB  HB2  sing N N 182 
LEU CB  HB3  sing N N 183 
LEU CG  CD1  sing N N 184 
LEU CG  CD2  sing N N 185 
LEU CG  HG   sing N N 186 
LEU CD1 HD11 sing N N 187 
LEU CD1 HD12 sing N N 188 
LEU CD1 HD13 sing N N 189 
LEU CD2 HD21 sing N N 190 
LEU CD2 HD22 sing N N 191 
LEU CD2 HD23 sing N N 192 
LEU OXT HXT  sing N N 193 
LYS N   CA   sing N N 194 
LYS N   H    sing N N 195 
LYS N   H2   sing N N 196 
LYS CA  C    sing N N 197 
LYS CA  CB   sing N N 198 
LYS CA  HA   sing N N 199 
LYS C   O    doub N N 200 
LYS C   OXT  sing N N 201 
LYS CB  CG   sing N N 202 
LYS CB  HB2  sing N N 203 
LYS CB  HB3  sing N N 204 
LYS CG  CD   sing N N 205 
LYS CG  HG2  sing N N 206 
LYS CG  HG3  sing N N 207 
LYS CD  CE   sing N N 208 
LYS CD  HD2  sing N N 209 
LYS CD  HD3  sing N N 210 
LYS CE  NZ   sing N N 211 
LYS CE  HE2  sing N N 212 
LYS CE  HE3  sing N N 213 
LYS NZ  HZ1  sing N N 214 
LYS NZ  HZ2  sing N N 215 
LYS NZ  HZ3  sing N N 216 
LYS OXT HXT  sing N N 217 
MET N   CA   sing N N 218 
MET N   H    sing N N 219 
MET N   H2   sing N N 220 
MET CA  C    sing N N 221 
MET CA  CB   sing N N 222 
MET CA  HA   sing N N 223 
MET C   O    doub N N 224 
MET C   OXT  sing N N 225 
MET CB  CG   sing N N 226 
MET CB  HB2  sing N N 227 
MET CB  HB3  sing N N 228 
MET CG  SD   sing N N 229 
MET CG  HG2  sing N N 230 
MET CG  HG3  sing N N 231 
MET SD  CE   sing N N 232 
MET CE  HE1  sing N N 233 
MET CE  HE2  sing N N 234 
MET CE  HE3  sing N N 235 
MET OXT HXT  sing N N 236 
PHE N   CA   sing N N 237 
PHE N   H    sing N N 238 
PHE N   H2   sing N N 239 
PHE CA  C    sing N N 240 
PHE CA  CB   sing N N 241 
PHE CA  HA   sing N N 242 
PHE C   O    doub N N 243 
PHE C   OXT  sing N N 244 
PHE CB  CG   sing N N 245 
PHE CB  HB2  sing N N 246 
PHE CB  HB3  sing N N 247 
PHE CG  CD1  doub Y N 248 
PHE CG  CD2  sing Y N 249 
PHE CD1 CE1  sing Y N 250 
PHE CD1 HD1  sing N N 251 
PHE CD2 CE2  doub Y N 252 
PHE CD2 HD2  sing N N 253 
PHE CE1 CZ   doub Y N 254 
PHE CE1 HE1  sing N N 255 
PHE CE2 CZ   sing Y N 256 
PHE CE2 HE2  sing N N 257 
PHE CZ  HZ   sing N N 258 
PHE OXT HXT  sing N N 259 
PRO N   CA   sing N N 260 
PRO N   CD   sing N N 261 
PRO N   H    sing N N 262 
PRO CA  C    sing N N 263 
PRO CA  CB   sing N N 264 
PRO CA  HA   sing N N 265 
PRO C   O    doub N N 266 
PRO C   OXT  sing N N 267 
PRO CB  CG   sing N N 268 
PRO CB  HB2  sing N N 269 
PRO CB  HB3  sing N N 270 
PRO CG  CD   sing N N 271 
PRO CG  HG2  sing N N 272 
PRO CG  HG3  sing N N 273 
PRO CD  HD2  sing N N 274 
PRO CD  HD3  sing N N 275 
PRO OXT HXT  sing N N 276 
SER N   CA   sing N N 277 
SER N   H    sing N N 278 
SER N   H2   sing N N 279 
SER CA  C    sing N N 280 
SER CA  CB   sing N N 281 
SER CA  HA   sing N N 282 
SER C   O    doub N N 283 
SER C   OXT  sing N N 284 
SER CB  OG   sing N N 285 
SER CB  HB2  sing N N 286 
SER CB  HB3  sing N N 287 
SER OG  HG   sing N N 288 
SER OXT HXT  sing N N 289 
THR N   CA   sing N N 290 
THR N   H    sing N N 291 
THR N   H2   sing N N 292 
THR CA  C    sing N N 293 
THR CA  CB   sing N N 294 
THR CA  HA   sing N N 295 
THR C   O    doub N N 296 
THR C   OXT  sing N N 297 
THR CB  OG1  sing N N 298 
THR CB  CG2  sing N N 299 
THR CB  HB   sing N N 300 
THR OG1 HG1  sing N N 301 
THR CG2 HG21 sing N N 302 
THR CG2 HG22 sing N N 303 
THR CG2 HG23 sing N N 304 
THR OXT HXT  sing N N 305 
TRP N   CA   sing N N 306 
TRP N   H    sing N N 307 
TRP N   H2   sing N N 308 
TRP CA  C    sing N N 309 
TRP CA  CB   sing N N 310 
TRP CA  HA   sing N N 311 
TRP C   O    doub N N 312 
TRP C   OXT  sing N N 313 
TRP CB  CG   sing N N 314 
TRP CB  HB2  sing N N 315 
TRP CB  HB3  sing N N 316 
TRP CG  CD1  doub Y N 317 
TRP CG  CD2  sing Y N 318 
TRP CD1 NE1  sing Y N 319 
TRP CD1 HD1  sing N N 320 
TRP CD2 CE2  doub Y N 321 
TRP CD2 CE3  sing Y N 322 
TRP NE1 CE2  sing Y N 323 
TRP NE1 HE1  sing N N 324 
TRP CE2 CZ2  sing Y N 325 
TRP CE3 CZ3  doub Y N 326 
TRP CE3 HE3  sing N N 327 
TRP CZ2 CH2  doub Y N 328 
TRP CZ2 HZ2  sing N N 329 
TRP CZ3 CH2  sing Y N 330 
TRP CZ3 HZ3  sing N N 331 
TRP CH2 HH2  sing N N 332 
TRP OXT HXT  sing N N 333 
TYR N   CA   sing N N 334 
TYR N   H    sing N N 335 
TYR N   H2   sing N N 336 
TYR CA  C    sing N N 337 
TYR CA  CB   sing N N 338 
TYR CA  HA   sing N N 339 
TYR C   O    doub N N 340 
TYR C   OXT  sing N N 341 
TYR CB  CG   sing N N 342 
TYR CB  HB2  sing N N 343 
TYR CB  HB3  sing N N 344 
TYR CG  CD1  doub Y N 345 
TYR CG  CD2  sing Y N 346 
TYR CD1 CE1  sing Y N 347 
TYR CD1 HD1  sing N N 348 
TYR CD2 CE2  doub Y N 349 
TYR CD2 HD2  sing N N 350 
TYR CE1 CZ   doub Y N 351 
TYR CE1 HE1  sing N N 352 
TYR CE2 CZ   sing Y N 353 
TYR CE2 HE2  sing N N 354 
TYR CZ  OH   sing N N 355 
TYR OH  HH   sing N N 356 
TYR OXT HXT  sing N N 357 
VAL N   CA   sing N N 358 
VAL N   H    sing N N 359 
VAL N   H2   sing N N 360 
VAL CA  C    sing N N 361 
VAL CA  CB   sing N N 362 
VAL CA  HA   sing N N 363 
VAL C   O    doub N N 364 
VAL C   OXT  sing N N 365 
VAL CB  CG1  sing N N 366 
VAL CB  CG2  sing N N 367 
VAL CB  HB   sing N N 368 
VAL CG1 HG11 sing N N 369 
VAL CG1 HG12 sing N N 370 
VAL CG1 HG13 sing N N 371 
VAL CG2 HG21 sing N N 372 
VAL CG2 HG22 sing N N 373 
VAL CG2 HG23 sing N N 374 
VAL OXT HXT  sing N N 375 
# 
loop_
_pdbx_entity_nonpoly.entity_id 
_pdbx_entity_nonpoly.name 
_pdbx_entity_nonpoly.comp_id 
2 GLYCEROL GOL 
3 water    HOH 
# 
loop_
_pdbx_initial_refinement_model.id 
_pdbx_initial_refinement_model.entity_id_list 
_pdbx_initial_refinement_model.type 
_pdbx_initial_refinement_model.source_name 
_pdbx_initial_refinement_model.accession_code 
_pdbx_initial_refinement_model.details 
1 ? 'experimental model' PDB 1LKT 'PDB ENTRIES 1LKT, 1EBO' 
2 ? 'experimental model' PDB 1EBO 'PDB ENTRIES 1LKT, 1EBO' 
# 
